data_9LZ6
#
_entry.id   9LZ6
#
_cell.length_a   192.822
_cell.length_b   64.739
_cell.length_c   158.543
_cell.angle_alpha   90.00
_cell.angle_beta   116.90
_cell.angle_gamma   90.00
#
_symmetry.space_group_name_H-M   'C 1 2 1'
#
loop_
_entity.id
_entity.type
_entity.pdbx_description
1 polymer 'Phenylethylamine oxidase'
2 non-polymer 2-PHENYLETHYLAMINE
3 non-polymer 'SODIUM ION'
4 non-polymer 'COPPER (II) ION'
5 water water
#
_entity_poly.entity_id   1
_entity_poly.type   'polypeptide(L)'
_entity_poly.pdbx_seq_one_letter_code
;ASPFRLASAGEISEVQGILRTAGLLGPEKRIAYLGVLDPARGAGSEAEDRRFRVFIHDVSGARPQEVTVSVTNGTVISAV
ELDTAATGELPVLEEEFEVVEQLLATDERWLKALAARNLDVSKVRVAPLSAGVFEYAEERGRRILRGLAFVQDFPEDSAW
AHPVDGLVAYVDVVSKEVTRVIDTGVFPVPAEHGNYTDPELTGPLRTTQKPISITQPEGPSFTVTGGNHIEWEKWSLDVG
FDVREGVVLHNIAFRDGDRLRPIINRASIAEMVVPYGDPSPIRSWQNYFDTGEYLVGQYANSLELGCDCLGDITYLSPVI
SDAFGNPREIRNGICMHEEDWGILAKHSDLWSGINYTRRNRRMVISFFTTIGN(TYQ)DYGFYWYLYLDGTIEFEAKATG
VVFTSAFPEGGSDNISQLAPGLGAPFHQHIFSARLDMAIDGFTNRVEEEDVVRQTMGPGNERGNAFSRKRTVLTRESEAV
READARTGRTWIISNPESKNRLNEPVGYKLHAHNQPTLLADPGSSIARRAAFATKDLWVTRYADDERYPTGDFVNQHSGG
AGLPSYIAQDRDIDGQDIVVWHTFGLTHFPRVEDWPIMPVDTVGFKLRPEGFFDRSPVLDVPAN
;
_entity_poly.pdbx_strand_id   A,B
#
loop_
_chem_comp.id
_chem_comp.type
_chem_comp.name
_chem_comp.formula
CU non-polymer 'COPPER (II) ION' 'Cu 2'
NA non-polymer 'SODIUM ION' 'Na 1'
PEA non-polymer 2-PHENYLETHYLAMINE 'C8 H12 N 1'
#
# COMPACT_ATOMS: atom_id res chain seq x y z
N ALA A 1 -1.34 -14.65 8.62
CA ALA A 1 -1.81 -15.79 7.84
C ALA A 1 -3.32 -15.73 7.62
N SER A 2 -4.03 -15.01 8.53
CA SER A 2 -5.49 -15.03 8.51
C SER A 2 -6.05 -14.14 7.40
N PRO A 3 -7.04 -14.63 6.65
CA PRO A 3 -7.68 -13.77 5.64
C PRO A 3 -8.50 -12.64 6.24
N PHE A 4 -8.71 -12.62 7.55
CA PHE A 4 -9.50 -11.56 8.19
C PHE A 4 -8.62 -10.52 8.85
N ARG A 5 -7.30 -10.60 8.63
CA ARG A 5 -6.41 -9.60 9.21
C ARG A 5 -6.75 -8.21 8.68
N LEU A 6 -6.36 -7.22 9.48
CA LEU A 6 -6.52 -5.82 9.08
C LEU A 6 -5.69 -5.54 7.83
N ALA A 7 -6.18 -4.63 7.00
CA ALA A 7 -5.38 -4.11 5.90
C ALA A 7 -4.13 -3.43 6.45
N SER A 8 -3.00 -3.63 5.77
CA SER A 8 -1.74 -2.98 6.14
C SER A 8 -1.43 -1.82 5.21
N ALA A 9 -0.47 -0.98 5.63
CA ALA A 9 -0.04 0.12 4.78
C ALA A 9 0.51 -0.42 3.46
N GLY A 10 1.22 -1.53 3.51
CA GLY A 10 1.76 -2.11 2.29
C GLY A 10 0.68 -2.55 1.32
N GLU A 11 -0.39 -3.18 1.82
CA GLU A 11 -1.50 -3.54 0.94
C GLU A 11 -2.14 -2.32 0.29
N ILE A 12 -2.29 -1.24 1.04
CA ILE A 12 -2.93 -0.05 0.49
CA ILE A 12 -2.94 -0.07 0.47
C ILE A 12 -2.03 0.58 -0.57
N SER A 13 -0.73 0.64 -0.30
CA SER A 13 0.21 1.11 -1.31
C SER A 13 0.19 0.23 -2.55
N GLU A 14 0.02 -1.09 -2.38
CA GLU A 14 -0.03 -1.95 -3.56
C GLU A 14 -1.31 -1.70 -4.35
N VAL A 15 -2.44 -1.47 -3.68
CA VAL A 15 -3.66 -1.10 -4.38
C VAL A 15 -3.43 0.17 -5.18
N GLN A 16 -2.80 1.16 -4.55
CA GLN A 16 -2.53 2.42 -5.25
C GLN A 16 -1.66 2.16 -6.48
N GLY A 17 -0.66 1.29 -6.36
CA GLY A 17 0.20 0.99 -7.50
C GLY A 17 -0.52 0.27 -8.61
N ILE A 18 -1.34 -0.72 -8.27
CA ILE A 18 -2.11 -1.47 -9.26
C ILE A 18 -3.03 -0.54 -10.05
N LEU A 19 -3.75 0.33 -9.34
CA LEU A 19 -4.65 1.28 -10.01
C LEU A 19 -3.88 2.25 -10.87
N ARG A 20 -2.74 2.75 -10.38
CA ARG A 20 -1.93 3.65 -11.18
C ARG A 20 -1.49 2.97 -12.47
N THR A 21 -0.91 1.77 -12.36
CA THR A 21 -0.38 1.04 -13.52
CA THR A 21 -0.38 1.08 -13.54
C THR A 21 -1.48 0.71 -14.51
N ALA A 22 -2.70 0.49 -14.02
CA ALA A 22 -3.84 0.15 -14.88
C ALA A 22 -4.47 1.38 -15.54
N GLY A 23 -3.98 2.58 -15.24
CA GLY A 23 -4.55 3.77 -15.82
C GLY A 23 -5.78 4.29 -15.11
N LEU A 24 -6.08 3.80 -13.90
CA LEU A 24 -7.33 4.13 -13.22
C LEU A 24 -7.17 5.17 -12.13
N LEU A 25 -5.96 5.65 -11.84
CA LEU A 25 -5.73 6.60 -10.74
C LEU A 25 -4.81 7.75 -11.16
N GLY A 26 -5.18 8.45 -12.24
CA GLY A 26 -4.45 9.64 -12.65
C GLY A 26 -4.70 10.80 -11.69
N PRO A 27 -4.16 11.99 -12.01
CA PRO A 27 -4.25 13.11 -11.05
C PRO A 27 -5.65 13.69 -10.88
N GLU A 28 -6.59 13.40 -11.77
CA GLU A 28 -7.94 13.92 -11.62
C GLU A 28 -8.84 12.96 -10.85
N LYS A 29 -8.32 11.80 -10.41
CA LYS A 29 -9.08 10.78 -9.71
C LYS A 29 -8.93 10.95 -8.19
N ARG A 30 -9.98 10.56 -7.47
CA ARG A 30 -9.98 10.56 -6.01
C ARG A 30 -10.63 9.28 -5.53
N ILE A 31 -10.06 8.68 -4.49
CA ILE A 31 -10.63 7.47 -3.91
C ILE A 31 -11.65 7.93 -2.88
N ALA A 32 -12.93 7.64 -3.14
CA ALA A 32 -14.00 7.98 -2.21
C ALA A 32 -14.27 6.88 -1.20
N TYR A 33 -13.91 5.63 -1.51
CA TYR A 33 -14.04 4.50 -0.59
C TYR A 33 -13.02 3.45 -0.98
N LEU A 34 -12.37 2.85 0.02
CA LEU A 34 -11.48 1.72 -0.21
C LEU A 34 -11.62 0.77 0.97
N GLY A 35 -11.85 -0.51 0.69
CA GLY A 35 -12.02 -1.47 1.77
C GLY A 35 -11.74 -2.88 1.30
N VAL A 36 -11.25 -3.69 2.23
CA VAL A 36 -11.02 -5.09 1.90
C VAL A 36 -12.37 -5.80 1.83
N LEU A 37 -12.45 -6.80 0.96
CA LEU A 37 -13.66 -7.62 0.83
C LEU A 37 -13.49 -8.87 1.67
N ASP A 38 -14.58 -9.30 2.30
CA ASP A 38 -14.54 -10.53 3.06
C ASP A 38 -14.33 -11.71 2.11
N PRO A 39 -13.74 -12.79 2.60
CA PRO A 39 -13.68 -14.02 1.81
C PRO A 39 -15.07 -14.51 1.45
N ALA A 40 -15.20 -15.09 0.26
CA ALA A 40 -16.45 -15.71 -0.14
C ALA A 40 -16.72 -16.98 0.68
N ARG A 41 -17.97 -17.42 0.67
CA ARG A 41 -18.34 -18.65 1.36
C ARG A 41 -17.61 -19.83 0.74
N GLY A 42 -16.63 -20.39 1.46
CA GLY A 42 -15.80 -21.43 0.92
C GLY A 42 -14.34 -21.03 0.79
N ALA A 43 -13.81 -20.40 1.84
CA ALA A 43 -12.40 -20.05 1.92
C ALA A 43 -11.53 -21.21 2.38
N GLY A 44 -12.12 -22.40 2.53
CA GLY A 44 -11.42 -23.63 2.88
C GLY A 44 -10.39 -24.08 1.87
N SER A 45 -10.30 -23.41 0.72
CA SER A 45 -9.24 -23.68 -0.25
C SER A 45 -7.89 -23.14 0.21
N GLU A 46 -7.86 -22.30 1.25
CA GLU A 46 -6.66 -21.68 1.80
C GLU A 46 -5.91 -20.83 0.76
N ALA A 47 -6.40 -20.82 -0.49
CA ALA A 47 -5.84 -19.94 -1.50
C ALA A 47 -6.19 -18.50 -1.15
N GLU A 48 -5.31 -17.82 -0.43
CA GLU A 48 -5.58 -16.47 0.02
C GLU A 48 -5.65 -15.52 -1.17
N ASP A 49 -6.80 -14.87 -1.34
CA ASP A 49 -7.02 -13.83 -2.34
C ASP A 49 -7.50 -12.58 -1.61
N ARG A 50 -6.57 -11.70 -1.26
CA ARG A 50 -6.93 -10.45 -0.60
C ARG A 50 -7.42 -9.49 -1.67
N ARG A 51 -8.73 -9.20 -1.66
CA ARG A 51 -9.35 -8.35 -2.66
C ARG A 51 -9.85 -7.07 -2.01
N PHE A 52 -9.79 -5.98 -2.78
CA PHE A 52 -10.19 -4.67 -2.28
C PHE A 52 -11.21 -4.07 -3.22
N ARG A 53 -12.22 -3.43 -2.66
CA ARG A 53 -13.22 -2.68 -3.42
C ARG A 53 -12.92 -1.20 -3.31
N VAL A 54 -12.99 -0.49 -4.44
CA VAL A 54 -12.62 0.92 -4.52
C VAL A 54 -13.68 1.70 -5.30
N PHE A 55 -14.12 2.84 -4.75
CA PHE A 55 -14.95 3.80 -5.46
C PHE A 55 -14.08 4.97 -5.88
N ILE A 56 -13.98 5.21 -7.18
CA ILE A 56 -13.07 6.22 -7.72
C ILE A 56 -13.92 7.35 -8.30
N HIS A 57 -13.79 8.54 -7.70
CA HIS A 57 -14.39 9.79 -8.11
C HIS A 57 -13.49 10.50 -9.12
N ASP A 58 -14.10 11.23 -10.04
CA ASP A 58 -13.38 11.98 -11.07
C ASP A 58 -13.75 13.45 -10.91
N VAL A 59 -12.77 14.27 -10.53
CA VAL A 59 -13.03 15.69 -10.28
C VAL A 59 -13.23 16.49 -11.57
N SER A 60 -12.90 15.92 -12.73
CA SER A 60 -13.13 16.62 -13.98
C SER A 60 -14.56 16.49 -14.47
N GLY A 61 -15.37 15.64 -13.82
CA GLY A 61 -16.74 15.41 -14.22
C GLY A 61 -16.97 14.14 -14.99
N ALA A 62 -15.94 13.35 -15.27
CA ALA A 62 -16.19 12.07 -15.91
C ALA A 62 -16.94 11.17 -14.93
N ARG A 63 -17.51 10.09 -15.47
CA ARG A 63 -18.30 9.18 -14.65
C ARG A 63 -17.40 8.44 -13.66
N PRO A 64 -17.86 8.21 -12.44
CA PRO A 64 -17.05 7.48 -11.47
C PRO A 64 -17.04 5.98 -11.78
N GLN A 65 -16.22 5.26 -11.03
CA GLN A 65 -15.93 3.87 -11.30
C GLN A 65 -15.96 3.07 -10.01
N GLU A 66 -16.50 1.86 -10.06
CA GLU A 66 -16.32 0.88 -8.99
C GLU A 66 -15.30 -0.14 -9.48
N VAL A 67 -14.22 -0.30 -8.72
CA VAL A 67 -13.12 -1.18 -9.12
C VAL A 67 -12.87 -2.19 -8.01
N THR A 68 -12.67 -3.45 -8.39
CA THR A 68 -12.26 -4.51 -7.49
C THR A 68 -10.85 -4.94 -7.85
N VAL A 69 -9.95 -4.98 -6.86
CA VAL A 69 -8.54 -5.24 -7.08
C VAL A 69 -8.15 -6.48 -6.31
N SER A 70 -7.36 -7.36 -6.93
CA SER A 70 -6.73 -8.46 -6.21
C SER A 70 -5.30 -8.04 -5.87
N VAL A 71 -5.05 -7.78 -4.58
CA VAL A 71 -3.71 -7.39 -4.15
C VAL A 71 -2.76 -8.57 -4.20
N THR A 72 -3.29 -9.79 -4.02
CA THR A 72 -2.44 -10.98 -4.02
C THR A 72 -1.82 -11.22 -5.38
N ASN A 73 -2.62 -11.15 -6.45
CA ASN A 73 -2.15 -11.37 -7.80
C ASN A 73 -1.77 -10.09 -8.54
N GLY A 74 -1.95 -8.92 -7.90
CA GLY A 74 -1.58 -7.67 -8.52
C GLY A 74 -2.38 -7.30 -9.75
N THR A 75 -3.66 -7.66 -9.79
CA THR A 75 -4.49 -7.45 -10.97
C THR A 75 -5.75 -6.68 -10.62
N VAL A 76 -6.28 -5.96 -11.61
CA VAL A 76 -7.64 -5.45 -11.56
C VAL A 76 -8.60 -6.55 -11.98
N ILE A 77 -9.55 -6.86 -11.10
CA ILE A 77 -10.55 -7.90 -11.37
C ILE A 77 -11.68 -7.35 -12.23
N SER A 78 -12.18 -6.16 -11.89
CA SER A 78 -13.31 -5.58 -12.61
C SER A 78 -13.30 -4.08 -12.37
N ALA A 79 -13.84 -3.37 -13.36
CA ALA A 79 -13.94 -1.92 -13.30
C ALA A 79 -15.20 -1.55 -14.06
N VAL A 80 -16.19 -0.98 -13.39
CA VAL A 80 -17.44 -0.62 -14.03
C VAL A 80 -17.63 0.89 -13.89
N GLU A 81 -18.04 1.53 -14.99
CA GLU A 81 -18.49 2.91 -14.93
C GLU A 81 -19.87 2.98 -14.28
N LEU A 82 -20.04 3.95 -13.39
CA LEU A 82 -21.30 4.11 -12.67
C LEU A 82 -22.14 5.20 -13.31
N ASP A 83 -23.44 4.93 -13.43
CA ASP A 83 -24.43 5.93 -13.83
C ASP A 83 -25.08 6.49 -12.56
N THR A 84 -24.51 7.59 -12.03
CA THR A 84 -24.93 8.03 -10.69
C THR A 84 -26.36 8.56 -10.68
N ALA A 85 -26.87 9.00 -11.84
CA ALA A 85 -28.26 9.41 -11.92
C ALA A 85 -29.20 8.24 -11.64
N ALA A 86 -28.77 7.02 -11.94
CA ALA A 86 -29.57 5.84 -11.65
C ALA A 86 -29.25 5.22 -10.28
N THR A 87 -27.98 4.95 -9.99
CA THR A 87 -27.64 4.13 -8.83
C THR A 87 -27.12 4.90 -7.61
N GLY A 88 -27.04 6.23 -7.68
CA GLY A 88 -26.65 7.08 -6.57
C GLY A 88 -25.23 7.62 -6.71
N GLU A 89 -24.95 8.69 -5.99
CA GLU A 89 -23.63 9.30 -6.03
C GLU A 89 -22.68 8.64 -5.03
N LEU A 90 -21.40 8.96 -5.17
CA LEU A 90 -20.36 8.42 -4.29
C LEU A 90 -20.42 9.15 -2.95
N PRO A 91 -19.84 8.56 -1.89
CA PRO A 91 -19.82 9.23 -0.59
C PRO A 91 -19.13 10.60 -0.63
N VAL A 92 -19.52 11.46 0.33
CA VAL A 92 -18.92 12.78 0.44
C VAL A 92 -17.43 12.63 0.67
N LEU A 93 -16.64 13.47 -0.02
CA LEU A 93 -15.19 13.51 0.19
C LEU A 93 -14.84 14.51 1.27
N GLU A 94 -13.85 14.15 2.09
CA GLU A 94 -13.38 15.07 3.12
C GLU A 94 -12.96 16.41 2.52
N GLU A 95 -12.35 16.40 1.33
CA GLU A 95 -11.90 17.65 0.72
C GLU A 95 -13.04 18.51 0.20
N GLU A 96 -14.27 18.00 0.16
CA GLU A 96 -15.42 18.80 -0.24
C GLU A 96 -16.04 19.55 0.94
N PHE A 97 -15.58 19.30 2.17
CA PHE A 97 -16.13 20.02 3.32
C PHE A 97 -15.91 21.52 3.16
N GLU A 98 -14.70 21.92 2.73
CA GLU A 98 -14.36 23.35 2.60
C GLU A 98 -15.09 24.00 1.44
N VAL A 99 -15.35 23.24 0.36
CA VAL A 99 -15.74 23.83 -0.91
C VAL A 99 -17.05 24.59 -0.79
N VAL A 100 -17.96 24.13 0.06
CA VAL A 100 -19.25 24.80 0.21
C VAL A 100 -19.04 26.23 0.68
N GLU A 101 -18.28 26.41 1.77
CA GLU A 101 -18.06 27.74 2.32
C GLU A 101 -17.33 28.64 1.34
N GLN A 102 -16.28 28.12 0.69
CA GLN A 102 -15.45 28.91 -0.21
C GLN A 102 -16.23 29.40 -1.42
N LEU A 103 -17.05 28.55 -2.03
CA LEU A 103 -17.85 28.98 -3.18
C LEU A 103 -18.86 30.04 -2.78
N LEU A 104 -19.52 29.84 -1.65
CA LEU A 104 -20.55 30.78 -1.22
C LEU A 104 -19.96 32.15 -0.91
N ALA A 105 -18.70 32.21 -0.47
CA ALA A 105 -18.13 33.48 -0.04
C ALA A 105 -17.91 34.46 -1.18
N THR A 106 -18.08 34.03 -2.43
CA THR A 106 -17.95 34.92 -3.59
C THR A 106 -19.24 34.98 -4.40
N ASP A 107 -20.35 34.47 -3.87
CA ASP A 107 -21.63 34.53 -4.56
C ASP A 107 -22.37 35.77 -4.12
N GLU A 108 -22.90 36.53 -5.09
N GLU A 108 -22.91 36.51 -5.09
CA GLU A 108 -23.53 37.80 -4.76
CA GLU A 108 -23.53 37.80 -4.78
C GLU A 108 -24.79 37.62 -3.92
C GLU A 108 -24.80 37.64 -3.97
N ARG A 109 -25.57 36.57 -4.20
CA ARG A 109 -26.80 36.37 -3.44
C ARG A 109 -26.50 36.02 -1.99
N TRP A 110 -25.47 35.21 -1.77
CA TRP A 110 -25.05 34.88 -0.40
C TRP A 110 -24.57 36.12 0.33
N LEU A 111 -23.68 36.89 -0.33
CA LEU A 111 -23.15 38.11 0.28
C LEU A 111 -24.26 39.10 0.60
N LYS A 112 -25.30 39.16 -0.24
CA LYS A 112 -26.40 40.08 0.02
C LYS A 112 -27.19 39.65 1.24
N ALA A 113 -27.41 38.34 1.38
CA ALA A 113 -28.10 37.81 2.55
C ALA A 113 -27.32 38.11 3.83
N LEU A 114 -26.00 37.95 3.81
CA LEU A 114 -25.19 38.27 4.98
C LEU A 114 -25.19 39.77 5.27
N ALA A 115 -25.13 40.60 4.22
CA ALA A 115 -25.13 42.04 4.44
C ALA A 115 -26.42 42.50 5.11
N ALA A 116 -27.56 41.92 4.71
CA ALA A 116 -28.84 42.25 5.34
C ALA A 116 -28.85 41.94 6.83
N ARG A 117 -27.98 41.04 7.28
CA ARG A 117 -27.90 40.61 8.66
C ARG A 117 -26.72 41.23 9.38
N ASN A 118 -25.97 42.09 8.69
CA ASN A 118 -24.79 42.73 9.26
C ASN A 118 -23.76 41.70 9.72
N LEU A 119 -23.62 40.63 8.95
CA LEU A 119 -22.67 39.56 9.23
C LEU A 119 -21.43 39.71 8.37
N ASP A 120 -20.26 39.63 9.01
CA ASP A 120 -18.97 39.50 8.35
C ASP A 120 -18.79 38.11 7.71
N VAL A 121 -18.59 38.08 6.39
CA VAL A 121 -18.48 36.82 5.67
C VAL A 121 -17.28 36.02 6.13
N SER A 122 -16.25 36.70 6.66
CA SER A 122 -15.10 35.99 7.17
C SER A 122 -15.39 35.28 8.50
N LYS A 123 -16.53 35.54 9.13
N LYS A 123 -16.53 35.56 9.14
CA LYS A 123 -16.92 34.88 10.37
CA LYS A 123 -16.93 34.87 10.37
C LYS A 123 -18.04 33.87 10.18
C LYS A 123 -17.89 33.72 10.14
N VAL A 124 -18.45 33.59 8.95
CA VAL A 124 -19.56 32.69 8.69
C VAL A 124 -19.02 31.34 8.23
N ARG A 125 -19.16 30.33 9.09
CA ARG A 125 -18.88 28.95 8.73
C ARG A 125 -20.11 28.33 8.08
N VAL A 126 -19.87 27.42 7.13
CA VAL A 126 -20.96 26.77 6.41
C VAL A 126 -20.81 25.25 6.55
N ALA A 127 -21.81 24.60 7.14
CA ALA A 127 -21.77 23.15 7.29
C ALA A 127 -22.04 22.46 5.96
N PRO A 128 -21.23 21.47 5.56
CA PRO A 128 -21.47 20.78 4.29
C PRO A 128 -22.42 19.59 4.44
N LEU A 129 -23.71 19.81 4.20
CA LEU A 129 -24.74 18.85 4.51
C LEU A 129 -25.16 18.08 3.26
N SER A 130 -25.43 16.78 3.43
CA SER A 130 -25.85 15.95 2.31
C SER A 130 -27.21 16.42 1.81
N ALA A 131 -27.44 16.22 0.51
CA ALA A 131 -28.54 16.87 -0.18
C ALA A 131 -29.85 16.09 -0.16
N GLY A 132 -29.78 14.76 -0.16
CA GLY A 132 -30.99 13.99 -0.37
C GLY A 132 -31.55 14.18 -1.78
N VAL A 133 -32.76 13.67 -1.97
CA VAL A 133 -33.46 13.78 -3.25
C VAL A 133 -34.84 14.36 -2.99
N PHE A 134 -35.12 15.52 -3.56
CA PHE A 134 -36.41 16.15 -3.37
C PHE A 134 -36.99 16.60 -4.71
N GLU A 135 -37.41 17.85 -4.82
CA GLU A 135 -38.20 18.30 -5.96
C GLU A 135 -37.39 19.04 -7.02
N TYR A 136 -36.08 19.16 -6.84
CA TYR A 136 -35.23 19.91 -7.76
C TYR A 136 -34.71 18.98 -8.87
N ALA A 137 -35.40 19.01 -10.02
CA ALA A 137 -35.04 18.12 -11.12
C ALA A 137 -33.62 18.36 -11.62
N GLU A 138 -33.13 19.59 -11.50
CA GLU A 138 -31.79 19.94 -11.99
C GLU A 138 -30.68 19.27 -11.21
N GLU A 139 -30.98 18.62 -10.08
CA GLU A 139 -29.94 17.99 -9.28
C GLU A 139 -29.67 16.55 -9.69
N ARG A 140 -30.57 15.92 -10.44
CA ARG A 140 -30.39 14.52 -10.79
C ARG A 140 -29.14 14.35 -11.65
N GLY A 141 -28.21 13.52 -11.18
CA GLY A 141 -26.96 13.31 -11.87
C GLY A 141 -25.85 14.27 -11.50
N ARG A 142 -26.13 15.23 -10.62
CA ARG A 142 -25.12 16.17 -10.16
C ARG A 142 -24.78 15.90 -8.71
N ARG A 143 -23.58 16.28 -8.34
CA ARG A 143 -23.04 16.05 -7.01
C ARG A 143 -23.30 17.33 -6.21
N ILE A 144 -24.32 17.30 -5.35
CA ILE A 144 -24.83 18.48 -4.67
C ILE A 144 -24.56 18.36 -3.18
N LEU A 145 -24.13 19.46 -2.57
CA LEU A 145 -24.17 19.63 -1.12
C LEU A 145 -25.02 20.84 -0.78
N ARG A 146 -25.64 20.81 0.38
CA ARG A 146 -26.41 21.97 0.85
C ARG A 146 -25.68 22.59 2.04
N GLY A 147 -25.82 23.91 2.18
CA GLY A 147 -25.05 24.60 3.20
C GLY A 147 -25.92 25.37 4.16
N LEU A 148 -25.68 25.20 5.46
CA LEU A 148 -26.31 26.00 6.50
C LEU A 148 -25.22 26.73 7.27
N ALA A 149 -25.49 27.97 7.66
CA ALA A 149 -24.45 28.87 8.15
C ALA A 149 -24.52 29.07 9.66
N PHE A 150 -23.33 29.24 10.26
CA PHE A 150 -23.17 29.54 11.68
C PHE A 150 -22.07 30.58 11.84
N VAL A 151 -22.23 31.48 12.81
CA VAL A 151 -21.26 32.53 13.04
C VAL A 151 -20.25 32.09 14.08
N GLN A 152 -18.97 32.27 13.78
CA GLN A 152 -17.87 32.13 14.71
C GLN A 152 -17.39 33.52 15.08
N ASP A 153 -17.61 33.94 16.34
CA ASP A 153 -17.20 35.28 16.75
C ASP A 153 -15.70 35.44 16.77
N PHE A 154 -14.97 34.35 16.99
CA PHE A 154 -13.52 34.33 16.97
C PHE A 154 -13.10 32.89 16.70
N PRO A 155 -11.82 32.64 16.41
CA PRO A 155 -11.45 31.31 15.88
C PRO A 155 -11.68 30.15 16.84
N GLU A 156 -11.70 30.35 18.16
CA GLU A 156 -11.97 29.30 19.13
C GLU A 156 -13.40 29.33 19.66
N ASP A 157 -14.30 30.01 18.97
CA ASP A 157 -15.70 30.10 19.34
C ASP A 157 -16.47 28.89 18.82
N SER A 158 -17.46 28.43 19.59
CA SER A 158 -18.34 27.35 19.14
C SER A 158 -19.40 27.93 18.21
N ALA A 159 -19.26 27.63 16.91
CA ALA A 159 -20.15 28.23 15.91
C ALA A 159 -21.59 27.77 16.10
N TRP A 160 -21.80 26.58 16.66
CA TRP A 160 -23.14 26.01 16.83
C TRP A 160 -24.05 26.89 17.67
N ALA A 161 -23.49 27.73 18.54
CA ALA A 161 -24.33 28.64 19.33
C ALA A 161 -24.92 29.78 18.52
N HIS A 162 -24.46 30.00 17.29
CA HIS A 162 -24.87 31.16 16.50
C HIS A 162 -25.40 30.75 15.12
N PRO A 163 -26.49 29.98 15.06
CA PRO A 163 -27.05 29.61 13.76
C PRO A 163 -27.61 30.84 13.06
N VAL A 164 -27.48 30.85 11.73
CA VAL A 164 -28.07 31.89 10.88
C VAL A 164 -29.31 31.28 10.24
N ASP A 165 -30.48 31.51 10.85
CA ASP A 165 -31.68 30.87 10.33
C ASP A 165 -32.25 31.67 9.17
N GLY A 166 -33.14 31.03 8.43
CA GLY A 166 -33.80 31.65 7.31
C GLY A 166 -33.02 31.63 6.02
N LEU A 167 -31.91 30.90 5.98
CA LEU A 167 -30.95 30.97 4.88
C LEU A 167 -30.39 29.58 4.60
N VAL A 168 -30.35 29.20 3.32
CA VAL A 168 -29.76 27.93 2.93
C VAL A 168 -29.37 28.04 1.46
N ALA A 169 -28.30 27.33 1.09
CA ALA A 169 -27.77 27.39 -0.27
C ALA A 169 -27.48 25.98 -0.75
N TYR A 170 -27.61 25.78 -2.06
CA TYR A 170 -27.28 24.51 -2.70
C TYR A 170 -26.10 24.72 -3.64
N VAL A 171 -25.13 23.82 -3.60
CA VAL A 171 -23.89 23.99 -4.34
CA VAL A 171 -23.86 23.98 -4.31
C VAL A 171 -23.58 22.70 -5.12
N ASP A 172 -23.20 22.88 -6.38
CA ASP A 172 -22.66 21.80 -7.20
C ASP A 172 -21.16 21.79 -6.98
N VAL A 173 -20.66 20.77 -6.28
CA VAL A 173 -19.24 20.77 -5.88
C VAL A 173 -18.31 20.31 -6.99
N VAL A 174 -18.82 19.77 -8.10
CA VAL A 174 -17.93 19.39 -9.20
C VAL A 174 -17.72 20.54 -10.17
N SER A 175 -18.82 21.12 -10.67
CA SER A 175 -18.74 22.28 -11.55
C SER A 175 -18.49 23.58 -10.79
N LYS A 176 -18.48 23.55 -9.45
CA LYS A 176 -18.30 24.74 -8.61
C LYS A 176 -19.26 25.87 -8.97
N GLU A 177 -20.55 25.55 -8.93
CA GLU A 177 -21.62 26.53 -9.08
C GLU A 177 -22.49 26.51 -7.83
N VAL A 178 -22.86 27.71 -7.36
CA VAL A 178 -23.94 27.86 -6.40
C VAL A 178 -25.23 27.81 -7.21
N THR A 179 -26.03 26.76 -7.01
CA THR A 179 -27.21 26.60 -7.85
C THR A 179 -28.40 27.39 -7.33
N ARG A 180 -28.51 27.54 -6.01
CA ARG A 180 -29.62 28.29 -5.44
C ARG A 180 -29.20 28.87 -4.09
N VAL A 181 -29.81 30.01 -3.76
CA VAL A 181 -29.69 30.64 -2.45
C VAL A 181 -31.09 31.04 -2.02
N ILE A 182 -31.53 30.54 -0.89
CA ILE A 182 -32.91 30.72 -0.44
C ILE A 182 -32.89 31.51 0.85
N ASP A 183 -33.62 32.61 0.88
CA ASP A 183 -33.66 33.49 2.05
C ASP A 183 -35.13 33.72 2.37
N THR A 184 -35.62 33.01 3.38
CA THR A 184 -37.02 33.10 3.76
C THR A 184 -37.30 34.22 4.75
N GLY A 185 -36.28 34.90 5.24
CA GLY A 185 -36.46 36.01 6.16
C GLY A 185 -35.36 36.05 7.19
N VAL A 186 -35.27 37.18 7.87
CA VAL A 186 -34.22 37.43 8.85
C VAL A 186 -34.67 36.89 10.21
N PHE A 187 -33.79 36.12 10.85
CA PHE A 187 -33.94 35.75 12.25
C PHE A 187 -32.76 36.31 13.03
N PRO A 188 -32.97 36.76 14.27
CA PRO A 188 -31.82 37.13 15.10
C PRO A 188 -30.87 35.95 15.26
N VAL A 189 -29.57 36.23 15.15
CA VAL A 189 -28.52 35.25 15.41
C VAL A 189 -28.36 35.18 16.93
N PRO A 190 -28.59 34.02 17.56
CA PRO A 190 -28.47 33.94 19.02
C PRO A 190 -27.11 34.42 19.48
N ALA A 191 -27.10 35.19 20.57
CA ALA A 191 -25.93 35.95 20.97
C ALA A 191 -25.10 35.29 22.04
N GLU A 192 -25.72 34.57 22.97
CA GLU A 192 -24.97 33.85 23.99
C GLU A 192 -23.97 32.91 23.36
N HIS A 193 -22.79 32.80 23.96
CA HIS A 193 -21.82 31.85 23.45
C HIS A 193 -22.09 30.46 24.05
N GLY A 194 -21.52 29.44 23.42
CA GLY A 194 -21.64 28.08 23.95
C GLY A 194 -20.30 27.43 24.20
N ASN A 195 -19.37 28.18 24.79
CA ASN A 195 -17.97 27.76 24.87
C ASN A 195 -17.75 27.04 26.19
N TYR A 196 -17.82 25.71 26.17
CA TYR A 196 -17.82 24.91 27.38
C TYR A 196 -16.46 24.83 28.05
N THR A 197 -15.40 25.43 27.48
CA THR A 197 -14.13 25.53 28.20
C THR A 197 -13.89 26.92 28.75
N ASP A 198 -14.83 27.84 28.58
CA ASP A 198 -14.69 29.21 29.07
C ASP A 198 -14.99 29.26 30.56
N PRO A 199 -13.99 29.57 31.40
CA PRO A 199 -14.23 29.57 32.85
C PRO A 199 -15.36 30.49 33.28
N GLU A 200 -15.70 31.50 32.47
CA GLU A 200 -16.87 32.31 32.80
C GLU A 200 -18.16 31.47 32.70
N LEU A 201 -18.20 30.51 31.78
CA LEU A 201 -19.37 29.63 31.66
C LEU A 201 -19.31 28.47 32.65
N THR A 202 -18.14 27.85 32.83
CA THR A 202 -18.08 26.67 33.67
C THR A 202 -18.08 27.01 35.15
N GLY A 203 -17.66 28.22 35.52
CA GLY A 203 -17.33 28.51 36.90
C GLY A 203 -16.05 27.81 37.27
N PRO A 204 -15.68 27.86 38.55
CA PRO A 204 -14.46 27.15 38.97
C PRO A 204 -14.67 25.65 38.92
N LEU A 205 -13.65 24.94 38.46
CA LEU A 205 -13.79 23.50 38.30
C LEU A 205 -13.89 22.83 39.66
N ARG A 206 -14.68 21.75 39.72
CA ARG A 206 -14.77 20.96 40.95
C ARG A 206 -13.40 20.49 41.41
N THR A 207 -13.20 20.49 42.72
CA THR A 207 -12.02 19.89 43.31
C THR A 207 -12.36 18.64 44.11
N THR A 208 -13.61 18.18 44.06
CA THR A 208 -14.10 17.12 44.94
C THR A 208 -13.90 15.71 44.39
N GLN A 209 -13.53 15.54 43.12
CA GLN A 209 -13.41 14.21 42.56
C GLN A 209 -12.05 13.62 42.89
N LYS A 210 -12.04 12.53 43.60
CA LYS A 210 -10.79 11.87 43.88
C LYS A 210 -10.55 10.76 42.86
N PRO A 211 -9.30 10.36 42.62
CA PRO A 211 -9.01 9.41 41.54
C PRO A 211 -9.63 8.03 41.77
N ILE A 212 -9.99 7.41 40.66
CA ILE A 212 -10.33 6.00 40.61
C ILE A 212 -9.25 5.32 39.78
N SER A 213 -8.58 4.35 40.38
CA SER A 213 -7.46 3.67 39.74
C SER A 213 -7.89 2.26 39.38
N ILE A 214 -7.85 1.92 38.09
CA ILE A 214 -8.16 0.59 37.59
C ILE A 214 -6.90 0.05 36.94
N THR A 215 -6.33 -1.00 37.52
CA THR A 215 -5.12 -1.61 36.99
C THR A 215 -5.28 -3.12 36.93
N GLN A 216 -4.44 -3.73 36.09
CA GLN A 216 -4.35 -5.19 36.00
C GLN A 216 -2.89 -5.56 36.27
N PRO A 217 -2.56 -5.86 37.53
CA PRO A 217 -1.14 -6.10 37.88
C PRO A 217 -0.48 -7.24 37.12
N GLU A 218 -1.26 -8.21 36.62
CA GLU A 218 -0.69 -9.28 35.80
C GLU A 218 -1.04 -9.11 34.33
N GLY A 219 -1.47 -7.92 33.91
CA GLY A 219 -1.90 -7.70 32.55
C GLY A 219 -3.30 -8.25 32.29
N PRO A 220 -3.78 -8.14 31.06
CA PRO A 220 -5.17 -8.50 30.77
C PRO A 220 -5.33 -10.01 30.53
N SER A 221 -6.58 -10.46 30.67
CA SER A 221 -6.88 -11.87 30.48
C SER A 221 -7.07 -12.28 29.03
N PHE A 222 -7.11 -11.33 28.10
CA PHE A 222 -7.27 -11.65 26.68
C PHE A 222 -5.91 -11.62 25.99
N THR A 223 -5.82 -12.35 24.90
CA THR A 223 -4.62 -12.38 24.07
C THR A 223 -4.98 -11.89 22.67
N VAL A 224 -4.03 -11.19 22.05
CA VAL A 224 -4.14 -10.72 20.67
C VAL A 224 -3.03 -11.39 19.87
N THR A 225 -3.41 -12.15 18.85
CA THR A 225 -2.47 -12.80 17.96
C THR A 225 -2.81 -12.48 16.52
N GLY A 226 -1.79 -12.44 15.66
CA GLY A 226 -2.05 -12.12 14.27
C GLY A 226 -2.54 -10.71 14.04
N GLY A 227 -2.23 -9.80 14.96
CA GLY A 227 -2.68 -8.42 14.82
C GLY A 227 -4.09 -8.14 15.33
N ASN A 228 -5.06 -9.03 15.05
CA ASN A 228 -6.45 -8.66 15.35
C ASN A 228 -7.31 -9.85 15.76
N HIS A 229 -6.73 -10.99 16.12
CA HIS A 229 -7.49 -12.14 16.61
C HIS A 229 -7.51 -12.11 18.13
N ILE A 230 -8.70 -12.17 18.72
CA ILE A 230 -8.88 -12.03 20.16
C ILE A 230 -9.36 -13.35 20.73
N GLU A 231 -8.74 -13.77 21.84
CA GLU A 231 -9.19 -14.90 22.64
C GLU A 231 -9.41 -14.41 24.05
N TRP A 232 -10.60 -14.62 24.59
CA TRP A 232 -10.91 -14.09 25.92
C TRP A 232 -12.05 -14.90 26.53
N GLU A 233 -11.74 -15.56 27.64
CA GLU A 233 -12.75 -16.27 28.44
C GLU A 233 -13.70 -17.09 27.58
N LYS A 234 -13.11 -17.96 26.75
CA LYS A 234 -13.74 -18.91 25.84
C LYS A 234 -14.28 -18.26 24.57
N TRP A 235 -14.30 -16.93 24.47
CA TRP A 235 -14.66 -16.27 23.22
C TRP A 235 -13.46 -16.21 22.29
N SER A 236 -13.76 -16.28 20.98
CA SER A 236 -12.78 -16.08 19.94
C SER A 236 -13.42 -15.24 18.83
N LEU A 237 -12.69 -14.26 18.32
CA LEU A 237 -13.22 -13.40 17.26
C LEU A 237 -12.10 -12.61 16.61
N ASP A 238 -12.39 -12.06 15.44
CA ASP A 238 -11.47 -11.19 14.72
C ASP A 238 -12.07 -9.78 14.66
N VAL A 239 -11.27 -8.78 15.00
CA VAL A 239 -11.71 -7.39 14.96
C VAL A 239 -11.25 -6.77 13.65
N GLY A 240 -12.20 -6.48 12.76
CA GLY A 240 -11.93 -5.79 11.52
C GLY A 240 -12.23 -4.31 11.61
N PHE A 241 -11.84 -3.59 10.55
CA PHE A 241 -12.13 -2.16 10.47
C PHE A 241 -12.34 -1.76 9.03
N ASP A 242 -13.46 -1.10 8.77
CA ASP A 242 -13.84 -0.65 7.44
C ASP A 242 -14.10 0.83 7.49
N VAL A 243 -13.66 1.56 6.44
CA VAL A 243 -13.76 3.00 6.51
C VAL A 243 -15.21 3.47 6.50
N ARG A 244 -16.14 2.67 5.98
CA ARG A 244 -17.55 3.03 6.01
C ARG A 244 -18.23 2.62 7.32
N GLU A 245 -18.12 1.34 7.69
CA GLU A 245 -18.84 0.81 8.86
C GLU A 245 -18.14 1.04 10.19
N GLY A 246 -16.85 1.31 10.18
CA GLY A 246 -16.08 1.32 11.42
C GLY A 246 -15.64 -0.07 11.88
N VAL A 247 -15.72 -0.32 13.19
CA VAL A 247 -15.33 -1.63 13.71
C VAL A 247 -16.31 -2.68 13.24
N VAL A 248 -15.78 -3.81 12.74
CA VAL A 248 -16.56 -4.96 12.30
C VAL A 248 -16.08 -6.17 13.08
N LEU A 249 -17.02 -6.97 13.60
CA LEU A 249 -16.65 -8.18 14.32
C LEU A 249 -16.87 -9.38 13.40
N HIS A 250 -15.85 -10.24 13.27
CA HIS A 250 -15.90 -11.43 12.43
C HIS A 250 -15.70 -12.67 13.28
N ASN A 251 -16.32 -13.77 12.85
CA ASN A 251 -16.09 -15.11 13.42
C ASN A 251 -16.21 -15.12 14.95
N ILE A 252 -17.29 -14.53 15.45
CA ILE A 252 -17.56 -14.63 16.88
C ILE A 252 -17.93 -16.07 17.21
N ALA A 253 -17.21 -16.67 18.16
CA ALA A 253 -17.37 -18.08 18.46
C ALA A 253 -17.02 -18.32 19.92
N PHE A 254 -17.49 -19.44 20.46
CA PHE A 254 -17.39 -19.72 21.89
C PHE A 254 -16.89 -21.16 22.07
N ARG A 255 -15.84 -21.31 22.88
N ARG A 255 -15.84 -21.32 22.87
CA ARG A 255 -15.25 -22.63 23.12
CA ARG A 255 -15.25 -22.64 23.08
C ARG A 255 -16.06 -23.33 24.19
C ARG A 255 -16.03 -23.34 24.18
N ASP A 256 -16.83 -24.33 23.79
CA ASP A 256 -17.70 -25.08 24.70
C ASP A 256 -17.07 -26.44 24.87
N GLY A 257 -16.27 -26.59 25.93
CA GLY A 257 -15.47 -27.78 26.10
C GLY A 257 -14.31 -27.80 25.13
N ASP A 258 -14.25 -28.83 24.29
CA ASP A 258 -13.19 -28.94 23.30
C ASP A 258 -13.63 -28.45 21.94
N ARG A 259 -14.85 -27.92 21.81
CA ARG A 259 -15.47 -27.63 20.53
C ARG A 259 -15.68 -26.13 20.40
N LEU A 260 -15.21 -25.58 19.27
CA LEU A 260 -15.36 -24.16 18.97
C LEU A 260 -16.66 -23.97 18.21
N ARG A 261 -17.63 -23.30 18.84
CA ARG A 261 -18.97 -23.20 18.26
C ARG A 261 -19.18 -21.80 17.69
N PRO A 262 -19.46 -21.67 16.40
CA PRO A 262 -19.76 -20.34 15.85
C PRO A 262 -21.08 -19.80 16.38
N ILE A 263 -21.16 -18.47 16.46
CA ILE A 263 -22.39 -17.80 16.87
C ILE A 263 -22.75 -16.76 15.82
N ILE A 264 -21.83 -15.85 15.50
CA ILE A 264 -22.08 -14.78 14.54
C ILE A 264 -20.93 -14.73 13.54
N ASN A 265 -21.25 -14.83 12.25
CA ASN A 265 -20.22 -14.76 11.22
C ASN A 265 -19.69 -13.33 11.03
N ARG A 266 -20.57 -12.33 11.01
CA ARG A 266 -20.15 -10.94 10.83
C ARG A 266 -21.14 -10.01 11.51
N ALA A 267 -20.64 -9.11 12.34
CA ALA A 267 -21.47 -8.13 13.04
C ALA A 267 -20.97 -6.72 12.78
N SER A 268 -21.87 -5.84 12.35
CA SER A 268 -21.49 -4.46 12.07
C SER A 268 -22.70 -3.57 12.25
N ILE A 269 -22.44 -2.27 12.37
CA ILE A 269 -23.47 -1.27 12.23
C ILE A 269 -23.42 -0.82 10.77
N ALA A 270 -24.39 -1.27 9.97
CA ALA A 270 -24.26 -1.13 8.53
C ALA A 270 -24.84 0.17 7.99
N GLU A 271 -25.56 0.92 8.83
CA GLU A 271 -26.10 2.22 8.42
C GLU A 271 -26.52 2.98 9.66
N MET A 272 -26.57 4.30 9.52
CA MET A 272 -27.17 5.13 10.56
C MET A 272 -27.66 6.41 9.91
N VAL A 273 -28.84 6.84 10.35
CA VAL A 273 -29.52 7.99 9.76
C VAL A 273 -29.99 8.91 10.88
N VAL A 274 -29.92 10.22 10.62
CA VAL A 274 -30.39 11.23 11.58
C VAL A 274 -31.40 12.08 10.84
N PRO A 275 -32.68 11.72 10.86
CA PRO A 275 -33.70 12.55 10.22
C PRO A 275 -34.20 13.64 11.15
N TYR A 276 -34.45 14.82 10.58
CA TYR A 276 -34.92 15.98 11.34
C TYR A 276 -36.41 16.20 11.11
N GLY A 277 -37.09 16.62 12.18
CA GLY A 277 -38.54 16.76 12.15
C GLY A 277 -39.01 18.21 12.18
N ASP A 278 -38.18 19.12 11.70
CA ASP A 278 -38.57 20.54 11.61
C ASP A 278 -39.12 20.78 10.20
N PRO A 279 -40.39 21.15 10.05
CA PRO A 279 -40.96 21.35 8.71
C PRO A 279 -40.53 22.64 8.01
N SER A 280 -39.69 23.47 8.64
CA SER A 280 -39.20 24.68 7.97
C SER A 280 -38.49 24.34 6.68
N PRO A 281 -38.73 25.09 5.58
CA PRO A 281 -38.00 24.82 4.33
C PRO A 281 -36.50 24.89 4.48
N ILE A 282 -36.00 25.61 5.48
CA ILE A 282 -34.57 25.72 5.71
C ILE A 282 -33.94 24.38 6.08
N ARG A 283 -34.71 23.49 6.70
CA ARG A 283 -34.15 22.26 7.24
C ARG A 283 -34.97 21.01 6.92
N SER A 284 -36.12 21.11 6.25
CA SER A 284 -37.00 19.97 6.03
C SER A 284 -36.39 18.90 5.12
N TRP A 285 -35.31 19.21 4.42
CA TRP A 285 -34.58 18.26 3.58
C TRP A 285 -33.51 17.51 4.37
N GLN A 286 -33.32 17.85 5.64
CA GLN A 286 -32.11 17.49 6.35
C GLN A 286 -32.24 16.07 6.92
N ASN A 287 -31.47 15.15 6.35
CA ASN A 287 -31.31 13.79 6.88
C ASN A 287 -29.91 13.36 6.52
N TYR A 288 -29.02 13.11 7.47
CA TYR A 288 -27.70 12.63 7.09
CA TYR A 288 -27.70 12.63 7.08
C TYR A 288 -27.53 11.18 7.51
N PHE A 289 -26.98 10.39 6.59
CA PHE A 289 -26.60 9.02 6.82
C PHE A 289 -25.11 9.08 7.13
N ASP A 290 -24.74 9.12 8.41
CA ASP A 290 -23.33 9.32 8.72
C ASP A 290 -22.50 8.16 8.19
N THR A 291 -23.04 6.95 8.26
CA THR A 291 -22.31 5.79 7.76
C THR A 291 -22.27 5.79 6.23
N GLY A 292 -23.44 5.82 5.59
CA GLY A 292 -23.50 5.57 4.16
C GLY A 292 -23.05 6.75 3.33
N GLU A 293 -23.30 7.96 3.80
CA GLU A 293 -22.91 9.16 3.06
C GLU A 293 -21.55 9.73 3.44
N TYR A 294 -21.18 9.69 4.72
CA TYR A 294 -19.95 10.34 5.16
C TYR A 294 -18.81 9.38 5.47
N LEU A 295 -19.13 8.11 5.81
CA LEU A 295 -18.22 7.05 6.20
C LEU A 295 -17.64 7.31 7.59
N VAL A 296 -18.23 6.68 8.63
CA VAL A 296 -17.90 7.04 10.01
C VAL A 296 -16.51 6.54 10.37
N GLY A 297 -16.04 5.48 9.71
CA GLY A 297 -14.71 4.96 10.02
C GLY A 297 -13.60 5.94 9.72
N GLN A 298 -13.75 6.75 8.67
CA GLN A 298 -12.65 7.65 8.35
C GLN A 298 -12.57 8.84 9.30
N TYR A 299 -13.58 9.06 10.14
CA TYR A 299 -13.57 10.13 11.13
C TYR A 299 -13.31 9.62 12.54
N ALA A 300 -12.85 8.39 12.69
CA ALA A 300 -12.56 7.83 14.01
C ALA A 300 -11.51 8.68 14.74
N ASN A 301 -11.75 8.91 16.02
CA ASN A 301 -10.82 9.64 16.88
C ASN A 301 -9.63 8.77 17.25
N SER A 302 -8.49 9.42 17.49
CA SER A 302 -7.41 8.82 18.28
C SER A 302 -7.82 8.91 19.75
N LEU A 303 -7.87 7.77 20.44
CA LEU A 303 -8.37 7.71 21.81
C LEU A 303 -7.23 7.76 22.82
N GLU A 304 -7.33 8.69 23.78
CA GLU A 304 -6.28 8.96 24.76
C GLU A 304 -6.41 8.07 25.98
N LEU A 305 -5.28 7.48 26.39
CA LEU A 305 -5.26 6.70 27.63
C LEU A 305 -5.67 7.56 28.81
N GLY A 306 -6.48 6.97 29.70
CA GLY A 306 -6.93 7.64 30.91
C GLY A 306 -7.97 8.71 30.71
N CYS A 307 -8.30 9.06 29.47
CA CYS A 307 -9.35 10.01 29.16
C CYS A 307 -10.49 9.33 28.42
N ASP A 308 -10.21 8.77 27.24
CA ASP A 308 -11.20 8.04 26.47
C ASP A 308 -11.34 6.59 26.92
N CYS A 309 -10.22 5.93 27.24
CA CYS A 309 -10.21 4.55 27.67
C CYS A 309 -9.39 4.47 28.95
N LEU A 310 -9.97 3.87 29.99
CA LEU A 310 -9.38 3.87 31.32
C LEU A 310 -9.19 2.42 31.75
N GLY A 311 -8.02 2.11 32.30
CA GLY A 311 -7.73 0.74 32.67
C GLY A 311 -6.52 0.22 31.94
N ASP A 312 -6.37 -1.10 31.85
CA ASP A 312 -5.29 -1.71 31.09
C ASP A 312 -5.76 -1.87 29.65
N ILE A 313 -5.30 -0.97 28.77
CA ILE A 313 -5.86 -0.80 27.44
C ILE A 313 -4.91 -1.38 26.40
N THR A 314 -5.45 -2.19 25.50
CA THR A 314 -4.75 -2.61 24.29
C THR A 314 -5.38 -1.91 23.09
N TYR A 315 -4.54 -1.25 22.28
CA TYR A 315 -5.02 -0.49 21.14
C TYR A 315 -4.83 -1.25 19.84
N LEU A 316 -5.71 -0.98 18.87
CA LEU A 316 -5.41 -1.25 17.48
C LEU A 316 -5.34 0.09 16.76
N SER A 317 -4.50 0.14 15.72
CA SER A 317 -4.36 1.35 14.91
C SER A 317 -4.68 0.94 13.47
N PRO A 318 -5.93 1.03 13.06
CA PRO A 318 -6.28 0.61 11.69
C PRO A 318 -5.69 1.53 10.65
N VAL A 319 -5.50 0.99 9.45
CA VAL A 319 -4.98 1.74 8.31
C VAL A 319 -6.10 1.89 7.28
N ILE A 320 -6.25 3.11 6.76
CA ILE A 320 -7.20 3.40 5.70
C ILE A 320 -6.46 4.18 4.60
N SER A 321 -7.13 4.39 3.49
CA SER A 321 -6.58 5.13 2.36
C SER A 321 -7.03 6.58 2.43
N ASP A 322 -6.16 7.50 2.04
CA ASP A 322 -6.62 8.85 1.83
C ASP A 322 -7.18 8.95 0.41
N ALA A 323 -7.54 10.16 -0.01
CA ALA A 323 -8.17 10.35 -1.31
C ALA A 323 -7.25 10.06 -2.50
N PHE A 324 -5.93 9.89 -2.28
CA PHE A 324 -4.99 9.60 -3.37
C PHE A 324 -4.41 8.20 -3.27
N GLY A 325 -4.91 7.37 -2.37
CA GLY A 325 -4.39 6.03 -2.25
C GLY A 325 -3.19 5.88 -1.34
N ASN A 326 -2.80 6.94 -0.61
CA ASN A 326 -1.72 6.76 0.36
C ASN A 326 -2.27 6.20 1.67
N PRO A 327 -1.59 5.23 2.29
CA PRO A 327 -2.03 4.74 3.62
C PRO A 327 -1.99 5.85 4.65
N ARG A 328 -2.96 5.83 5.56
CA ARG A 328 -2.91 6.73 6.71
C ARG A 328 -3.38 5.96 7.94
N GLU A 329 -2.59 6.03 9.00
CA GLU A 329 -2.91 5.32 10.23
C GLU A 329 -3.86 6.14 11.07
N ILE A 330 -4.86 5.46 11.65
CA ILE A 330 -5.67 6.04 12.72
C ILE A 330 -5.06 5.52 14.01
N ARG A 331 -4.16 6.31 14.58
CA ARG A 331 -3.43 5.89 15.77
CA ARG A 331 -3.44 5.90 15.78
C ARG A 331 -4.40 5.74 16.94
N ASN A 332 -4.33 4.58 17.61
CA ASN A 332 -5.13 4.35 18.82
C ASN A 332 -6.62 4.53 18.51
N GLY A 333 -7.04 4.06 17.34
CA GLY A 333 -8.42 4.26 16.93
C GLY A 333 -9.39 3.29 17.58
N ILE A 334 -8.93 2.13 18.01
CA ILE A 334 -9.77 1.11 18.64
C ILE A 334 -9.18 0.79 20.01
N CYS A 335 -9.98 0.92 21.06
CA CYS A 335 -9.63 0.52 22.42
CA CYS A 335 -9.47 0.43 22.34
C CYS A 335 -10.23 -0.82 22.75
N MET A 336 -9.54 -1.60 23.58
CA MET A 336 -9.89 -3.00 23.78
C MET A 336 -9.52 -3.27 25.23
N HIS A 337 -10.47 -3.70 26.06
CA HIS A 337 -10.15 -3.95 27.47
C HIS A 337 -11.27 -4.73 28.11
N GLU A 338 -10.96 -5.36 29.26
CA GLU A 338 -12.00 -6.02 30.03
C GLU A 338 -12.35 -5.17 31.25
N GLU A 339 -13.60 -5.31 31.72
CA GLU A 339 -14.13 -4.47 32.78
C GLU A 339 -14.80 -5.37 33.81
N ASP A 340 -14.67 -5.03 35.08
CA ASP A 340 -15.50 -5.71 36.08
C ASP A 340 -16.96 -5.38 35.82
N TRP A 341 -17.84 -6.36 36.04
CA TRP A 341 -19.26 -6.13 35.77
C TRP A 341 -20.13 -6.70 36.89
N GLY A 342 -19.76 -6.42 38.14
CA GLY A 342 -20.66 -6.72 39.23
C GLY A 342 -20.81 -8.23 39.45
N ILE A 343 -21.93 -8.58 40.09
CA ILE A 343 -22.21 -9.97 40.46
C ILE A 343 -22.63 -10.75 39.22
N LEU A 344 -22.02 -11.93 39.03
CA LEU A 344 -22.46 -12.84 37.97
C LEU A 344 -23.56 -13.79 38.42
N ALA A 345 -23.42 -14.36 39.61
CA ALA A 345 -24.38 -15.32 40.16
C ALA A 345 -24.13 -15.41 41.65
N LYS A 346 -25.21 -15.65 42.40
CA LYS A 346 -25.12 -15.55 43.86
C LYS A 346 -26.26 -16.34 44.46
N HIS A 347 -25.95 -17.20 45.44
CA HIS A 347 -27.02 -17.85 46.19
C HIS A 347 -26.49 -18.25 47.56
N SER A 348 -27.28 -17.97 48.60
CA SER A 348 -27.07 -18.47 49.95
C SER A 348 -28.23 -19.37 50.32
N ASP A 349 -27.95 -20.65 50.50
CA ASP A 349 -29.01 -21.65 50.56
C ASP A 349 -29.34 -22.03 51.99
N LEU A 350 -30.62 -21.96 52.34
CA LEU A 350 -31.05 -22.20 53.71
C LEU A 350 -30.92 -23.66 54.11
N TRP A 351 -30.94 -24.59 53.16
CA TRP A 351 -30.94 -26.00 53.51
C TRP A 351 -29.56 -26.64 53.41
N SER A 352 -28.74 -26.22 52.46
CA SER A 352 -27.42 -26.80 52.28
C SER A 352 -26.33 -26.04 53.03
N GLY A 353 -26.61 -24.83 53.49
CA GLY A 353 -25.60 -24.03 54.15
C GLY A 353 -24.51 -23.48 53.26
N ILE A 354 -24.55 -23.73 51.95
CA ILE A 354 -23.50 -23.24 51.06
C ILE A 354 -23.83 -21.80 50.64
N ASN A 355 -22.84 -20.90 50.79
CA ASN A 355 -22.91 -19.55 50.24
C ASN A 355 -22.02 -19.49 49.01
N TYR A 356 -22.54 -18.92 47.94
CA TYR A 356 -21.87 -18.95 46.64
C TYR A 356 -21.98 -17.58 46.00
N THR A 357 -20.84 -16.99 45.62
CA THR A 357 -20.84 -15.72 44.90
C THR A 357 -19.78 -15.75 43.82
N ARG A 358 -20.12 -15.29 42.61
CA ARG A 358 -19.15 -15.16 41.53
C ARG A 358 -19.34 -13.79 40.88
N ARG A 359 -18.24 -13.24 40.36
CA ARG A 359 -18.22 -11.93 39.74
C ARG A 359 -18.24 -12.04 38.22
N ASN A 360 -18.87 -11.07 37.58
CA ASN A 360 -18.98 -11.00 36.14
C ASN A 360 -17.91 -10.05 35.60
N ARG A 361 -17.63 -10.18 34.31
CA ARG A 361 -16.81 -9.19 33.64
C ARG A 361 -17.17 -9.20 32.16
N ARG A 362 -16.78 -8.14 31.47
CA ARG A 362 -17.08 -8.06 30.06
C ARG A 362 -15.84 -7.58 29.32
N MET A 363 -15.72 -8.02 28.08
CA MET A 363 -14.69 -7.57 27.18
C MET A 363 -15.29 -6.42 26.39
N VAL A 364 -14.56 -5.31 26.24
CA VAL A 364 -15.07 -4.10 25.59
C VAL A 364 -14.20 -3.81 24.36
N ILE A 365 -14.85 -3.58 23.22
CA ILE A 365 -14.20 -3.18 21.97
C ILE A 365 -14.94 -1.95 21.49
N SER A 366 -14.25 -0.83 21.34
CA SER A 366 -14.94 0.41 21.04
C SER A 366 -14.12 1.35 20.18
N PHE A 367 -14.83 2.24 19.49
CA PHE A 367 -14.20 3.36 18.81
C PHE A 367 -15.17 4.53 18.89
N PHE A 368 -14.63 5.73 18.70
CA PHE A 368 -15.37 6.98 18.66
C PHE A 368 -15.18 7.69 17.32
N THR A 369 -16.25 8.27 16.81
CA THR A 369 -16.19 9.00 15.56
C THR A 369 -16.83 10.38 15.72
N THR A 370 -16.36 11.34 14.92
CA THR A 370 -16.85 12.71 14.95
C THR A 370 -17.15 13.15 13.53
N ILE A 371 -18.41 13.47 13.24
CA ILE A 371 -18.78 13.97 11.92
C ILE A 371 -19.53 15.29 12.14
N GLY A 372 -18.80 16.40 12.09
CA GLY A 372 -19.41 17.70 12.28
C GLY A 372 -19.72 17.97 13.74
N ASN A 373 -20.99 18.25 14.05
CA ASN A 373 -21.36 18.59 15.41
C ASN A 373 -21.49 17.36 16.32
N TYQ A 374 -21.72 16.19 15.71
CA TYQ A 374 -22.04 14.99 16.47
CA TYQ A 374 -22.03 15.03 16.51
C TYQ A 374 -20.83 14.11 16.70
O TYQ A 374 -19.94 13.94 15.88
CB TYQ A 374 -23.06 14.04 15.80
CB TYQ A 374 -23.17 14.20 15.91
CG TYQ A 374 -24.15 14.73 15.08
CG TYQ A 374 -24.49 14.62 16.47
CD1 TYQ A 374 -25.40 14.92 15.69
CD1 TYQ A 374 -25.57 14.94 15.65
CD2 TYQ A 374 -23.94 15.20 13.78
CD2 TYQ A 374 -24.64 14.69 17.86
CE1 TYQ A 374 -26.44 15.56 15.01
CE1 TYQ A 374 -26.82 15.32 16.20
CE2 TYQ A 374 -24.96 15.85 13.07
CE2 TYQ A 374 -25.86 15.09 18.45
CZ TYQ A 374 -26.21 16.02 13.72
CZ TYQ A 374 -26.95 15.39 17.59
OZ TYQ A 374 -25.72 14.50 16.96
OZ TYQ A 374 -25.52 14.89 14.27
N5 TYQ A 374 -24.78 16.33 11.76
N5 TYQ A 374 -26.04 15.17 19.85
OH TYQ A 374 -27.27 16.65 13.12
OH TYQ A 374 -28.16 15.75 18.15
N ASP A 375 -20.82 13.48 17.88
CA ASP A 375 -19.80 12.48 18.20
C ASP A 375 -20.52 11.23 18.69
N TYR A 376 -20.07 10.06 18.23
CA TYR A 376 -20.69 8.79 18.63
C TYR A 376 -19.63 7.80 19.06
N GLY A 377 -19.89 7.09 20.15
CA GLY A 377 -19.08 5.96 20.55
C GLY A 377 -19.83 4.68 20.21
N PHE A 378 -19.11 3.73 19.61
CA PHE A 378 -19.64 2.41 19.28
C PHE A 378 -18.98 1.39 20.18
N TYR A 379 -19.78 0.65 20.97
CA TYR A 379 -19.25 -0.27 21.96
C TYR A 379 -19.83 -1.66 21.74
N TRP A 380 -18.96 -2.64 21.54
CA TRP A 380 -19.35 -4.05 21.57
C TRP A 380 -18.89 -4.69 22.87
N TYR A 381 -19.79 -5.43 23.52
CA TYR A 381 -19.51 -6.07 24.80
C TYR A 381 -19.68 -7.57 24.67
N LEU A 382 -18.73 -8.33 25.21
CA LEU A 382 -18.86 -9.78 25.35
C LEU A 382 -18.83 -10.10 26.83
N TYR A 383 -19.79 -10.92 27.30
CA TYR A 383 -19.90 -11.25 28.70
C TYR A 383 -19.55 -12.72 28.95
N LEU A 384 -19.16 -13.00 30.19
CA LEU A 384 -18.79 -14.36 30.58
C LEU A 384 -19.90 -15.35 30.25
N ASP A 385 -21.16 -14.95 30.40
CA ASP A 385 -22.25 -15.91 30.32
C ASP A 385 -22.77 -16.12 28.90
N GLY A 386 -22.04 -15.63 27.89
CA GLY A 386 -22.48 -15.82 26.53
C GLY A 386 -23.26 -14.67 25.94
N THR A 387 -23.56 -13.64 26.72
CA THR A 387 -24.29 -12.50 26.20
C THR A 387 -23.41 -11.65 25.29
N ILE A 388 -23.98 -11.16 24.19
CA ILE A 388 -23.36 -10.18 23.32
C ILE A 388 -24.23 -8.93 23.31
N GLU A 389 -23.60 -7.77 23.47
CA GLU A 389 -24.35 -6.53 23.56
C GLU A 389 -23.68 -5.44 22.73
N PHE A 390 -24.50 -4.61 22.10
CA PHE A 390 -24.03 -3.40 21.43
C PHE A 390 -24.62 -2.17 22.13
N GLU A 391 -23.83 -1.11 22.21
CA GLU A 391 -24.29 0.14 22.78
C GLU A 391 -23.72 1.30 21.97
N ALA A 392 -24.59 2.19 21.52
CA ALA A 392 -24.17 3.45 20.92
C ALA A 392 -24.26 4.51 22.00
N LYS A 393 -23.23 5.36 22.11
CA LYS A 393 -23.23 6.51 23.00
C LYS A 393 -23.20 7.77 22.15
N ALA A 394 -24.26 8.57 22.25
CA ALA A 394 -24.39 9.79 21.46
C ALA A 394 -24.01 10.99 22.33
N THR A 395 -23.15 11.86 21.81
CA THR A 395 -22.80 13.07 22.55
C THR A 395 -22.43 14.13 21.52
N GLY A 396 -21.54 15.05 21.85
CA GLY A 396 -21.25 16.14 20.93
C GLY A 396 -22.14 17.34 21.17
N VAL A 397 -22.39 18.11 20.12
CA VAL A 397 -23.19 19.33 20.20
C VAL A 397 -24.44 19.12 19.36
N VAL A 398 -25.60 19.49 19.90
CA VAL A 398 -26.83 19.35 19.13
C VAL A 398 -26.83 20.36 17.99
N PHE A 399 -27.42 19.96 16.86
CA PHE A 399 -27.61 20.87 15.74
C PHE A 399 -28.66 21.91 16.08
N THR A 400 -28.37 23.17 15.81
CA THR A 400 -29.18 24.27 16.31
C THR A 400 -29.89 25.02 15.19
N SER A 401 -30.83 25.85 15.61
CA SER A 401 -31.58 26.78 14.78
C SER A 401 -31.95 27.98 15.65
N ALA A 402 -32.65 28.93 15.05
CA ALA A 402 -33.26 29.96 15.89
C ALA A 402 -34.48 29.37 16.57
N PHE A 403 -34.83 29.90 17.73
CA PHE A 403 -36.09 29.52 18.32
C PHE A 403 -37.11 30.59 17.95
N PRO A 404 -38.18 30.25 17.25
CA PRO A 404 -39.06 31.29 16.73
C PRO A 404 -39.78 31.99 17.86
N GLU A 405 -40.18 33.23 17.57
CA GLU A 405 -40.99 33.98 18.51
C GLU A 405 -42.39 33.39 18.53
N GLY A 406 -42.92 33.18 19.71
CA GLY A 406 -44.19 32.50 19.80
C GLY A 406 -44.10 30.98 19.78
N GLY A 407 -42.89 30.41 19.82
CA GLY A 407 -42.73 28.99 20.05
C GLY A 407 -42.75 28.15 18.79
N SER A 408 -42.59 26.84 19.00
CA SER A 408 -42.57 25.87 17.91
C SER A 408 -43.02 24.52 18.44
N ASP A 409 -43.70 23.75 17.59
CA ASP A 409 -44.05 22.38 17.90
C ASP A 409 -42.96 21.39 17.52
N ASN A 410 -41.88 21.84 16.89
CA ASN A 410 -40.90 20.92 16.32
C ASN A 410 -39.47 21.27 16.73
N ILE A 411 -39.30 22.22 17.64
CA ILE A 411 -37.99 22.73 18.03
C ILE A 411 -38.03 22.96 19.54
N SER A 412 -36.96 22.58 20.23
CA SER A 412 -36.77 22.90 21.65
C SER A 412 -35.95 24.17 21.80
N GLN A 413 -36.27 24.96 22.83
CA GLN A 413 -35.47 26.14 23.13
C GLN A 413 -34.41 25.76 24.15
N LEU A 414 -33.15 26.06 23.85
CA LEU A 414 -32.00 25.70 24.68
C LEU A 414 -31.40 26.89 25.41
N ALA A 415 -31.52 28.07 24.82
CA ALA A 415 -31.00 29.30 25.35
C ALA A 415 -31.79 30.42 24.70
N PRO A 416 -31.71 31.66 25.22
CA PRO A 416 -32.52 32.74 24.63
C PRO A 416 -32.30 32.87 23.12
N GLY A 417 -33.37 32.71 22.34
CA GLY A 417 -33.30 32.77 20.91
C GLY A 417 -32.78 31.53 20.22
N LEU A 418 -32.33 30.52 20.97
CA LEU A 418 -31.62 29.38 20.38
C LEU A 418 -32.48 28.13 20.46
N GLY A 419 -32.71 27.50 19.30
CA GLY A 419 -33.50 26.29 19.22
C GLY A 419 -32.71 25.06 18.83
N ALA A 420 -33.28 23.88 19.07
CA ALA A 420 -32.72 22.62 18.58
C ALA A 420 -33.85 21.80 17.97
N PRO A 421 -33.88 21.65 16.64
CA PRO A 421 -34.93 20.85 16.00
C PRO A 421 -34.98 19.43 16.54
N PHE A 422 -36.20 18.91 16.64
CA PHE A 422 -36.42 17.50 16.96
C PHE A 422 -35.84 16.62 15.85
N HIS A 423 -35.27 15.48 16.24
CA HIS A 423 -34.68 14.55 15.28
C HIS A 423 -34.63 13.16 15.92
N GLN A 424 -34.24 12.17 15.12
CA GLN A 424 -33.94 10.83 15.62
C GLN A 424 -32.52 10.45 15.25
N HIS A 425 -31.95 9.50 16.00
CA HIS A 425 -30.71 8.83 15.57
C HIS A 425 -31.04 7.35 15.43
N ILE A 426 -31.02 6.83 14.20
CA ILE A 426 -31.48 5.47 13.96
C ILE A 426 -30.33 4.65 13.36
N PHE A 427 -30.08 3.48 13.94
CA PHE A 427 -28.99 2.60 13.57
C PHE A 427 -29.55 1.33 12.94
N SER A 428 -28.74 0.68 12.11
CA SER A 428 -29.04 -0.64 11.58
C SER A 428 -27.88 -1.56 11.90
N ALA A 429 -28.13 -2.59 12.70
CA ALA A 429 -27.12 -3.60 12.96
C ALA A 429 -27.32 -4.71 11.95
N ARG A 430 -26.26 -5.13 11.28
CA ARG A 430 -26.32 -6.24 10.34
C ARG A 430 -25.60 -7.43 10.97
N LEU A 431 -26.35 -8.49 11.24
CA LEU A 431 -25.87 -9.63 12.01
C LEU A 431 -25.93 -10.84 11.07
N ASP A 432 -24.80 -11.17 10.47
CA ASP A 432 -24.70 -12.36 9.63
C ASP A 432 -24.56 -13.56 10.56
N MET A 433 -25.67 -14.24 10.83
CA MET A 433 -25.68 -15.25 11.87
C MET A 433 -25.10 -16.58 11.42
N ALA A 434 -24.53 -17.29 12.39
CA ALA A 434 -23.95 -18.61 12.20
C ALA A 434 -24.09 -19.38 13.50
N ILE A 435 -25.31 -19.52 14.01
CA ILE A 435 -25.54 -20.22 15.29
C ILE A 435 -25.17 -21.69 15.10
N ASP A 436 -24.04 -22.12 15.67
CA ASP A 436 -23.56 -23.49 15.53
C ASP A 436 -23.38 -23.89 14.07
N GLY A 437 -23.13 -22.93 13.19
CA GLY A 437 -23.09 -23.18 11.76
C GLY A 437 -24.10 -22.34 11.04
N PHE A 438 -24.22 -22.60 9.73
CA PHE A 438 -24.90 -21.66 8.86
C PHE A 438 -26.36 -21.99 8.61
N THR A 439 -26.86 -23.13 9.09
CA THR A 439 -28.25 -23.51 8.91
CA THR A 439 -28.27 -23.49 8.90
C THR A 439 -29.06 -22.92 10.06
N ASN A 440 -29.62 -21.73 9.85
CA ASN A 440 -30.30 -20.99 10.92
C ASN A 440 -31.73 -20.64 10.53
N ARG A 441 -32.54 -20.35 11.54
CA ARG A 441 -33.89 -19.85 11.30
CA ARG A 441 -33.88 -19.85 11.30
C ARG A 441 -34.23 -18.86 12.41
N VAL A 442 -35.22 -18.02 12.15
CA VAL A 442 -35.65 -17.00 13.11
C VAL A 442 -37.09 -17.28 13.49
N GLU A 443 -37.38 -17.30 14.80
CA GLU A 443 -38.74 -17.35 15.30
C GLU A 443 -39.05 -16.09 16.10
N GLU A 444 -40.25 -15.60 15.89
CA GLU A 444 -40.79 -14.50 16.67
C GLU A 444 -41.53 -15.07 17.87
N GLU A 445 -41.14 -14.64 19.08
CA GLU A 445 -41.70 -15.18 20.31
C GLU A 445 -42.55 -14.10 21.00
N ASP A 446 -43.83 -14.41 21.24
CA ASP A 446 -44.74 -13.52 21.95
C ASP A 446 -45.24 -14.19 23.23
N VAL A 447 -45.46 -13.37 24.27
CA VAL A 447 -46.19 -13.84 25.45
CA VAL A 447 -46.17 -13.89 25.43
C VAL A 447 -47.64 -14.07 25.04
N VAL A 448 -48.26 -15.10 25.62
CA VAL A 448 -49.65 -15.45 25.34
C VAL A 448 -50.40 -15.37 26.65
N ARG A 449 -51.35 -14.45 26.75
CA ARG A 449 -52.22 -14.43 27.91
CA ARG A 449 -52.25 -14.41 27.90
C ARG A 449 -53.35 -15.45 27.74
N GLN A 450 -53.81 -16.00 28.87
CA GLN A 450 -54.81 -17.06 28.87
C GLN A 450 -56.00 -16.62 29.72
N THR A 451 -57.19 -17.04 29.32
CA THR A 451 -58.40 -16.63 30.03
CA THR A 451 -58.40 -16.64 30.02
C THR A 451 -58.74 -17.64 31.12
N MET A 452 -59.33 -17.12 32.20
CA MET A 452 -59.90 -17.97 33.25
C MET A 452 -60.96 -18.90 32.67
N GLY A 453 -60.83 -20.18 32.98
CA GLY A 453 -61.75 -21.17 32.48
C GLY A 453 -61.21 -22.56 32.71
N PRO A 454 -61.80 -23.55 32.05
CA PRO A 454 -61.40 -24.94 32.32
C PRO A 454 -59.96 -25.19 31.89
N GLY A 455 -59.23 -25.92 32.72
CA GLY A 455 -57.80 -26.04 32.55
C GLY A 455 -57.00 -24.85 33.04
N ASN A 456 -57.67 -23.79 33.50
CA ASN A 456 -57.02 -22.61 34.05
C ASN A 456 -57.97 -21.96 35.05
N GLU A 457 -58.47 -22.77 36.01
CA GLU A 457 -59.57 -22.34 36.86
C GLU A 457 -59.22 -21.15 37.74
N ARG A 458 -57.95 -20.99 38.12
CA ARG A 458 -57.54 -19.87 38.95
C ARG A 458 -57.06 -18.65 38.14
N GLY A 459 -57.07 -18.72 36.82
CA GLY A 459 -56.73 -17.56 36.02
C GLY A 459 -55.31 -17.06 36.17
N ASN A 460 -54.37 -17.96 36.43
CA ASN A 460 -52.97 -17.61 36.64
C ASN A 460 -52.07 -18.00 35.48
N ALA A 461 -52.55 -18.84 34.56
CA ALA A 461 -51.66 -19.39 33.55
C ALA A 461 -51.30 -18.33 32.51
N PHE A 462 -50.08 -18.45 32.01
CA PHE A 462 -49.72 -17.71 30.80
C PHE A 462 -48.66 -18.52 30.09
N SER A 463 -48.45 -18.22 28.82
CA SER A 463 -47.63 -19.08 27.99
C SER A 463 -46.86 -18.19 27.03
N ARG A 464 -46.38 -18.82 25.96
CA ARG A 464 -45.67 -18.09 24.91
CA ARG A 464 -45.59 -18.15 24.94
C ARG A 464 -45.90 -18.84 23.61
N LYS A 465 -45.70 -18.12 22.51
CA LYS A 465 -45.85 -18.75 21.21
C LYS A 465 -44.70 -18.33 20.33
N ARG A 466 -44.22 -19.26 19.50
CA ARG A 466 -43.13 -19.01 18.58
C ARG A 466 -43.63 -19.22 17.16
N THR A 467 -43.34 -18.26 16.29
CA THR A 467 -43.75 -18.31 14.89
C THR A 467 -42.50 -18.31 14.03
N VAL A 468 -42.31 -19.37 13.24
CA VAL A 468 -41.15 -19.45 12.35
C VAL A 468 -41.37 -18.53 11.16
N LEU A 469 -40.33 -17.75 10.81
CA LEU A 469 -40.34 -16.93 9.61
C LEU A 469 -39.72 -17.76 8.48
N THR A 470 -40.50 -18.08 7.47
CA THR A 470 -40.05 -19.08 6.51
C THR A 470 -39.58 -18.49 5.19
N ARG A 471 -40.08 -17.31 4.82
CA ARG A 471 -39.70 -16.66 3.57
C ARG A 471 -39.50 -15.18 3.83
N GLU A 472 -38.66 -14.55 3.01
CA GLU A 472 -38.31 -13.15 3.22
C GLU A 472 -39.54 -12.24 3.20
N SER A 473 -40.57 -12.60 2.43
CA SER A 473 -41.76 -11.76 2.33
C SER A 473 -42.54 -11.67 3.64
N GLU A 474 -42.33 -12.58 4.58
CA GLU A 474 -42.95 -12.47 5.90
C GLU A 474 -41.94 -12.15 6.98
N ALA A 475 -40.74 -11.69 6.62
CA ALA A 475 -39.68 -11.50 7.60
C ALA A 475 -39.39 -10.02 7.83
N VAL A 476 -40.40 -9.16 7.68
CA VAL A 476 -40.31 -7.76 8.07
C VAL A 476 -41.21 -7.60 9.28
N ARG A 477 -40.61 -7.45 10.45
CA ARG A 477 -41.32 -7.56 11.72
C ARG A 477 -41.24 -6.26 12.50
N GLU A 478 -42.27 -6.01 13.31
CA GLU A 478 -42.29 -4.85 14.19
CA GLU A 478 -42.37 -4.86 14.19
C GLU A 478 -42.26 -5.29 15.64
N ALA A 479 -41.79 -4.39 16.49
CA ALA A 479 -41.72 -4.67 17.92
C ALA A 479 -43.12 -4.73 18.51
N ASP A 480 -43.24 -5.41 19.65
CA ASP A 480 -44.46 -5.30 20.46
C ASP A 480 -44.04 -5.47 21.92
N ALA A 481 -43.72 -4.34 22.56
CA ALA A 481 -43.25 -4.40 23.94
C ALA A 481 -44.33 -4.97 24.86
N ARG A 482 -45.59 -4.72 24.55
CA ARG A 482 -46.67 -5.11 25.45
C ARG A 482 -46.81 -6.62 25.56
N THR A 483 -46.50 -7.35 24.49
CA THR A 483 -46.50 -8.81 24.48
CA THR A 483 -46.51 -8.82 24.49
C THR A 483 -45.10 -9.39 24.64
N GLY A 484 -44.13 -8.58 25.05
CA GLY A 484 -42.80 -9.07 25.33
C GLY A 484 -42.11 -9.69 24.14
N ARG A 485 -42.37 -9.16 22.94
CA ARG A 485 -41.89 -9.81 21.74
C ARG A 485 -40.37 -9.79 21.65
N THR A 486 -39.78 -10.96 21.41
CA THR A 486 -38.36 -11.10 21.10
C THR A 486 -38.25 -11.99 19.86
N TRP A 487 -37.02 -12.16 19.38
CA TRP A 487 -36.77 -13.02 18.23
C TRP A 487 -35.67 -13.99 18.61
N ILE A 488 -35.86 -15.27 18.24
CA ILE A 488 -34.88 -16.31 18.51
C ILE A 488 -34.27 -16.75 17.20
N ILE A 489 -32.94 -16.73 17.12
CA ILE A 489 -32.22 -17.34 15.99
C ILE A 489 -31.76 -18.72 16.44
N SER A 490 -32.22 -19.77 15.76
CA SER A 490 -31.88 -21.13 16.16
C SER A 490 -31.29 -21.89 14.98
N ASN A 491 -30.68 -23.03 15.30
CA ASN A 491 -30.14 -23.96 14.31
C ASN A 491 -30.97 -25.23 14.44
N PRO A 492 -31.92 -25.48 13.54
CA PRO A 492 -32.81 -26.63 13.69
C PRO A 492 -32.09 -27.96 13.55
N GLU A 493 -30.83 -27.97 13.14
CA GLU A 493 -30.08 -29.19 12.96
C GLU A 493 -29.06 -29.44 14.07
N SER A 494 -28.96 -28.55 15.05
CA SER A 494 -28.04 -28.76 16.16
C SER A 494 -28.82 -28.67 17.46
N LYS A 495 -28.87 -29.76 18.21
CA LYS A 495 -29.71 -29.84 19.40
C LYS A 495 -28.86 -29.88 20.66
N ASN A 496 -29.39 -29.30 21.74
CA ASN A 496 -28.75 -29.40 23.04
C ASN A 496 -29.12 -30.75 23.65
N ARG A 497 -28.62 -31.03 24.86
CA ARG A 497 -28.84 -32.35 25.45
C ARG A 497 -30.30 -32.65 25.75
N LEU A 498 -31.19 -31.65 25.74
CA LEU A 498 -32.62 -31.87 25.92
C LEU A 498 -33.33 -32.08 24.59
N ASN A 499 -32.57 -32.20 23.51
CA ASN A 499 -33.06 -32.41 22.14
CA ASN A 499 -33.09 -32.42 22.16
C ASN A 499 -33.85 -31.22 21.62
N GLU A 500 -33.55 -30.04 22.10
CA GLU A 500 -34.15 -28.83 21.55
CA GLU A 500 -34.14 -28.82 21.57
C GLU A 500 -33.12 -28.10 20.70
N PRO A 501 -33.55 -27.42 19.63
CA PRO A 501 -32.60 -26.66 18.81
C PRO A 501 -31.90 -25.59 19.63
N VAL A 502 -30.59 -25.44 19.41
CA VAL A 502 -29.80 -24.42 20.08
C VAL A 502 -30.19 -23.04 19.55
N GLY A 503 -30.13 -22.03 20.42
CA GLY A 503 -30.52 -20.72 19.93
C GLY A 503 -29.96 -19.57 20.74
N TYR A 504 -30.21 -18.37 20.21
CA TYR A 504 -29.87 -17.11 20.83
C TYR A 504 -31.08 -16.20 20.71
N LYS A 505 -31.37 -15.43 21.76
CA LYS A 505 -32.54 -14.56 21.80
C LYS A 505 -32.10 -13.10 21.65
N LEU A 506 -32.73 -12.37 20.75
CA LEU A 506 -32.45 -10.96 20.52
CA LEU A 506 -32.44 -10.96 20.52
C LEU A 506 -33.43 -10.12 21.33
N HIS A 507 -32.89 -9.33 22.26
CA HIS A 507 -33.68 -8.42 23.11
C HIS A 507 -33.50 -6.99 22.61
N ALA A 508 -34.57 -6.39 22.11
CA ALA A 508 -34.58 -5.03 21.60
C ALA A 508 -34.97 -4.05 22.70
N HIS A 509 -34.61 -2.78 22.52
CA HIS A 509 -35.06 -1.74 23.46
C HIS A 509 -36.46 -1.22 23.15
N ASN A 510 -36.99 -1.53 21.96
CA ASN A 510 -38.37 -1.22 21.59
C ASN A 510 -38.63 0.30 21.59
N GLN A 511 -37.64 1.07 21.12
CA GLN A 511 -37.81 2.51 20.95
C GLN A 511 -38.55 2.77 19.64
N PRO A 512 -39.11 3.97 19.45
CA PRO A 512 -39.84 4.24 18.20
C PRO A 512 -38.92 4.14 16.99
N THR A 513 -39.51 3.68 15.89
CA THR A 513 -38.83 3.64 14.60
C THR A 513 -39.06 4.95 13.85
N LEU A 514 -38.80 4.99 12.54
CA LEU A 514 -38.84 6.24 11.77
C LEU A 514 -40.22 6.88 11.86
N LEU A 515 -40.25 8.16 12.25
CA LEU A 515 -41.51 8.84 12.50
C LEU A 515 -42.07 9.55 11.28
N ALA A 516 -41.24 9.86 10.29
CA ALA A 516 -41.68 10.59 9.10
C ALA A 516 -42.85 9.89 8.41
N ASP A 517 -43.60 10.68 7.65
CA ASP A 517 -44.72 10.15 6.89
C ASP A 517 -44.24 9.04 5.95
N PRO A 518 -44.99 7.94 5.83
CA PRO A 518 -44.54 6.85 4.95
C PRO A 518 -44.42 7.26 3.49
N GLY A 519 -45.02 8.37 3.06
CA GLY A 519 -44.87 8.85 1.70
C GLY A 519 -43.73 9.83 1.48
N SER A 520 -42.91 10.09 2.50
CA SER A 520 -41.84 11.06 2.42
C SER A 520 -40.62 10.49 1.70
N SER A 521 -39.75 11.41 1.27
CA SER A 521 -38.50 10.98 0.66
C SER A 521 -37.66 10.18 1.64
N ILE A 522 -37.60 10.58 2.92
CA ILE A 522 -36.73 9.86 3.83
C ILE A 522 -37.29 8.45 4.13
N ALA A 523 -38.60 8.27 4.14
CA ALA A 523 -39.14 6.92 4.34
C ALA A 523 -38.75 5.98 3.20
N ARG A 524 -38.57 6.52 1.99
CA ARG A 524 -38.18 5.70 0.85
CA ARG A 524 -38.19 5.68 0.87
C ARG A 524 -36.69 5.38 0.90
N ARG A 525 -35.88 6.37 1.26
CA ARG A 525 -34.42 6.21 1.27
C ARG A 525 -33.93 5.46 2.50
N ALA A 526 -34.62 5.62 3.62
CA ALA A 526 -34.27 4.91 4.84
C ALA A 526 -35.38 3.93 5.20
N ALA A 527 -35.79 3.09 4.23
CA ALA A 527 -36.91 2.19 4.48
C ALA A 527 -36.59 1.20 5.60
N PHE A 528 -35.32 0.79 5.72
CA PHE A 528 -34.91 -0.09 6.82
C PHE A 528 -35.38 0.44 8.16
N ALA A 529 -35.43 1.78 8.30
CA ALA A 529 -35.69 2.41 9.58
C ALA A 529 -37.18 2.41 9.93
N THR A 530 -38.06 1.91 9.06
CA THR A 530 -39.49 1.88 9.34
C THR A 530 -39.94 0.63 10.07
N LYS A 531 -39.06 -0.38 10.19
CA LYS A 531 -39.42 -1.63 10.83
C LYS A 531 -38.28 -2.06 11.73
N ASP A 532 -38.60 -2.83 12.77
CA ASP A 532 -37.61 -3.18 13.77
C ASP A 532 -36.71 -4.32 13.34
N LEU A 533 -37.22 -5.26 12.55
CA LEU A 533 -36.44 -6.46 12.30
C LEU A 533 -36.68 -6.94 10.87
N TRP A 534 -35.59 -7.21 10.16
CA TRP A 534 -35.64 -7.76 8.82
C TRP A 534 -34.75 -8.99 8.80
N VAL A 535 -35.16 -10.02 8.06
CA VAL A 535 -34.31 -11.19 7.86
C VAL A 535 -34.18 -11.44 6.37
N THR A 536 -32.94 -11.56 5.89
CA THR A 536 -32.68 -11.87 4.50
C THR A 536 -31.84 -13.14 4.39
N ARG A 537 -31.90 -13.74 3.22
CA ARG A 537 -30.98 -14.80 2.88
C ARG A 537 -29.64 -14.20 2.48
N TYR A 538 -28.55 -14.78 2.99
CA TYR A 538 -27.23 -14.22 2.74
C TYR A 538 -26.91 -14.15 1.25
N ALA A 539 -26.40 -13.00 0.81
CA ALA A 539 -25.83 -12.85 -0.53
C ALA A 539 -24.61 -11.94 -0.43
N ASP A 540 -23.58 -12.26 -1.22
CA ASP A 540 -22.32 -11.54 -1.19
C ASP A 540 -22.48 -10.03 -1.36
N ASP A 541 -23.35 -9.60 -2.28
CA ASP A 541 -23.45 -8.19 -2.65
C ASP A 541 -24.49 -7.42 -1.84
N GLU A 542 -25.20 -8.06 -0.92
CA GLU A 542 -26.23 -7.39 -0.13
C GLU A 542 -25.62 -6.97 1.21
N ARG A 543 -24.89 -5.85 1.19
CA ARG A 543 -24.11 -5.45 2.35
C ARG A 543 -24.75 -4.35 3.19
N TYR A 544 -25.49 -3.41 2.60
CA TYR A 544 -25.95 -2.29 3.38
C TYR A 544 -27.45 -2.18 3.25
N PRO A 545 -28.15 -1.78 4.32
CA PRO A 545 -29.63 -1.76 4.27
C PRO A 545 -30.18 -0.71 3.34
N THR A 546 -29.35 0.25 2.93
CA THR A 546 -29.71 1.36 2.06
C THR A 546 -29.09 1.24 0.68
N GLY A 547 -28.39 0.15 0.38
CA GLY A 547 -27.66 0.03 -0.89
C GLY A 547 -26.23 0.57 -0.82
N ASP A 548 -25.51 0.44 -1.95
CA ASP A 548 -24.08 0.75 -1.96
C ASP A 548 -23.81 2.25 -2.04
N PHE A 549 -24.66 3.00 -2.72
CA PHE A 549 -24.46 4.42 -2.99
C PHE A 549 -25.68 5.14 -2.44
N VAL A 550 -25.58 5.60 -1.18
CA VAL A 550 -26.72 6.21 -0.51
C VAL A 550 -26.90 7.66 -0.95
N ASN A 551 -25.78 8.35 -1.18
CA ASN A 551 -25.79 9.78 -1.45
C ASN A 551 -26.64 10.08 -2.67
N GLN A 552 -27.74 10.81 -2.47
CA GLN A 552 -28.60 11.27 -3.55
C GLN A 552 -29.20 10.10 -4.35
N HIS A 553 -29.50 9.00 -3.68
CA HIS A 553 -30.27 7.95 -4.32
C HIS A 553 -31.75 8.18 -4.04
N SER A 554 -32.60 7.94 -5.05
CA SER A 554 -33.98 8.40 -4.98
C SER A 554 -34.83 7.57 -4.03
N GLY A 555 -34.43 6.34 -3.72
CA GLY A 555 -35.09 5.53 -2.73
C GLY A 555 -35.30 4.09 -3.18
N GLY A 556 -35.58 3.21 -2.21
CA GLY A 556 -35.94 1.85 -2.51
C GLY A 556 -34.79 0.87 -2.60
N ALA A 557 -33.55 1.36 -2.64
CA ALA A 557 -32.42 0.44 -2.69
C ALA A 557 -32.25 -0.25 -1.34
N GLY A 558 -31.47 -1.32 -1.35
CA GLY A 558 -31.22 -2.01 -0.09
C GLY A 558 -32.35 -2.92 0.30
N LEU A 559 -32.71 -2.92 1.59
CA LEU A 559 -33.55 -3.97 2.16
C LEU A 559 -34.87 -4.21 1.42
N PRO A 560 -35.67 -3.19 1.06
CA PRO A 560 -36.91 -3.52 0.36
C PRO A 560 -36.67 -4.27 -0.94
N SER A 561 -35.56 -3.99 -1.63
CA SER A 561 -35.24 -4.70 -2.87
CA SER A 561 -35.26 -4.69 -2.86
C SER A 561 -34.73 -6.11 -2.60
N TYR A 562 -33.95 -6.28 -1.53
CA TYR A 562 -33.50 -7.60 -1.13
C TYR A 562 -34.67 -8.54 -0.82
N ILE A 563 -35.57 -8.12 0.08
CA ILE A 563 -36.62 -9.01 0.56
C ILE A 563 -37.66 -9.29 -0.53
N ALA A 564 -37.72 -8.45 -1.57
CA ALA A 564 -38.65 -8.71 -2.66
C ALA A 564 -38.30 -9.99 -3.41
N GLN A 565 -37.07 -10.50 -3.27
CA GLN A 565 -36.72 -11.79 -3.87
C GLN A 565 -37.42 -12.96 -3.19
N ASP A 566 -37.95 -12.77 -1.97
CA ASP A 566 -38.81 -13.74 -1.30
C ASP A 566 -38.12 -15.11 -1.19
N ARG A 567 -36.87 -15.09 -0.76
CA ARG A 567 -36.08 -16.31 -0.70
C ARG A 567 -36.40 -17.11 0.57
N ASP A 568 -36.02 -18.38 0.52
CA ASP A 568 -36.24 -19.31 1.61
C ASP A 568 -35.26 -18.98 2.73
N ILE A 569 -35.77 -18.79 3.95
CA ILE A 569 -34.90 -18.50 5.09
C ILE A 569 -35.12 -19.49 6.24
N ASP A 570 -35.76 -20.62 5.98
CA ASP A 570 -36.07 -21.58 7.04
C ASP A 570 -34.97 -22.64 7.09
N GLY A 571 -33.96 -22.40 7.93
CA GLY A 571 -32.84 -23.31 8.00
C GLY A 571 -31.83 -23.07 6.89
N GLN A 572 -31.39 -21.83 6.77
CA GLN A 572 -30.57 -21.36 5.66
C GLN A 572 -29.52 -20.40 6.20
N ASP A 573 -28.67 -19.92 5.29
CA ASP A 573 -27.63 -18.95 5.62
C ASP A 573 -28.30 -17.59 5.63
N ILE A 574 -28.55 -17.03 6.83
CA ILE A 574 -29.40 -15.86 6.92
C ILE A 574 -28.67 -14.70 7.58
N VAL A 575 -29.26 -13.52 7.43
CA VAL A 575 -28.73 -12.27 7.98
C VAL A 575 -29.88 -11.56 8.68
N VAL A 576 -29.64 -11.13 9.91
CA VAL A 576 -30.62 -10.39 10.68
C VAL A 576 -30.22 -8.91 10.65
N TRP A 577 -31.16 -8.03 10.31
CA TRP A 577 -30.94 -6.59 10.31
C TRP A 577 -31.86 -5.99 11.37
N HIS A 578 -31.29 -5.44 12.44
CA HIS A 578 -32.11 -4.87 13.51
C HIS A 578 -31.99 -3.34 13.50
N THR A 579 -33.13 -2.67 13.37
CA THR A 579 -33.23 -1.22 13.49
C THR A 579 -33.46 -0.84 14.95
N PHE A 580 -32.71 0.16 15.44
CA PHE A 580 -32.89 0.69 16.79
C PHE A 580 -32.40 2.13 16.83
N GLY A 581 -32.99 2.94 17.70
CA GLY A 581 -32.63 4.34 17.66
C GLY A 581 -33.15 5.15 18.83
N LEU A 582 -32.70 6.40 18.87
CA LEU A 582 -33.14 7.36 19.89
C LEU A 582 -33.99 8.43 19.22
N THR A 583 -35.09 8.80 19.87
CA THR A 583 -35.87 9.96 19.46
C THR A 583 -35.52 11.11 20.39
N HIS A 584 -34.94 12.17 19.84
CA HIS A 584 -34.28 13.19 20.65
C HIS A 584 -35.10 14.48 20.59
N PHE A 585 -35.80 14.77 21.68
CA PHE A 585 -36.40 16.08 21.94
C PHE A 585 -35.42 16.82 22.82
N PRO A 586 -34.60 17.73 22.28
CA PRO A 586 -33.48 18.23 23.05
C PRO A 586 -33.93 18.96 24.31
N ARG A 587 -33.16 18.82 25.37
CA ARG A 587 -33.47 19.43 26.64
C ARG A 587 -32.41 20.49 26.95
N VAL A 588 -32.75 21.39 27.88
CA VAL A 588 -31.81 22.44 28.24
C VAL A 588 -30.47 21.86 28.67
N GLU A 589 -30.52 20.72 29.38
CA GLU A 589 -29.32 20.05 29.87
C GLU A 589 -28.43 19.50 28.76
N ASP A 590 -28.92 19.43 27.51
CA ASP A 590 -28.09 19.00 26.40
C ASP A 590 -27.16 20.11 25.89
N TRP A 591 -27.30 21.32 26.41
CA TRP A 591 -26.60 22.52 25.96
C TRP A 591 -25.65 23.02 27.05
N PRO A 592 -24.41 23.46 26.70
CA PRO A 592 -23.84 23.66 25.37
C PRO A 592 -23.11 22.46 24.77
N ILE A 593 -22.95 21.39 25.55
CA ILE A 593 -22.38 20.14 25.07
C ILE A 593 -23.09 19.00 25.77
N MET A 594 -23.42 17.97 25.03
CA MET A 594 -24.51 17.14 25.54
C MET A 594 -23.99 15.93 26.29
N PRO A 595 -24.49 15.64 27.50
CA PRO A 595 -24.09 14.39 28.17
C PRO A 595 -24.55 13.19 27.37
N VAL A 596 -23.77 12.13 27.45
CA VAL A 596 -24.00 10.90 26.67
C VAL A 596 -25.39 10.36 26.96
N ASP A 597 -26.11 10.02 25.89
CA ASP A 597 -27.29 9.15 25.96
C ASP A 597 -26.99 7.89 25.16
N THR A 598 -27.71 6.80 25.46
CA THR A 598 -27.36 5.49 24.92
C THR A 598 -28.56 4.76 24.36
N VAL A 599 -28.27 3.81 23.46
CA VAL A 599 -29.27 2.89 22.94
C VAL A 599 -28.51 1.68 22.40
N GLY A 600 -29.19 0.56 22.28
CA GLY A 600 -28.55 -0.63 21.75
C GLY A 600 -29.46 -1.84 21.76
N PHE A 601 -28.86 -3.02 21.90
CA PHE A 601 -29.58 -4.29 21.86
C PHE A 601 -28.66 -5.34 22.44
N LYS A 602 -29.22 -6.52 22.71
CA LYS A 602 -28.39 -7.60 23.19
C LYS A 602 -28.94 -8.95 22.72
N LEU A 603 -28.05 -9.94 22.70
CA LEU A 603 -28.37 -11.31 22.37
C LEU A 603 -27.93 -12.21 23.51
N ARG A 604 -28.83 -13.06 24.00
CA ARG A 604 -28.51 -13.95 25.11
C ARG A 604 -28.72 -15.39 24.65
N PRO A 605 -27.88 -16.32 25.07
CA PRO A 605 -28.10 -17.74 24.75
C PRO A 605 -29.49 -18.18 25.20
N GLU A 606 -30.13 -19.01 24.37
CA GLU A 606 -31.45 -19.57 24.65
C GLU A 606 -31.37 -21.08 24.41
N GLY A 607 -30.90 -21.84 25.40
CA GLY A 607 -30.68 -23.26 25.15
C GLY A 607 -29.56 -23.55 24.18
N PHE A 608 -28.60 -22.62 24.04
CA PHE A 608 -27.38 -22.87 23.28
C PHE A 608 -26.47 -23.84 24.02
N PHE A 609 -26.34 -23.67 25.33
CA PHE A 609 -25.50 -24.48 26.18
C PHE A 609 -26.35 -25.54 26.87
N ASP A 610 -25.69 -26.55 27.44
CA ASP A 610 -26.41 -27.64 28.09
C ASP A 610 -26.68 -27.37 29.56
N ARG A 611 -26.21 -26.24 30.07
CA ARG A 611 -26.39 -25.79 31.45
C ARG A 611 -25.70 -24.43 31.51
N SER A 612 -25.65 -23.79 32.66
CA SER A 612 -24.97 -22.50 32.72
C SER A 612 -23.52 -22.66 32.22
N PRO A 613 -23.05 -21.78 31.32
CA PRO A 613 -21.66 -21.86 30.86
C PRO A 613 -20.64 -21.23 31.81
N VAL A 614 -21.03 -20.77 33.01
CA VAL A 614 -20.09 -20.11 33.90
C VAL A 614 -19.95 -20.86 35.23
N LEU A 615 -20.17 -22.18 35.21
CA LEU A 615 -19.95 -22.96 36.42
C LEU A 615 -18.46 -23.10 36.75
N ASP A 616 -17.58 -22.89 35.77
CA ASP A 616 -16.16 -23.05 36.01
C ASP A 616 -15.45 -21.74 36.31
N VAL A 617 -16.19 -20.69 36.60
CA VAL A 617 -15.57 -19.42 36.98
C VAL A 617 -15.12 -19.52 38.44
N PRO A 618 -13.90 -19.12 38.78
CA PRO A 618 -13.41 -19.29 40.15
C PRO A 618 -13.91 -18.17 41.06
N ALA A 619 -13.74 -18.41 42.36
CA ALA A 619 -14.01 -17.36 43.34
C ALA A 619 -12.91 -16.31 43.28
N ASN A 620 -13.30 -15.05 43.40
CA ASN A 620 -12.38 -13.91 43.20
C ASN A 620 -11.09 -14.02 44.00
N ALA B 1 33.63 15.20 6.99
CA ALA B 1 32.60 16.20 7.20
C ALA B 1 31.46 16.05 6.20
N SER B 2 31.76 15.41 5.05
CA SER B 2 30.84 15.37 3.93
C SER B 2 29.70 14.40 4.18
N PRO B 3 28.44 14.80 3.99
CA PRO B 3 27.31 13.86 4.13
C PRO B 3 27.29 12.74 3.11
N PHE B 4 28.14 12.78 2.08
CA PHE B 4 28.20 11.75 1.06
C PHE B 4 29.35 10.78 1.30
N ARG B 5 29.97 10.83 2.47
CA ARG B 5 31.07 9.93 2.77
C ARG B 5 30.59 8.47 2.84
N LEU B 6 31.51 7.55 2.56
CA LEU B 6 31.19 6.14 2.68
C LEU B 6 30.79 5.80 4.11
N ALA B 7 29.92 4.81 4.24
CA ALA B 7 29.61 4.27 5.56
C ALA B 7 30.87 3.71 6.20
N SER B 8 31.07 3.99 7.49
CA SER B 8 32.21 3.47 8.22
C SER B 8 31.78 2.25 9.02
N ALA B 9 32.77 1.43 9.39
CA ALA B 9 32.47 0.27 10.24
C ALA B 9 31.81 0.72 11.55
N GLY B 10 32.29 1.82 12.14
CA GLY B 10 31.69 2.33 13.35
C GLY B 10 30.23 2.70 13.17
N GLU B 11 29.87 3.30 12.03
CA GLU B 11 28.47 3.58 11.77
C GLU B 11 27.65 2.30 11.73
N ILE B 12 28.19 1.26 11.11
CA ILE B 12 27.48 -0.02 11.02
CA ILE B 12 27.45 0.01 11.02
C ILE B 12 27.33 -0.64 12.39
N SER B 13 28.38 -0.55 13.22
CA SER B 13 28.29 -1.09 14.57
C SER B 13 27.24 -0.37 15.40
N GLU B 14 27.10 0.95 15.20
CA GLU B 14 26.05 1.68 15.91
C GLU B 14 24.67 1.25 15.45
N VAL B 15 24.48 1.06 14.15
CA VAL B 15 23.19 0.61 13.64
C VAL B 15 22.82 -0.74 14.25
N GLN B 16 23.77 -1.66 14.31
CA GLN B 16 23.51 -2.96 14.93
C GLN B 16 23.11 -2.79 16.39
N GLY B 17 23.79 -1.89 17.11
CA GLY B 17 23.45 -1.67 18.52
C GLY B 17 22.06 -1.11 18.69
N ILE B 18 21.73 -0.07 17.91
CA ILE B 18 20.38 0.51 17.94
C ILE B 18 19.33 -0.54 17.65
N LEU B 19 19.52 -1.32 16.59
CA LEU B 19 18.54 -2.37 16.27
C LEU B 19 18.44 -3.39 17.40
N ARG B 20 19.58 -3.82 17.94
CA ARG B 20 19.58 -4.81 19.01
C ARG B 20 18.81 -4.31 20.22
N THR B 21 19.17 -3.12 20.70
CA THR B 21 18.52 -2.53 21.87
CA THR B 21 18.51 -2.56 21.89
C THR B 21 17.01 -2.41 21.67
N ALA B 22 16.60 -1.98 20.48
CA ALA B 22 15.19 -1.76 20.20
C ALA B 22 14.40 -3.06 20.12
N GLY B 23 15.06 -4.21 20.16
CA GLY B 23 14.39 -5.48 20.08
C GLY B 23 14.22 -6.03 18.68
N LEU B 24 14.84 -5.42 17.68
CA LEU B 24 14.59 -5.78 16.29
C LEU B 24 15.63 -6.73 15.70
N LEU B 25 16.62 -7.17 16.48
CA LEU B 25 17.71 -7.99 15.96
C LEU B 25 17.88 -9.27 16.78
N GLY B 26 16.78 -9.95 17.09
CA GLY B 26 16.86 -11.22 17.78
C GLY B 26 17.53 -12.31 16.96
N PRO B 27 17.74 -13.47 17.59
CA PRO B 27 18.48 -14.55 16.93
C PRO B 27 17.78 -15.13 15.71
N GLU B 28 16.50 -14.84 15.50
CA GLU B 28 15.80 -15.28 14.31
C GLU B 28 15.76 -14.21 13.22
N LYS B 29 16.39 -13.06 13.45
CA LYS B 29 16.46 -11.97 12.47
C LYS B 29 17.70 -12.09 11.58
N ARG B 30 17.57 -11.63 10.34
CA ARG B 30 18.72 -11.46 9.46
C ARG B 30 18.57 -10.14 8.72
N ILE B 31 19.66 -9.39 8.61
CA ILE B 31 19.67 -8.17 7.80
C ILE B 31 19.83 -8.57 6.34
N ALA B 32 18.83 -8.27 5.51
CA ALA B 32 18.89 -8.59 4.09
C ALA B 32 19.36 -7.41 3.24
N TYR B 33 19.32 -6.21 3.79
CA TYR B 33 19.82 -5.02 3.11
C TYR B 33 20.11 -3.97 4.17
N LEU B 34 21.24 -3.29 4.03
CA LEU B 34 21.56 -2.14 4.87
C LEU B 34 22.28 -1.12 4.01
N GLY B 35 21.84 0.13 4.05
CA GLY B 35 22.50 1.14 3.25
C GLY B 35 22.19 2.52 3.76
N VAL B 36 23.13 3.44 3.56
CA VAL B 36 22.94 4.82 3.95
C VAL B 36 21.94 5.49 3.00
N LEU B 37 21.18 6.43 3.55
CA LEU B 37 20.22 7.19 2.76
C LEU B 37 20.88 8.48 2.29
N ASP B 38 20.57 8.90 1.06
CA ASP B 38 21.08 10.15 0.58
C ASP B 38 20.43 11.32 1.31
N PRO B 39 21.15 12.43 1.51
CA PRO B 39 20.54 13.64 2.07
C PRO B 39 19.33 14.06 1.26
N ALA B 40 18.35 14.64 1.94
CA ALA B 40 17.16 15.08 1.24
C ALA B 40 17.43 16.38 0.51
N ARG B 41 16.54 16.71 -0.42
CA ARG B 41 16.68 17.94 -1.20
C ARG B 41 16.52 19.15 -0.28
N GLY B 42 17.57 19.96 -0.18
CA GLY B 42 17.62 21.01 0.80
C GLY B 42 18.64 20.72 1.89
N ALA B 43 19.84 20.34 1.47
CA ALA B 43 20.96 20.14 2.38
C ALA B 43 21.59 21.46 2.82
N GLY B 44 21.00 22.59 2.44
CA GLY B 44 21.52 23.90 2.77
C GLY B 44 21.40 24.28 4.22
N SER B 45 21.10 23.31 5.08
CA SER B 45 21.12 23.50 6.53
C SER B 45 22.35 22.89 7.19
N GLU B 46 23.01 21.92 6.54
CA GLU B 46 24.23 21.27 7.04
C GLU B 46 24.02 20.49 8.34
N ALA B 47 22.82 20.58 8.93
CA ALA B 47 22.49 19.69 10.03
C ALA B 47 22.49 18.25 9.53
N GLU B 48 23.67 17.65 9.47
CA GLU B 48 23.84 16.35 8.84
C GLU B 48 23.25 15.26 9.74
N ASP B 49 22.30 14.50 9.19
CA ASP B 49 21.68 13.38 9.88
C ASP B 49 21.99 12.13 9.07
N ARG B 50 22.94 11.33 9.54
CA ARG B 50 23.31 10.09 8.85
C ARG B 50 22.27 9.01 9.15
N ARG B 51 21.43 8.73 8.16
CA ARG B 51 20.35 7.76 8.29
C ARG B 51 20.64 6.51 7.47
N PHE B 52 20.15 5.38 7.97
CA PHE B 52 20.35 4.11 7.31
C PHE B 52 19.00 3.41 7.14
N ARG B 53 18.83 2.79 5.98
CA ARG B 53 17.67 1.98 5.69
C ARG B 53 18.07 0.52 5.88
N VAL B 54 17.19 -0.27 6.53
CA VAL B 54 17.49 -1.67 6.83
C VAL B 54 16.27 -2.52 6.47
N PHE B 55 16.48 -3.65 5.78
CA PHE B 55 15.48 -4.68 5.58
C PHE B 55 15.81 -5.85 6.52
N ILE B 56 14.86 -6.24 7.37
CA ILE B 56 15.10 -7.28 8.37
C ILE B 56 14.21 -8.48 8.07
N HIS B 57 14.83 -9.62 7.78
CA HIS B 57 14.16 -10.88 7.53
C HIS B 57 14.06 -11.67 8.84
N ASP B 58 13.06 -12.56 8.91
CA ASP B 58 12.83 -13.41 10.08
C ASP B 58 12.80 -14.86 9.63
N VAL B 59 13.77 -15.66 10.12
CA VAL B 59 13.92 -17.02 9.61
C VAL B 59 12.90 -17.98 10.18
N SER B 60 12.07 -17.53 11.11
CA SER B 60 11.06 -18.34 11.77
C SER B 60 9.66 -18.18 11.18
N GLY B 61 9.49 -17.37 10.15
CA GLY B 61 8.20 -17.17 9.53
C GLY B 61 7.47 -15.90 9.93
N ALA B 62 8.00 -15.14 10.89
CA ALA B 62 7.37 -13.87 11.26
C ALA B 62 7.51 -12.87 10.10
N ARG B 63 6.72 -11.80 10.18
CA ARG B 63 6.72 -10.82 9.11
C ARG B 63 8.05 -10.05 9.10
N PRO B 64 8.63 -9.81 7.93
CA PRO B 64 9.85 -9.00 7.89
C PRO B 64 9.50 -7.54 8.16
N GLN B 65 10.54 -6.73 8.36
CA GLN B 65 10.36 -5.32 8.67
C GLN B 65 11.26 -4.43 7.81
N GLU B 66 10.79 -3.23 7.52
CA GLU B 66 11.62 -2.17 6.98
C GLU B 66 11.85 -1.13 8.07
N VAL B 67 13.10 -0.73 8.27
CA VAL B 67 13.49 0.10 9.41
C VAL B 67 14.45 1.19 8.95
N THR B 68 14.18 2.42 9.36
CA THR B 68 15.08 3.54 9.15
C THR B 68 15.66 3.96 10.49
N VAL B 69 16.97 4.13 10.53
CA VAL B 69 17.71 4.43 11.75
C VAL B 69 18.53 5.70 11.52
N SER B 70 18.65 6.51 12.56
CA SER B 70 19.55 7.67 12.55
C SER B 70 20.74 7.35 13.45
N VAL B 71 21.92 7.18 12.86
CA VAL B 71 23.12 7.02 13.68
CA VAL B 71 23.14 7.02 13.64
C VAL B 71 23.55 8.36 14.26
N THR B 72 23.11 9.46 13.67
CA THR B 72 23.39 10.79 14.18
C THR B 72 22.56 11.12 15.43
N ASN B 73 21.42 10.45 15.63
CA ASN B 73 20.62 10.64 16.83
C ASN B 73 20.47 9.37 17.65
N GLY B 74 21.05 8.26 17.21
CA GLY B 74 20.95 7.02 17.94
C GLY B 74 19.54 6.49 18.16
N THR B 75 18.60 6.77 17.25
CA THR B 75 17.23 6.31 17.44
C THR B 75 16.67 5.63 16.19
N VAL B 76 15.67 4.79 16.41
CA VAL B 76 14.90 4.19 15.33
C VAL B 76 13.86 5.22 14.88
N ILE B 77 13.92 5.60 13.60
CA ILE B 77 13.02 6.63 13.07
C ILE B 77 11.66 6.02 12.71
N SER B 78 11.66 4.87 12.02
CA SER B 78 10.42 4.17 11.75
C SER B 78 10.72 2.69 11.60
N ALA B 79 9.69 1.88 11.85
CA ALA B 79 9.78 0.44 11.67
C ALA B 79 8.42 -0.06 11.20
N VAL B 80 8.39 -0.72 10.05
CA VAL B 80 7.14 -1.12 9.40
C VAL B 80 7.18 -2.62 9.22
N GLU B 81 6.11 -3.31 9.63
CA GLU B 81 5.95 -4.71 9.25
C GLU B 81 5.49 -4.78 7.80
N LEU B 82 6.10 -5.68 7.03
CA LEU B 82 5.78 -5.80 5.62
C LEU B 82 4.89 -7.00 5.37
N ASP B 83 3.85 -6.80 4.58
CA ASP B 83 3.03 -7.90 4.06
C ASP B 83 3.61 -8.26 2.71
N THR B 84 4.35 -9.37 2.65
CA THR B 84 5.12 -9.67 1.44
C THR B 84 4.26 -10.21 0.32
N ALA B 85 3.11 -10.83 0.63
CA ALA B 85 2.16 -11.16 -0.42
C ALA B 85 1.75 -9.91 -1.17
N ALA B 86 1.74 -8.77 -0.49
CA ALA B 86 1.39 -7.51 -1.14
C ALA B 86 2.58 -6.89 -1.85
N THR B 87 3.64 -6.55 -1.10
CA THR B 87 4.68 -5.66 -1.60
C THR B 87 5.96 -6.38 -2.02
N GLY B 88 6.01 -7.71 -1.95
CA GLY B 88 7.15 -8.46 -2.43
C GLY B 88 8.01 -8.99 -1.31
N GLU B 89 8.77 -10.04 -1.62
CA GLU B 89 9.66 -10.61 -0.63
C GLU B 89 10.98 -9.83 -0.56
N LEU B 90 11.76 -10.11 0.48
CA LEU B 90 13.04 -9.47 0.68
C LEU B 90 14.09 -10.10 -0.22
N PRO B 91 15.24 -9.43 -0.46
CA PRO B 91 16.27 -9.99 -1.34
C PRO B 91 16.79 -11.33 -0.84
N VAL B 92 17.28 -12.14 -1.78
CA VAL B 92 17.89 -13.42 -1.43
C VAL B 92 19.04 -13.19 -0.47
N LEU B 93 19.11 -14.03 0.57
CA LEU B 93 20.19 -14.00 1.55
C LEU B 93 21.32 -14.90 1.08
N GLU B 94 22.56 -14.50 1.35
CA GLU B 94 23.69 -15.34 0.98
C GLU B 94 23.61 -16.70 1.67
N GLU B 95 23.18 -16.75 2.93
CA GLU B 95 23.10 -18.03 3.61
C GLU B 95 22.01 -18.93 3.03
N GLU B 96 21.12 -18.41 2.20
CA GLU B 96 20.13 -19.27 1.57
C GLU B 96 20.67 -20.03 0.37
N PHE B 97 21.85 -19.67 -0.15
CA PHE B 97 22.41 -20.35 -1.32
C PHE B 97 22.54 -21.85 -1.05
N GLU B 98 23.05 -22.22 0.12
CA GLU B 98 23.28 -23.63 0.43
C GLU B 98 21.97 -24.36 0.73
N VAL B 99 20.95 -23.64 1.18
CA VAL B 99 19.81 -24.27 1.81
C VAL B 99 18.99 -25.03 0.78
N VAL B 100 18.99 -24.58 -0.48
CA VAL B 100 18.24 -25.28 -1.51
C VAL B 100 18.84 -26.67 -1.76
N GLU B 101 20.16 -26.76 -1.85
CA GLU B 101 20.79 -28.05 -2.09
C GLU B 101 20.59 -29.01 -0.92
N GLN B 102 20.79 -28.52 0.30
CA GLN B 102 20.62 -29.38 1.47
C GLN B 102 19.18 -29.87 1.65
N LEU B 103 18.18 -29.02 1.37
CA LEU B 103 16.80 -29.46 1.54
C LEU B 103 16.44 -30.54 0.53
N LEU B 104 16.96 -30.42 -0.69
CA LEU B 104 16.66 -31.38 -1.73
C LEU B 104 17.35 -32.72 -1.47
N ALA B 105 18.50 -32.69 -0.80
CA ALA B 105 19.33 -33.88 -0.62
C ALA B 105 18.67 -34.92 0.30
N THR B 106 17.70 -34.52 1.10
CA THR B 106 16.94 -35.45 1.92
C THR B 106 15.53 -35.66 1.40
N ASP B 107 15.22 -35.16 0.21
CA ASP B 107 13.89 -35.32 -0.35
C ASP B 107 13.78 -36.60 -1.18
N GLU B 108 12.73 -37.39 -0.93
N GLU B 108 12.72 -37.38 -0.92
CA GLU B 108 12.58 -38.67 -1.61
CA GLU B 108 12.56 -38.67 -1.59
C GLU B 108 12.35 -38.50 -3.10
C GLU B 108 12.34 -38.49 -3.09
N ARG B 109 11.55 -37.49 -3.50
CA ARG B 109 11.35 -37.27 -4.93
C ARG B 109 12.65 -36.86 -5.61
N TRP B 110 13.41 -35.96 -4.98
CA TRP B 110 14.69 -35.55 -5.54
C TRP B 110 15.63 -36.74 -5.68
N LEU B 111 15.77 -37.53 -4.61
CA LEU B 111 16.68 -38.67 -4.65
C LEU B 111 16.24 -39.69 -5.68
N LYS B 112 14.92 -39.84 -5.87
CA LYS B 112 14.42 -40.73 -6.91
C LYS B 112 14.88 -40.28 -8.29
N ALA B 113 14.79 -38.98 -8.57
CA ALA B 113 15.22 -38.46 -9.87
C ALA B 113 16.71 -38.64 -10.07
N LEU B 114 17.52 -38.34 -9.05
CA LEU B 114 18.96 -38.54 -9.18
C LEU B 114 19.31 -40.01 -9.39
N ALA B 115 18.65 -40.91 -8.66
CA ALA B 115 18.99 -42.33 -8.75
C ALA B 115 18.69 -42.89 -10.14
N ALA B 116 17.59 -42.43 -10.76
CA ALA B 116 17.28 -42.84 -12.14
C ALA B 116 18.33 -42.37 -13.13
N ARG B 117 19.14 -41.36 -12.78
CA ARG B 117 20.22 -40.89 -13.62
C ARG B 117 21.58 -41.35 -13.11
N ASN B 118 21.61 -42.14 -12.05
CA ASN B 118 22.84 -42.72 -11.52
C ASN B 118 23.81 -41.66 -11.02
N LEU B 119 23.26 -40.60 -10.45
CA LEU B 119 24.07 -39.50 -9.93
C LEU B 119 24.22 -39.61 -8.42
N ASP B 120 25.45 -39.58 -7.94
CA ASP B 120 25.70 -39.55 -6.50
C ASP B 120 25.28 -38.19 -5.96
N VAL B 121 24.34 -38.19 -4.99
CA VAL B 121 23.77 -36.96 -4.47
C VAL B 121 24.85 -36.05 -3.90
N SER B 122 25.96 -36.61 -3.44
CA SER B 122 27.03 -35.78 -2.91
C SER B 122 27.78 -35.01 -3.99
N LYS B 123 27.57 -35.37 -5.26
N LYS B 123 27.57 -35.35 -5.27
CA LYS B 123 28.23 -34.72 -6.39
CA LYS B 123 28.24 -34.68 -6.38
C LYS B 123 27.27 -33.85 -7.20
C LYS B 123 27.37 -33.61 -7.03
N VAL B 124 26.11 -33.51 -6.65
CA VAL B 124 25.13 -32.70 -7.35
C VAL B 124 25.03 -31.35 -6.67
N ARG B 125 25.43 -30.29 -7.38
CA ARG B 125 25.22 -28.92 -6.95
C ARG B 125 23.88 -28.40 -7.44
N VAL B 126 23.26 -27.54 -6.65
CA VAL B 126 21.94 -26.99 -6.98
C VAL B 126 22.03 -25.47 -6.96
N ALA B 127 21.78 -24.85 -8.10
CA ALA B 127 21.83 -23.38 -8.17
C ALA B 127 20.61 -22.79 -7.48
N PRO B 128 20.78 -21.80 -6.60
CA PRO B 128 19.62 -21.16 -5.95
C PRO B 128 19.05 -20.00 -6.74
N LEU B 129 18.01 -20.26 -7.53
CA LEU B 129 17.49 -19.29 -8.50
C LEU B 129 16.21 -18.64 -8.00
N SER B 130 16.07 -17.34 -8.28
CA SER B 130 14.88 -16.63 -7.83
C SER B 130 13.67 -17.18 -8.55
N ALA B 131 12.50 -17.07 -7.90
CA ALA B 131 11.35 -17.84 -8.35
C ALA B 131 10.47 -17.10 -9.33
N GLY B 132 10.40 -15.77 -9.23
CA GLY B 132 9.42 -15.00 -9.96
C GLY B 132 8.01 -15.33 -9.48
N VAL B 133 7.03 -14.93 -10.29
CA VAL B 133 5.61 -15.12 -9.99
C VAL B 133 4.97 -15.71 -11.23
N PHE B 134 4.47 -16.94 -11.12
CA PHE B 134 3.79 -17.57 -12.24
C PHE B 134 2.43 -18.10 -11.80
N GLU B 135 2.13 -19.36 -12.10
CA GLU B 135 0.76 -19.87 -11.95
C GLU B 135 0.50 -20.57 -10.63
N TYR B 136 1.50 -20.65 -9.74
CA TYR B 136 1.42 -21.49 -8.54
C TYR B 136 0.84 -20.68 -7.40
N ALA B 137 -0.47 -20.84 -7.15
CA ALA B 137 -1.15 -20.04 -6.13
C ALA B 137 -0.55 -20.28 -4.74
N GLU B 138 -0.03 -21.48 -4.49
CA GLU B 138 0.52 -21.78 -3.16
C GLU B 138 1.75 -20.96 -2.84
N GLU B 139 2.35 -20.28 -3.82
CA GLU B 139 3.58 -19.55 -3.58
C GLU B 139 3.36 -18.14 -3.06
N ARG B 140 2.16 -17.59 -3.21
CA ARG B 140 1.90 -16.21 -2.79
C ARG B 140 2.11 -16.04 -1.29
N GLY B 141 2.98 -15.11 -0.92
CA GLY B 141 3.32 -14.87 0.48
C GLY B 141 4.36 -15.79 1.06
N ARG B 142 4.85 -16.76 0.29
CA ARG B 142 5.92 -17.62 0.76
C ARG B 142 7.22 -17.28 0.05
N ARG B 143 8.32 -17.61 0.72
CA ARG B 143 9.66 -17.34 0.24
C ARG B 143 10.16 -18.57 -0.51
N ILE B 144 10.13 -18.52 -1.84
CA ILE B 144 10.41 -19.67 -2.69
C ILE B 144 11.71 -19.41 -3.44
N LEU B 145 12.56 -20.43 -3.51
CA LEU B 145 13.63 -20.49 -4.50
C LEU B 145 13.43 -21.74 -5.35
N ARG B 146 13.87 -21.67 -6.60
CA ARG B 146 13.83 -22.82 -7.49
C ARG B 146 15.25 -23.34 -7.70
N GLY B 147 15.38 -24.63 -7.95
CA GLY B 147 16.69 -25.24 -8.00
C GLY B 147 16.94 -26.00 -9.27
N LEU B 148 18.05 -25.70 -9.94
CA LEU B 148 18.51 -26.45 -11.11
C LEU B 148 19.83 -27.11 -10.76
N ALA B 149 20.00 -28.36 -11.20
CA ALA B 149 21.09 -29.20 -10.71
C ALA B 149 22.24 -29.27 -11.71
N PHE B 150 23.47 -29.28 -11.19
CA PHE B 150 24.69 -29.48 -11.96
C PHE B 150 25.63 -30.44 -11.23
N VAL B 151 26.29 -31.32 -11.98
CA VAL B 151 27.15 -32.35 -11.41
C VAL B 151 28.58 -31.83 -11.33
N GLN B 152 29.19 -31.96 -10.14
CA GLN B 152 30.64 -31.76 -9.97
C GLN B 152 31.31 -33.13 -9.91
N ASP B 153 32.18 -33.44 -10.86
CA ASP B 153 32.86 -34.74 -10.85
C ASP B 153 33.85 -34.85 -9.70
N PHE B 154 34.43 -33.73 -9.28
CA PHE B 154 35.39 -33.66 -8.20
C PHE B 154 35.42 -32.22 -7.68
N PRO B 155 35.94 -31.99 -6.47
CA PRO B 155 35.75 -30.67 -5.83
C PRO B 155 36.18 -29.46 -6.65
N GLU B 156 37.15 -29.60 -7.55
CA GLU B 156 37.63 -28.48 -8.36
C GLU B 156 37.03 -28.46 -9.76
N ASP B 157 36.07 -29.34 -10.03
CA ASP B 157 35.42 -29.41 -11.34
C ASP B 157 34.46 -28.24 -11.53
N SER B 158 34.37 -27.76 -12.77
CA SER B 158 33.39 -26.75 -13.15
C SER B 158 32.04 -27.43 -13.36
N ALA B 159 31.10 -27.18 -12.45
CA ALA B 159 29.82 -27.88 -12.53
C ALA B 159 28.98 -27.46 -13.73
N TRP B 160 29.22 -26.26 -14.26
CA TRP B 160 28.40 -25.75 -15.36
C TRP B 160 28.50 -26.62 -16.59
N ALA B 161 29.61 -27.35 -16.76
CA ALA B 161 29.73 -28.24 -17.90
C ALA B 161 28.80 -29.45 -17.82
N HIS B 162 28.15 -29.69 -16.67
CA HIS B 162 27.35 -30.90 -16.46
C HIS B 162 25.94 -30.58 -15.95
N PRO B 163 25.14 -29.86 -16.72
CA PRO B 163 23.76 -29.62 -16.30
C PRO B 163 22.95 -30.91 -16.27
N VAL B 164 22.02 -30.97 -15.33
CA VAL B 164 21.07 -32.07 -15.24
C VAL B 164 19.74 -31.56 -15.77
N ASP B 165 19.44 -31.82 -17.03
CA ASP B 165 18.24 -31.24 -17.61
C ASP B 165 17.03 -32.12 -17.36
N GLY B 166 15.86 -31.59 -17.69
CA GLY B 166 14.62 -32.29 -17.44
C GLY B 166 14.20 -32.34 -15.98
N LEU B 167 14.88 -31.61 -15.11
CA LEU B 167 14.64 -31.69 -13.68
C LEU B 167 14.66 -30.28 -13.09
N VAL B 168 13.69 -29.98 -12.24
CA VAL B 168 13.67 -28.74 -11.48
C VAL B 168 12.87 -28.98 -10.20
N ALA B 169 13.25 -28.29 -9.13
CA ALA B 169 12.54 -28.37 -7.86
C ALA B 169 12.26 -26.97 -7.33
N TYR B 170 11.14 -26.82 -6.61
CA TYR B 170 10.79 -25.59 -5.94
C TYR B 170 10.86 -25.82 -4.43
N VAL B 171 11.39 -24.84 -3.69
CA VAL B 171 11.65 -25.01 -2.27
CA VAL B 171 11.70 -25.00 -2.28
C VAL B 171 11.18 -23.78 -1.51
N ASP B 172 10.49 -24.02 -0.40
CA ASP B 172 10.11 -22.96 0.56
C ASP B 172 11.22 -22.90 1.59
N VAL B 173 12.02 -21.83 1.55
CA VAL B 173 13.23 -21.78 2.38
C VAL B 173 12.94 -21.32 3.81
N VAL B 174 11.72 -20.95 4.13
CA VAL B 174 11.39 -20.59 5.51
C VAL B 174 10.85 -21.79 6.27
N SER B 175 9.84 -22.47 5.72
CA SER B 175 9.30 -23.66 6.33
C SER B 175 10.12 -24.91 6.02
N LYS B 176 11.17 -24.78 5.19
CA LYS B 176 12.12 -25.85 4.90
C LYS B 176 11.39 -27.05 4.29
N GLU B 177 10.80 -26.81 3.13
CA GLU B 177 9.84 -27.71 2.53
C GLU B 177 9.98 -27.67 1.02
N VAL B 178 10.00 -28.84 0.40
CA VAL B 178 10.13 -28.97 -1.04
C VAL B 178 8.71 -29.09 -1.60
N THR B 179 8.26 -28.05 -2.31
CA THR B 179 6.85 -27.96 -2.68
C THR B 179 6.56 -28.75 -3.95
N ARG B 180 7.45 -28.73 -4.93
CA ARG B 180 7.30 -29.57 -6.11
C ARG B 180 8.66 -30.05 -6.60
N VAL B 181 8.67 -31.25 -7.14
CA VAL B 181 9.77 -31.78 -7.92
C VAL B 181 9.18 -32.14 -9.27
N ILE B 182 9.72 -31.54 -10.33
CA ILE B 182 9.22 -31.75 -11.68
C ILE B 182 10.30 -32.47 -12.46
N ASP B 183 9.92 -33.62 -13.04
CA ASP B 183 10.83 -34.42 -13.85
C ASP B 183 10.17 -34.69 -15.18
N THR B 184 10.62 -34.02 -16.24
CA THR B 184 9.97 -34.10 -17.53
C THR B 184 10.62 -35.12 -18.47
N GLY B 185 11.67 -35.80 -18.03
CA GLY B 185 12.37 -36.76 -18.86
C GLY B 185 13.85 -36.75 -18.55
N VAL B 186 14.51 -37.83 -18.92
CA VAL B 186 15.95 -37.97 -18.67
C VAL B 186 16.70 -37.46 -19.89
N PHE B 187 17.71 -36.63 -19.63
CA PHE B 187 18.65 -36.17 -20.63
C PHE B 187 20.03 -36.64 -20.21
N PRO B 188 20.86 -37.12 -21.15
CA PRO B 188 22.26 -37.40 -20.81
C PRO B 188 22.91 -36.18 -20.18
N VAL B 189 23.68 -36.41 -19.12
CA VAL B 189 24.45 -35.33 -18.53
C VAL B 189 25.67 -35.15 -19.42
N PRO B 190 25.91 -33.95 -19.97
CA PRO B 190 27.05 -33.74 -20.86
C PRO B 190 28.36 -34.12 -20.17
N ALA B 191 29.16 -34.93 -20.87
CA ALA B 191 30.30 -35.62 -20.29
C ALA B 191 31.58 -34.80 -20.29
N GLU B 192 31.84 -34.04 -21.35
CA GLU B 192 33.07 -33.27 -21.45
C GLU B 192 33.18 -32.28 -20.29
N HIS B 193 34.40 -32.08 -19.79
CA HIS B 193 34.60 -31.11 -18.73
C HIS B 193 34.87 -29.72 -19.31
N GLY B 194 34.73 -28.70 -18.46
CA GLY B 194 34.98 -27.34 -18.88
C GLY B 194 35.96 -26.64 -17.97
N ASN B 195 37.03 -27.34 -17.59
CA ASN B 195 37.99 -26.83 -16.62
C ASN B 195 39.08 -26.06 -17.36
N TYR B 196 38.90 -24.75 -17.44
CA TYR B 196 39.75 -23.85 -18.23
C TYR B 196 41.13 -23.62 -17.60
N THR B 197 41.44 -24.24 -16.46
CA THR B 197 42.82 -24.27 -15.98
C THR B 197 43.47 -25.64 -16.14
N ASP B 198 42.76 -26.61 -16.69
CA ASP B 198 43.34 -27.94 -16.93
C ASP B 198 44.28 -27.89 -18.12
N PRO B 199 45.56 -28.20 -17.95
CA PRO B 199 46.50 -28.19 -19.09
C PRO B 199 46.06 -29.07 -20.25
N GLU B 200 45.30 -30.13 -20.00
CA GLU B 200 44.81 -30.94 -21.11
C GLU B 200 43.80 -30.19 -21.96
N LEU B 201 43.17 -29.15 -21.43
CA LEU B 201 42.28 -28.33 -22.24
C LEU B 201 42.95 -27.09 -22.79
N THR B 202 43.79 -26.41 -22.00
CA THR B 202 44.42 -25.19 -22.48
C THR B 202 45.54 -25.46 -23.46
N GLY B 203 46.15 -26.64 -23.41
CA GLY B 203 47.41 -26.85 -24.06
C GLY B 203 48.51 -26.11 -23.34
N PRO B 204 49.72 -26.11 -23.91
CA PRO B 204 50.80 -25.30 -23.31
C PRO B 204 50.48 -23.82 -23.43
N LEU B 205 50.73 -23.08 -22.36
CA LEU B 205 50.43 -21.67 -22.35
C LEU B 205 51.41 -20.91 -23.25
N ARG B 206 50.93 -19.78 -23.78
CA ARG B 206 51.75 -18.98 -24.68
C ARG B 206 52.97 -18.46 -23.95
N THR B 207 54.08 -18.35 -24.68
CA THR B 207 55.27 -17.68 -24.18
C THR B 207 55.56 -16.41 -24.95
N THR B 208 54.67 -16.01 -25.87
CA THR B 208 54.93 -14.93 -26.80
C THR B 208 54.55 -13.56 -26.27
N GLN B 209 53.86 -13.48 -25.14
CA GLN B 209 53.37 -12.19 -24.65
C GLN B 209 54.46 -11.52 -23.84
N LYS B 210 54.90 -10.43 -24.28
CA LYS B 210 55.89 -9.66 -23.55
C LYS B 210 55.19 -8.62 -22.69
N PRO B 211 55.79 -8.21 -21.58
CA PRO B 211 55.06 -7.36 -20.63
C PRO B 211 54.84 -5.94 -21.13
N ILE B 212 53.71 -5.38 -20.71
CA ILE B 212 53.41 -3.97 -20.89
C ILE B 212 53.45 -3.34 -19.51
N SER B 213 54.26 -2.31 -19.36
CA SER B 213 54.45 -1.66 -18.07
C SER B 213 53.85 -0.26 -18.15
N ILE B 214 52.82 -0.02 -17.33
CA ILE B 214 52.16 1.27 -17.24
C ILE B 214 52.44 1.83 -15.86
N THR B 215 53.13 2.97 -15.80
CA THR B 215 53.49 3.58 -14.52
C THR B 215 53.30 5.08 -14.61
N GLN B 216 53.19 5.70 -13.43
CA GLN B 216 53.10 7.15 -13.32
C GLN B 216 54.20 7.64 -12.37
N PRO B 217 55.33 8.07 -12.92
CA PRO B 217 56.51 8.37 -12.07
C PRO B 217 56.27 9.43 -11.02
N GLU B 218 55.35 10.38 -11.25
CA GLU B 218 55.06 11.41 -10.27
C GLU B 218 53.70 11.22 -9.61
N GLY B 219 53.16 10.01 -9.62
CA GLY B 219 51.86 9.76 -9.04
C GLY B 219 50.73 10.12 -9.99
N PRO B 220 49.50 9.85 -9.56
CA PRO B 220 48.34 10.11 -10.41
C PRO B 220 47.94 11.58 -10.38
N SER B 221 47.22 12.00 -11.42
CA SER B 221 46.78 13.38 -11.53
C SER B 221 45.54 13.70 -10.70
N PHE B 222 44.88 12.70 -10.11
CA PHE B 222 43.67 12.96 -9.33
C PHE B 222 44.00 12.96 -7.84
N THR B 223 43.19 13.68 -7.07
CA THR B 223 43.32 13.68 -5.62
C THR B 223 42.05 13.13 -4.99
N VAL B 224 42.21 12.40 -3.89
CA VAL B 224 41.12 11.84 -3.11
C VAL B 224 41.17 12.47 -1.72
N THR B 225 40.09 13.13 -1.31
CA THR B 225 40.00 13.73 0.01
C THR B 225 38.69 13.34 0.67
N GLY B 226 38.70 13.34 2.02
CA GLY B 226 37.53 12.90 2.77
C GLY B 226 37.12 11.48 2.49
N GLY B 227 38.07 10.62 2.13
CA GLY B 227 37.72 9.23 1.88
C GLY B 227 37.27 8.90 0.46
N ASN B 228 36.40 9.73 -0.12
CA ASN B 228 35.78 9.34 -1.39
C ASN B 228 35.45 10.53 -2.29
N HIS B 229 36.05 11.69 -2.06
CA HIS B 229 35.83 12.85 -2.94
C HIS B 229 36.97 12.93 -3.94
N ILE B 230 36.64 12.97 -5.22
CA ILE B 230 37.61 12.92 -6.29
C ILE B 230 37.64 14.28 -6.98
N GLU B 231 38.85 14.78 -7.25
CA GLU B 231 39.07 15.92 -8.14
CA GLU B 231 39.09 15.93 -8.13
C GLU B 231 40.06 15.50 -9.20
N TRP B 232 39.68 15.64 -10.47
CA TRP B 232 40.55 15.22 -11.56
C TRP B 232 40.23 16.04 -12.80
N GLU B 233 41.21 16.80 -13.27
CA GLU B 233 41.15 17.47 -14.57
C GLU B 233 39.84 18.21 -14.74
N LYS B 234 39.54 19.06 -13.76
CA LYS B 234 38.37 19.94 -13.63
C LYS B 234 37.12 19.20 -13.19
N TRP B 235 37.12 17.86 -13.15
CA TRP B 235 35.96 17.13 -12.65
C TRP B 235 35.97 17.08 -11.13
N SER B 236 34.78 17.03 -10.54
CA SER B 236 34.60 16.83 -9.11
C SER B 236 33.44 15.87 -8.90
N LEU B 237 33.60 14.89 -8.00
CA LEU B 237 32.51 13.96 -7.65
C LEU B 237 32.83 13.21 -6.35
N ASP B 238 31.78 12.60 -5.81
CA ASP B 238 31.90 11.67 -4.69
C ASP B 238 31.56 10.26 -5.16
N VAL B 239 32.40 9.30 -4.80
CA VAL B 239 32.20 7.89 -5.12
C VAL B 239 31.54 7.23 -3.91
N GLY B 240 30.27 6.85 -4.08
CA GLY B 240 29.55 6.11 -3.05
C GLY B 240 29.49 4.63 -3.36
N PHE B 241 29.05 3.86 -2.37
CA PHE B 241 28.88 2.42 -2.56
C PHE B 241 27.67 1.95 -1.78
N ASP B 242 26.83 1.20 -2.45
CA ASP B 242 25.60 0.66 -1.88
C ASP B 242 25.53 -0.84 -2.14
N VAL B 243 25.11 -1.59 -1.12
CA VAL B 243 25.17 -3.04 -1.26
C VAL B 243 24.23 -3.53 -2.36
N ARG B 244 23.17 -2.78 -2.68
CA ARG B 244 22.29 -3.16 -3.78
C ARG B 244 22.86 -2.70 -5.12
N GLU B 245 23.13 -1.41 -5.26
CA GLU B 245 23.47 -0.85 -6.57
C GLU B 245 24.94 -0.98 -6.93
N GLY B 246 25.81 -1.14 -5.94
CA GLY B 246 27.26 -1.09 -6.17
C GLY B 246 27.76 0.35 -6.16
N VAL B 247 28.73 0.65 -7.02
CA VAL B 247 29.27 2.00 -7.10
C VAL B 247 28.18 2.96 -7.55
N VAL B 248 28.08 4.08 -6.84
CA VAL B 248 27.14 5.15 -7.11
C VAL B 248 27.96 6.43 -7.21
N LEU B 249 27.71 7.26 -8.22
CA LEU B 249 28.40 8.53 -8.37
C LEU B 249 27.50 9.67 -7.93
N HIS B 250 28.00 10.51 -7.01
CA HIS B 250 27.29 11.67 -6.50
C HIS B 250 27.95 12.96 -6.93
N ASN B 251 27.14 13.99 -7.15
CA ASN B 251 27.62 15.38 -7.30
C ASN B 251 28.68 15.49 -8.40
N ILE B 252 28.39 14.95 -9.57
CA ILE B 252 29.32 15.10 -10.68
C ILE B 252 29.26 16.54 -11.17
N ALA B 253 30.41 17.21 -11.19
CA ALA B 253 30.48 18.62 -11.54
C ALA B 253 31.79 18.89 -12.26
N PHE B 254 31.80 19.98 -13.02
CA PHE B 254 32.94 20.38 -13.84
C PHE B 254 33.30 21.84 -13.53
N ARG B 255 34.56 22.07 -13.18
N ARG B 255 34.55 22.08 -13.19
CA ARG B 255 35.03 23.42 -12.86
CA ARG B 255 35.02 23.43 -12.84
C ARG B 255 35.35 24.14 -14.15
C ARG B 255 35.37 24.16 -14.13
N ASP B 256 34.49 25.06 -14.56
CA ASP B 256 34.62 25.79 -15.81
C ASP B 256 35.04 27.21 -15.44
N GLY B 257 36.34 27.48 -15.49
CA GLY B 257 36.85 28.76 -15.03
C GLY B 257 36.84 28.80 -13.51
N ASP B 258 36.19 29.81 -12.97
CA ASP B 258 36.06 29.96 -11.52
C ASP B 258 34.78 29.34 -10.97
N ARG B 259 33.96 28.75 -11.84
CA ARG B 259 32.62 28.30 -11.49
C ARG B 259 32.56 26.78 -11.50
N LEU B 260 32.10 26.19 -10.39
CA LEU B 260 31.84 24.77 -10.32
C LEU B 260 30.42 24.52 -10.85
N ARG B 261 30.31 23.78 -11.94
CA ARG B 261 29.03 23.62 -12.61
C ARG B 261 28.51 22.21 -12.45
N PRO B 262 27.33 22.00 -11.84
CA PRO B 262 26.82 20.64 -11.72
C PRO B 262 26.39 20.07 -13.06
N ILE B 263 26.47 18.74 -13.17
CA ILE B 263 26.01 18.02 -14.36
C ILE B 263 25.06 16.90 -13.95
N ILE B 264 25.49 16.02 -13.04
CA ILE B 264 24.65 14.91 -12.60
C ILE B 264 24.66 14.85 -11.08
N ASN B 265 23.47 14.80 -10.48
CA ASN B 265 23.39 14.76 -9.03
C ASN B 265 23.68 13.35 -8.50
N ARG B 266 23.14 12.31 -9.17
CA ARG B 266 23.36 10.93 -8.76
C ARG B 266 23.30 10.02 -9.98
N ALA B 267 24.32 9.19 -10.16
CA ALA B 267 24.35 8.22 -11.26
C ALA B 267 24.54 6.82 -10.69
N SER B 268 23.70 5.89 -11.12
CA SER B 268 23.82 4.52 -10.66
C SER B 268 23.22 3.61 -11.72
N ILE B 269 23.58 2.32 -11.62
CA ILE B 269 22.85 1.27 -12.31
C ILE B 269 21.82 0.76 -11.31
N ALA B 270 20.55 1.13 -11.50
CA ALA B 270 19.54 0.91 -10.47
C ALA B 270 18.85 -0.44 -10.56
N GLU B 271 19.08 -1.20 -11.64
CA GLU B 271 18.48 -2.53 -11.79
C GLU B 271 19.13 -3.22 -12.97
N MET B 272 19.10 -4.54 -12.94
CA MET B 272 19.53 -5.29 -14.11
C MET B 272 18.83 -6.64 -14.08
N VAL B 273 18.45 -7.12 -15.25
CA VAL B 273 17.64 -8.33 -15.34
C VAL B 273 18.21 -9.21 -16.44
N VAL B 274 18.18 -10.53 -16.21
CA VAL B 274 18.62 -11.49 -17.22
C VAL B 274 17.45 -12.43 -17.53
N PRO B 275 16.64 -12.13 -18.54
CA PRO B 275 15.56 -13.03 -18.95
C PRO B 275 16.02 -14.10 -19.93
N TYR B 276 15.54 -15.33 -19.73
CA TYR B 276 15.87 -16.45 -20.59
C TYR B 276 14.74 -16.72 -21.57
N GLY B 277 15.10 -17.07 -22.80
CA GLY B 277 14.16 -17.26 -23.89
C GLY B 277 13.93 -18.72 -24.27
N ASP B 278 14.17 -19.64 -23.34
CA ASP B 278 13.95 -21.07 -23.58
C ASP B 278 12.55 -21.44 -23.10
N PRO B 279 11.66 -21.93 -23.97
CA PRO B 279 10.28 -22.20 -23.53
C PRO B 279 10.11 -23.52 -22.79
N SER B 280 11.17 -24.29 -22.57
CA SER B 280 11.03 -25.51 -21.80
C SER B 280 10.54 -25.22 -20.38
N PRO B 281 9.57 -25.98 -19.86
CA PRO B 281 9.14 -25.78 -18.46
C PRO B 281 10.25 -25.87 -17.43
N ILE B 282 11.36 -26.53 -17.75
CA ILE B 282 12.49 -26.55 -16.82
C ILE B 282 13.08 -25.16 -16.60
N ARG B 283 13.00 -24.27 -17.60
CA ARG B 283 13.67 -22.98 -17.50
C ARG B 283 12.82 -21.78 -17.90
N SER B 284 11.57 -21.99 -18.30
CA SER B 284 10.78 -20.89 -18.85
C SER B 284 10.40 -19.85 -17.81
N TRP B 285 10.60 -20.14 -16.53
CA TRP B 285 10.36 -19.23 -15.42
C TRP B 285 11.60 -18.38 -15.10
N GLN B 286 12.72 -18.65 -15.76
CA GLN B 286 14.01 -18.17 -15.29
C GLN B 286 14.25 -16.72 -15.71
N ASN B 287 14.26 -15.80 -14.75
CA ASN B 287 14.65 -14.40 -14.96
C ASN B 287 15.23 -13.94 -13.64
N TYR B 288 16.49 -13.58 -13.56
CA TYR B 288 16.99 -13.05 -12.30
CA TYR B 288 17.00 -13.06 -12.30
C TYR B 288 17.37 -11.59 -12.43
N PHE B 289 17.03 -10.83 -11.41
CA PHE B 289 17.40 -9.43 -11.26
C PHE B 289 18.60 -9.45 -10.34
N ASP B 290 19.80 -9.42 -10.90
CA ASP B 290 20.99 -9.49 -10.05
C ASP B 290 21.03 -8.33 -9.06
N THR B 291 20.60 -7.15 -9.50
CA THR B 291 20.62 -5.99 -8.62
C THR B 291 19.50 -6.05 -7.58
N GLY B 292 18.26 -6.22 -8.03
CA GLY B 292 17.14 -6.12 -7.10
C GLY B 292 16.89 -7.37 -6.26
N GLU B 293 17.20 -8.55 -6.77
CA GLU B 293 16.93 -9.77 -6.01
C GLU B 293 18.15 -10.25 -5.22
N TYR B 294 19.36 -10.08 -5.76
CA TYR B 294 20.56 -10.65 -5.16
C TYR B 294 21.50 -9.62 -4.54
N LEU B 295 21.46 -8.36 -4.99
CA LEU B 295 22.27 -7.24 -4.50
C LEU B 295 23.71 -7.36 -4.99
N VAL B 296 24.05 -6.63 -6.06
CA VAL B 296 25.33 -6.91 -6.72
C VAL B 296 26.50 -6.41 -5.89
N GLY B 297 26.27 -5.38 -5.07
CA GLY B 297 27.35 -4.83 -4.26
C GLY B 297 27.89 -5.79 -3.23
N GLN B 298 27.05 -6.69 -2.72
CA GLN B 298 27.57 -7.55 -1.66
C GLN B 298 28.43 -8.68 -2.21
N TYR B 299 28.46 -8.87 -3.53
CA TYR B 299 29.31 -9.87 -4.16
C TYR B 299 30.47 -9.26 -4.93
N ALA B 300 30.76 -7.96 -4.72
CA ALA B 300 31.93 -7.33 -5.31
C ALA B 300 33.21 -8.14 -5.00
N ASN B 301 34.05 -8.30 -6.02
CA ASN B 301 35.34 -8.97 -5.87
C ASN B 301 36.35 -8.04 -5.20
N SER B 302 37.34 -8.66 -4.56
CA SER B 302 38.57 -7.95 -4.20
C SER B 302 39.48 -7.93 -5.43
N LEU B 303 39.83 -6.74 -5.93
CA LEU B 303 40.52 -6.61 -7.20
C LEU B 303 42.03 -6.61 -7.01
N GLU B 304 42.72 -7.44 -7.79
CA GLU B 304 44.14 -7.70 -7.62
C GLU B 304 44.97 -6.73 -8.47
N LEU B 305 45.96 -6.09 -7.83
CA LEU B 305 46.90 -5.26 -8.56
C LEU B 305 47.61 -6.08 -9.63
N GLY B 306 47.66 -5.53 -10.85
CA GLY B 306 48.33 -6.16 -11.97
C GLY B 306 47.52 -7.19 -12.71
N CYS B 307 46.50 -7.78 -12.07
CA CYS B 307 45.58 -8.70 -12.73
C CYS B 307 44.30 -8.00 -13.16
N ASP B 308 43.56 -7.46 -12.19
CA ASP B 308 42.28 -6.82 -12.44
C ASP B 308 42.43 -5.35 -12.79
N CYS B 309 43.35 -4.65 -12.14
CA CYS B 309 43.59 -3.23 -12.37
C CYS B 309 45.09 -3.04 -12.58
N LEU B 310 45.44 -2.41 -13.71
CA LEU B 310 46.82 -2.28 -14.15
C LEU B 310 47.17 -0.82 -14.27
N GLY B 311 48.35 -0.47 -13.80
CA GLY B 311 48.76 0.91 -13.72
C GLY B 311 48.91 1.37 -12.27
N ASP B 312 48.81 2.67 -12.09
CA ASP B 312 48.92 3.29 -10.77
C ASP B 312 47.51 3.36 -10.18
N ILE B 313 47.19 2.42 -9.31
CA ILE B 313 45.82 2.21 -8.86
C ILE B 313 45.65 2.78 -7.46
N THR B 314 44.58 3.55 -7.27
CA THR B 314 44.10 3.92 -5.94
C THR B 314 42.85 3.09 -5.65
N TYR B 315 42.79 2.49 -4.47
CA TYR B 315 41.70 1.60 -4.12
C TYR B 315 40.79 2.27 -3.09
N LEU B 316 39.51 1.89 -3.14
CA LEU B 316 38.58 2.14 -2.06
C LEU B 316 38.12 0.79 -1.54
N SER B 317 37.92 0.71 -0.21
CA SER B 317 37.54 -0.54 0.44
C SER B 317 36.22 -0.29 1.15
N PRO B 318 35.09 -0.45 0.47
CA PRO B 318 33.80 -0.11 1.07
C PRO B 318 33.41 -1.09 2.17
N VAL B 319 32.58 -0.59 3.08
CA VAL B 319 32.11 -1.34 4.24
C VAL B 319 30.62 -1.60 4.08
N ILE B 320 30.22 -2.84 4.24
CA ILE B 320 28.82 -3.25 4.25
C ILE B 320 28.55 -4.04 5.53
N SER B 321 27.29 -4.41 5.73
CA SER B 321 26.89 -5.20 6.89
C SER B 321 26.69 -6.65 6.48
N ASP B 322 27.11 -7.58 7.34
CA ASP B 322 26.72 -8.96 7.11
C ASP B 322 25.31 -9.16 7.64
N ALA B 323 24.82 -10.39 7.58
CA ALA B 323 23.43 -10.67 7.92
C ALA B 323 23.14 -10.45 9.39
N PHE B 324 24.16 -10.37 10.23
CA PHE B 324 23.97 -10.18 11.66
C PHE B 324 24.28 -8.76 12.10
N GLY B 325 24.64 -7.87 11.17
CA GLY B 325 24.92 -6.49 11.48
C GLY B 325 26.36 -6.18 11.79
N ASN B 326 27.27 -7.15 11.67
CA ASN B 326 28.69 -6.82 11.83
C ASN B 326 29.21 -6.18 10.55
N PRO B 327 30.13 -5.22 10.65
CA PRO B 327 30.69 -4.63 9.43
C PRO B 327 31.62 -5.62 8.77
N ARG B 328 31.60 -5.64 7.44
CA ARG B 328 32.64 -6.37 6.73
C ARG B 328 33.20 -5.48 5.62
N GLU B 329 34.52 -5.39 5.59
CA GLU B 329 35.21 -4.63 4.56
C GLU B 329 35.30 -5.44 3.29
N ILE B 330 35.08 -4.79 2.16
CA ILE B 330 35.39 -5.38 0.85
C ILE B 330 36.74 -4.78 0.49
N ARG B 331 37.80 -5.52 0.79
CA ARG B 331 39.15 -5.02 0.56
CA ARG B 331 39.16 -5.04 0.56
C ARG B 331 39.41 -4.84 -0.93
N ASN B 332 39.83 -3.64 -1.31
CA ASN B 332 40.15 -3.31 -2.71
C ASN B 332 38.99 -3.59 -3.65
N GLY B 333 37.78 -3.22 -3.20
CA GLY B 333 36.59 -3.47 -3.99
C GLY B 333 36.39 -2.49 -5.13
N ILE B 334 36.95 -1.29 -5.04
CA ILE B 334 36.80 -0.28 -6.09
C ILE B 334 38.19 0.14 -6.54
N CYS B 335 38.49 0.02 -7.82
CA CYS B 335 39.72 0.51 -8.43
CA CYS B 335 39.74 0.60 -8.27
C CYS B 335 39.47 1.86 -9.08
N MET B 336 40.44 2.77 -8.99
CA MET B 336 40.37 4.08 -9.64
C MET B 336 41.73 4.38 -10.21
N HIS B 337 41.77 4.80 -11.47
CA HIS B 337 43.03 5.17 -12.11
C HIS B 337 42.71 6.01 -13.34
N GLU B 338 43.72 6.69 -13.85
CA GLU B 338 43.56 7.35 -15.14
C GLU B 338 44.28 6.53 -16.22
N GLU B 339 43.81 6.67 -17.46
CA GLU B 339 44.32 5.92 -18.60
C GLU B 339 44.56 6.87 -19.74
N ASP B 340 45.62 6.64 -20.51
CA ASP B 340 45.78 7.36 -21.77
C ASP B 340 44.67 6.94 -22.71
N TRP B 341 44.15 7.90 -23.47
CA TRP B 341 43.06 7.58 -24.39
C TRP B 341 43.33 8.13 -25.78
N GLY B 342 44.56 8.00 -26.26
CA GLY B 342 44.81 8.31 -27.66
C GLY B 342 44.82 9.80 -27.93
N ILE B 343 44.50 10.15 -29.18
CA ILE B 343 44.51 11.55 -29.63
C ILE B 343 43.22 12.23 -29.18
N LEU B 344 43.36 13.43 -28.62
CA LEU B 344 42.21 14.23 -28.24
C LEU B 344 41.78 15.18 -29.35
N ALA B 345 42.75 15.83 -29.97
CA ALA B 345 42.50 16.80 -31.04
C ALA B 345 43.78 16.90 -31.85
N LYS B 346 43.62 17.11 -33.16
CA LYS B 346 44.78 17.14 -34.03
C LYS B 346 44.43 17.92 -35.28
N HIS B 347 45.35 18.79 -35.71
CA HIS B 347 45.20 19.46 -36.99
C HIS B 347 46.54 20.00 -37.46
N SER B 348 46.86 19.76 -38.73
CA SER B 348 47.98 20.41 -39.43
C SER B 348 47.39 21.33 -40.50
N ASP B 349 47.65 22.62 -40.37
CA ASP B 349 46.96 23.56 -41.23
C ASP B 349 47.82 23.94 -42.43
N LEU B 350 47.24 23.82 -43.62
CA LEU B 350 47.98 24.12 -44.84
C LEU B 350 48.32 25.60 -44.94
N TRP B 351 47.52 26.48 -44.35
CA TRP B 351 47.67 27.92 -44.55
C TRP B 351 48.41 28.62 -43.41
N SER B 352 48.25 28.16 -42.17
CA SER B 352 48.98 28.80 -41.08
C SER B 352 50.32 28.14 -40.79
N GLY B 353 50.50 26.91 -41.26
CA GLY B 353 51.70 26.16 -40.95
C GLY B 353 51.77 25.59 -39.55
N ILE B 354 50.75 25.77 -38.72
CA ILE B 354 50.79 25.27 -37.35
C ILE B 354 50.41 23.79 -37.35
N ASN B 355 51.20 22.98 -36.65
CA ASN B 355 50.91 21.56 -36.42
C ASN B 355 50.55 21.39 -34.96
N TYR B 356 49.36 20.85 -34.70
CA TYR B 356 48.79 20.80 -33.35
C TYR B 356 48.32 19.38 -33.04
N THR B 357 48.77 18.83 -31.91
CA THR B 357 48.33 17.50 -31.46
C THR B 357 48.21 17.53 -29.95
N ARG B 358 47.07 17.08 -29.43
CA ARG B 358 46.90 16.88 -27.99
C ARG B 358 46.41 15.46 -27.75
N ARG B 359 46.80 14.91 -26.61
CA ARG B 359 46.44 13.55 -26.24
C ARG B 359 45.28 13.56 -25.23
N ASN B 360 44.48 12.50 -25.27
CA ASN B 360 43.30 12.40 -24.43
C ASN B 360 43.61 11.47 -23.26
N ARG B 361 42.79 11.56 -22.22
CA ARG B 361 42.86 10.56 -21.16
C ARG B 361 41.50 10.47 -20.50
N ARG B 362 41.32 9.40 -19.73
CA ARG B 362 40.08 9.23 -18.99
C ARG B 362 40.38 8.73 -17.57
N MET B 363 39.47 9.10 -16.68
CA MET B 363 39.45 8.63 -15.30
C MET B 363 38.51 7.44 -15.26
N VAL B 364 38.95 6.33 -14.67
CA VAL B 364 38.20 5.08 -14.63
C VAL B 364 37.85 4.78 -13.17
N ILE B 365 36.58 4.48 -12.92
CA ILE B 365 36.11 4.02 -11.61
C ILE B 365 35.38 2.70 -11.85
N SER B 366 35.86 1.62 -11.25
CA SER B 366 35.31 0.33 -11.61
C SER B 366 35.20 -0.63 -10.42
N PHE B 367 34.26 -1.56 -10.52
CA PHE B 367 34.22 -2.71 -9.65
C PHE B 367 33.73 -3.90 -10.43
N PHE B 368 33.96 -5.08 -9.87
CA PHE B 368 33.54 -6.35 -10.44
C PHE B 368 32.69 -7.10 -9.43
N THR B 369 31.64 -7.77 -9.92
CA THR B 369 30.79 -8.57 -9.05
C THR B 369 30.60 -9.95 -9.66
N THR B 370 30.37 -10.94 -8.79
CA THR B 370 30.16 -12.32 -9.21
C THR B 370 28.91 -12.84 -8.53
N ILE B 371 27.91 -13.25 -9.30
CA ILE B 371 26.70 -13.85 -8.73
C ILE B 371 26.48 -15.20 -9.41
N GLY B 372 26.95 -16.27 -8.78
CA GLY B 372 26.81 -17.57 -9.41
C GLY B 372 27.70 -17.72 -10.62
N ASN B 373 27.13 -18.04 -11.78
CA ASN B 373 27.96 -18.32 -12.95
C ASN B 373 28.45 -17.05 -13.63
N TYQ B 374 27.76 -15.93 -13.40
CA TYQ B 374 28.04 -14.67 -14.09
CA TYQ B 374 28.09 -14.72 -14.13
C TYQ B 374 28.96 -13.73 -13.34
O TYQ B 374 28.94 -13.57 -12.14
CB TYQ B 374 26.81 -13.79 -14.37
CB TYQ B 374 26.83 -13.98 -14.59
CG TYQ B 374 25.60 -14.54 -14.78
CG TYQ B 374 26.42 -14.43 -15.96
CD1 TYQ B 374 25.29 -14.70 -16.13
CD1 TYQ B 374 25.12 -14.86 -16.28
CD2 TYQ B 374 24.78 -15.11 -13.81
CD2 TYQ B 374 27.38 -14.41 -16.96
CE1 TYQ B 374 24.14 -15.41 -16.54
CE1 TYQ B 374 24.80 -15.25 -17.60
CE2 TYQ B 374 23.62 -15.82 -14.18
CE2 TYQ B 374 27.09 -14.79 -18.29
CZ TYQ B 374 23.33 -15.96 -15.56
CZ TYQ B 374 25.78 -15.22 -18.58
OZ TYQ B 374 26.04 -14.18 -17.16
OZ TYQ B 374 24.09 -14.94 -15.35
N5 TYQ B 374 22.78 -16.40 -13.22
N5 TYQ B 374 28.06 -14.75 -19.31
OH TYQ B 374 22.22 -16.66 -16.00
OH TYQ B 374 25.46 -15.61 -19.88
N ASP B 375 29.81 -13.03 -14.11
CA ASP B 375 30.69 -12.00 -13.56
C ASP B 375 30.55 -10.74 -14.40
N TYR B 376 30.40 -9.59 -13.75
CA TYR B 376 30.22 -8.34 -14.47
C TYR B 376 31.16 -7.29 -13.92
N GLY B 377 31.78 -6.52 -14.80
CA GLY B 377 32.51 -5.33 -14.42
C GLY B 377 31.69 -4.10 -14.78
N PHE B 378 31.64 -3.16 -13.85
CA PHE B 378 30.94 -1.90 -14.03
C PHE B 378 31.98 -0.80 -14.13
N TYR B 379 32.01 -0.06 -15.24
CA TYR B 379 33.04 0.94 -15.47
C TYR B 379 32.39 2.30 -15.73
N TRP B 380 32.77 3.31 -14.96
CA TRP B 380 32.43 4.69 -15.25
C TRP B 380 33.70 5.41 -15.73
N TYR B 381 33.57 6.18 -16.81
CA TYR B 381 34.68 6.87 -17.44
C TYR B 381 34.39 8.36 -17.47
N LEU B 382 35.36 9.18 -17.06
CA LEU B 382 35.30 10.63 -17.23
C LEU B 382 36.41 11.03 -18.16
N TYR B 383 36.07 11.78 -19.21
CA TYR B 383 37.04 12.19 -20.22
C TYR B 383 37.36 13.67 -20.10
N LEU B 384 38.53 14.04 -20.65
CA LEU B 384 38.98 15.43 -20.58
C LEU B 384 37.95 16.38 -21.17
N ASP B 385 37.26 15.97 -22.23
CA ASP B 385 36.44 16.87 -23.01
C ASP B 385 35.01 16.98 -22.50
N GLY B 386 34.71 16.44 -21.31
CA GLY B 386 33.39 16.56 -20.73
C GLY B 386 32.49 15.37 -20.97
N THR B 387 32.92 14.40 -21.75
CA THR B 387 32.14 13.19 -21.96
C THR B 387 32.11 12.33 -20.70
N ILE B 388 30.92 11.78 -20.41
CA ILE B 388 30.73 10.77 -19.38
C ILE B 388 30.26 9.49 -20.06
N GLU B 389 30.86 8.35 -19.71
CA GLU B 389 30.52 7.07 -20.34
C GLU B 389 30.39 5.98 -19.27
N PHE B 390 29.42 5.09 -19.46
CA PHE B 390 29.33 3.87 -18.66
C PHE B 390 29.53 2.67 -19.56
N GLU B 391 30.22 1.65 -19.05
CA GLU B 391 30.44 0.42 -19.81
C GLU B 391 30.27 -0.76 -18.86
N ALA B 392 29.44 -1.72 -19.24
CA ALA B 392 29.30 -2.98 -18.53
C ALA B 392 30.10 -4.03 -19.31
N LYS B 393 30.88 -4.83 -18.59
CA LYS B 393 31.69 -5.90 -19.17
C LYS B 393 31.16 -7.21 -18.64
N ALA B 394 30.62 -8.05 -19.51
CA ALA B 394 29.99 -9.29 -19.09
C ALA B 394 30.94 -10.44 -19.38
N THR B 395 31.25 -11.25 -18.36
CA THR B 395 32.07 -12.43 -18.60
C THR B 395 31.61 -13.57 -17.66
N GLY B 396 32.50 -14.44 -17.24
CA GLY B 396 32.06 -15.58 -16.42
C GLY B 396 31.70 -16.79 -17.27
N VAL B 397 30.78 -17.62 -16.80
CA VAL B 397 30.39 -18.87 -17.46
C VAL B 397 28.92 -18.77 -17.87
N VAL B 398 28.62 -19.14 -19.11
CA VAL B 398 27.23 -19.09 -19.56
C VAL B 398 26.42 -20.15 -18.84
N PHE B 399 25.14 -19.85 -18.65
CA PHE B 399 24.23 -20.79 -18.00
C PHE B 399 23.88 -21.86 -19.01
N THR B 400 23.92 -23.13 -18.59
CA THR B 400 23.90 -24.23 -19.52
C THR B 400 22.68 -25.12 -19.31
N SER B 401 22.45 -25.96 -20.31
CA SER B 401 21.40 -26.97 -20.36
C SER B 401 21.92 -28.12 -21.22
N ALA B 402 21.10 -29.16 -21.36
CA ALA B 402 21.36 -30.14 -22.39
C ALA B 402 21.02 -29.55 -23.76
N PHE B 403 21.73 -29.98 -24.79
CA PHE B 403 21.33 -29.64 -26.14
C PHE B 403 20.45 -30.75 -26.68
N PRO B 404 19.19 -30.47 -27.00
CA PRO B 404 18.27 -31.57 -27.35
C PRO B 404 18.66 -32.20 -28.66
N GLU B 405 18.57 -33.51 -28.70
CA GLU B 405 18.81 -34.23 -29.95
C GLU B 405 17.78 -33.76 -30.97
N GLY B 406 18.24 -33.43 -32.17
CA GLY B 406 17.38 -32.80 -33.12
C GLY B 406 17.31 -31.28 -33.05
N GLY B 407 18.04 -30.65 -32.14
CA GLY B 407 18.20 -29.20 -32.19
C GLY B 407 17.15 -28.44 -31.41
N SER B 408 17.29 -27.11 -31.49
CA SER B 408 16.44 -26.20 -30.72
C SER B 408 16.46 -24.82 -31.39
N ASP B 409 15.31 -24.15 -31.39
CA ASP B 409 15.26 -22.78 -31.86
C ASP B 409 15.62 -21.78 -30.77
N ASN B 410 15.85 -22.22 -29.53
CA ASN B 410 16.03 -21.29 -28.42
C ASN B 410 17.28 -21.57 -27.60
N ILE B 411 18.16 -22.44 -28.08
CA ILE B 411 19.33 -22.91 -27.34
C ILE B 411 20.44 -23.09 -28.35
N SER B 412 21.64 -22.62 -28.00
CA SER B 412 22.85 -22.82 -28.81
C SER B 412 23.60 -24.06 -28.33
N GLN B 413 24.20 -24.81 -29.26
CA GLN B 413 25.05 -25.94 -28.87
C GLN B 413 26.46 -25.45 -28.66
N LEU B 414 27.04 -25.77 -27.50
CA LEU B 414 28.40 -25.33 -27.18
C LEU B 414 29.44 -26.43 -27.22
N ALA B 415 29.01 -27.66 -26.94
CA ALA B 415 29.86 -28.84 -26.93
C ALA B 415 28.94 -30.03 -27.09
N PRO B 416 29.50 -31.21 -27.39
CA PRO B 416 28.60 -32.35 -27.60
C PRO B 416 27.63 -32.55 -26.44
N GLY B 417 26.33 -32.46 -26.74
CA GLY B 417 25.31 -32.64 -25.73
C GLY B 417 25.03 -31.42 -24.86
N LEU B 418 25.79 -30.34 -25.00
CA LEU B 418 25.73 -29.24 -24.04
C LEU B 418 25.17 -28.01 -24.75
N GLY B 419 24.13 -27.40 -24.16
CA GLY B 419 23.48 -26.25 -24.75
C GLY B 419 23.56 -25.02 -23.86
N ALA B 420 23.26 -23.87 -24.45
CA ALA B 420 23.19 -22.62 -23.69
C ALA B 420 21.96 -21.85 -24.16
N PRO B 421 20.93 -21.75 -23.31
CA PRO B 421 19.70 -21.07 -23.75
C PRO B 421 19.95 -19.61 -24.06
N PHE B 422 19.19 -19.11 -25.05
CA PHE B 422 19.20 -17.70 -25.40
C PHE B 422 18.70 -16.85 -24.24
N HIS B 423 19.29 -15.68 -24.05
CA HIS B 423 18.92 -14.79 -22.95
C HIS B 423 19.35 -13.37 -23.30
N GLN B 424 18.97 -12.43 -22.45
CA GLN B 424 19.40 -11.04 -22.58
C GLN B 424 20.02 -10.61 -21.25
N HIS B 425 20.86 -9.56 -21.29
CA HIS B 425 21.34 -8.90 -20.07
C HIS B 425 20.92 -7.45 -20.19
N ILE B 426 19.97 -7.00 -19.38
CA ILE B 426 19.40 -5.67 -19.55
C ILE B 426 19.63 -4.84 -18.28
N PHE B 427 20.15 -3.62 -18.46
CA PHE B 427 20.52 -2.71 -17.38
C PHE B 427 19.60 -1.50 -17.38
N SER B 428 19.45 -0.87 -16.23
CA SER B 428 18.72 0.39 -16.09
C SER B 428 19.65 1.38 -15.42
N ALA B 429 20.04 2.43 -16.13
CA ALA B 429 20.83 3.49 -15.52
C ALA B 429 19.87 4.55 -15.01
N ARG B 430 20.02 4.94 -13.76
CA ARG B 430 19.23 6.02 -13.19
C ARG B 430 20.12 7.25 -13.07
N LEU B 431 19.77 8.29 -13.79
CA LEU B 431 20.57 9.51 -13.89
C LEU B 431 19.75 10.65 -13.32
N ASP B 432 20.02 11.01 -12.08
CA ASP B 432 19.34 12.13 -11.43
C ASP B 432 20.07 13.39 -11.90
N MET B 433 19.45 14.11 -12.83
CA MET B 433 20.20 15.05 -13.64
C MET B 433 20.29 16.37 -12.90
N ALA B 434 21.37 17.11 -13.14
CA ALA B 434 21.49 18.45 -12.57
C ALA B 434 22.34 19.34 -13.47
N ILE B 435 21.91 19.48 -14.72
CA ILE B 435 22.62 20.26 -15.73
C ILE B 435 22.59 21.73 -15.32
N ASP B 436 23.73 22.25 -14.83
CA ASP B 436 23.81 23.64 -14.35
C ASP B 436 22.76 23.95 -13.28
N GLY B 437 22.37 22.96 -12.50
CA GLY B 437 21.33 23.14 -11.51
C GLY B 437 20.16 22.22 -11.79
N PHE B 438 19.08 22.41 -11.03
CA PHE B 438 18.03 21.41 -10.99
C PHE B 438 16.88 21.68 -11.93
N THR B 439 16.86 22.81 -12.63
CA THR B 439 15.79 23.10 -13.59
CA THR B 439 15.78 23.08 -13.58
C THR B 439 16.23 22.54 -14.94
N ASN B 440 15.76 21.33 -15.27
CA ASN B 440 16.19 20.61 -16.46
C ASN B 440 14.98 20.19 -17.29
N ARG B 441 15.21 19.96 -18.57
CA ARG B 441 14.19 19.39 -19.43
CA ARG B 441 14.18 19.40 -19.45
C ARG B 441 14.85 18.43 -20.41
N VAL B 442 14.06 17.52 -20.96
CA VAL B 442 14.54 16.54 -21.93
C VAL B 442 13.91 16.82 -23.29
N GLU B 443 14.75 16.89 -24.33
CA GLU B 443 14.25 16.94 -25.69
C GLU B 443 14.69 15.71 -26.46
N GLU B 444 13.80 15.19 -27.29
CA GLU B 444 14.10 14.12 -28.22
C GLU B 444 14.50 14.72 -29.56
N GLU B 445 15.65 14.31 -30.09
CA GLU B 445 16.20 14.90 -31.31
C GLU B 445 16.26 13.84 -32.39
N ASP B 446 15.58 14.09 -33.50
CA ASP B 446 15.56 13.20 -34.65
C ASP B 446 16.16 13.93 -35.84
N VAL B 447 16.89 13.21 -36.69
CA VAL B 447 17.28 13.77 -37.97
CA VAL B 447 17.27 13.80 -37.96
C VAL B 447 16.02 13.93 -38.82
N VAL B 448 15.99 14.97 -39.65
CA VAL B 448 14.85 15.24 -40.53
C VAL B 448 15.35 15.21 -41.96
N ARG B 449 14.81 14.30 -42.77
CA ARG B 449 15.11 14.29 -44.18
CA ARG B 449 15.11 14.28 -44.19
C ARG B 449 14.18 15.25 -44.92
N GLN B 450 14.71 15.88 -45.95
CA GLN B 450 13.98 16.87 -46.74
C GLN B 450 13.92 16.44 -48.20
N THR B 451 12.82 16.80 -48.85
CA THR B 451 12.56 16.42 -50.23
CA THR B 451 12.57 16.42 -50.23
C THR B 451 13.10 17.48 -51.19
N MET B 452 13.60 17.02 -52.34
CA MET B 452 13.90 17.94 -53.44
C MET B 452 12.69 18.81 -53.77
N GLY B 453 12.96 20.10 -53.98
CA GLY B 453 11.91 21.04 -54.29
C GLY B 453 12.35 22.46 -54.00
N PRO B 454 11.40 23.41 -54.07
CA PRO B 454 11.75 24.81 -53.81
C PRO B 454 12.39 24.98 -52.44
N GLY B 455 13.43 25.81 -52.39
CA GLY B 455 14.24 25.94 -51.21
C GLY B 455 15.26 24.84 -51.00
N ASN B 456 15.16 23.74 -51.75
CA ASN B 456 16.09 22.61 -51.64
C ASN B 456 16.29 22.05 -53.05
N GLU B 457 16.70 22.90 -53.98
CA GLU B 457 16.61 22.55 -55.39
C GLU B 457 17.56 21.42 -55.76
N ARG B 458 18.69 21.29 -55.07
CA ARG B 458 19.64 20.22 -55.34
C ARG B 458 19.41 18.97 -54.49
N GLY B 459 18.42 18.99 -53.59
CA GLY B 459 18.09 17.78 -52.85
C GLY B 459 19.16 17.32 -51.88
N ASN B 460 19.93 18.23 -51.33
CA ASN B 460 21.00 17.91 -50.40
C ASN B 460 20.67 18.26 -48.96
N ALA B 461 19.65 19.07 -48.71
CA ALA B 461 19.42 19.58 -47.37
C ALA B 461 18.95 18.48 -46.42
N PHE B 462 19.35 18.60 -45.16
CA PHE B 462 18.73 17.81 -44.11
C PHE B 462 18.83 18.62 -42.84
N SER B 463 18.03 18.24 -41.85
CA SER B 463 17.86 19.08 -40.70
C SER B 463 17.73 18.17 -39.49
N ARG B 464 17.21 18.74 -38.41
CA ARG B 464 16.94 17.98 -37.20
CA ARG B 464 16.95 18.00 -37.18
C ARG B 464 15.74 18.63 -36.53
N LYS B 465 15.00 17.83 -35.75
CA LYS B 465 13.92 18.41 -34.97
C LYS B 465 14.08 17.98 -33.51
N ARG B 466 13.66 18.87 -32.60
CA ARG B 466 13.68 18.59 -31.18
C ARG B 466 12.26 18.70 -30.63
N THR B 467 11.85 17.70 -29.87
CA THR B 467 10.54 17.68 -29.20
C THR B 467 10.75 17.70 -27.70
N VAL B 468 10.20 18.71 -27.03
CA VAL B 468 10.26 18.79 -25.56
C VAL B 468 9.29 17.79 -24.95
N LEU B 469 9.75 17.02 -23.98
CA LEU B 469 8.89 16.15 -23.19
C LEU B 469 8.39 16.97 -21.98
N THR B 470 7.08 17.21 -21.91
CA THR B 470 6.58 18.18 -20.92
C THR B 470 5.94 17.53 -19.70
N ARG B 471 5.38 16.33 -19.85
CA ARG B 471 4.71 15.61 -18.77
C ARG B 471 5.15 14.16 -18.80
N GLU B 472 5.11 13.50 -17.63
CA GLU B 472 5.62 12.14 -17.53
C GLU B 472 4.89 11.20 -18.48
N SER B 473 3.60 11.46 -18.74
CA SER B 473 2.83 10.53 -19.56
C SER B 473 3.33 10.45 -21.00
N GLU B 474 4.11 11.43 -21.45
CA GLU B 474 4.67 11.42 -22.80
C GLU B 474 6.18 11.22 -22.77
N ALA B 475 6.75 10.83 -21.64
CA ALA B 475 8.19 10.72 -21.48
C ALA B 475 8.65 9.27 -21.43
N VAL B 476 7.91 8.37 -22.06
CA VAL B 476 8.33 6.98 -22.25
C VAL B 476 8.67 6.83 -23.72
N ARG B 477 9.97 6.74 -24.04
CA ARG B 477 10.45 6.89 -25.41
C ARG B 477 11.14 5.62 -25.88
N GLU B 478 11.07 5.38 -27.18
CA GLU B 478 11.78 4.28 -27.82
CA GLU B 478 11.75 4.28 -27.86
C GLU B 478 12.92 4.80 -28.70
N ALA B 479 13.91 3.93 -28.91
CA ALA B 479 15.03 4.29 -29.79
C ALA B 479 14.58 4.36 -31.24
N ASP B 480 15.35 5.08 -32.04
CA ASP B 480 15.16 4.98 -33.50
C ASP B 480 16.52 5.26 -34.15
N ALA B 481 17.32 4.21 -34.29
CA ALA B 481 18.64 4.34 -34.90
C ALA B 481 18.57 4.93 -36.30
N ARG B 482 17.51 4.61 -37.04
CA ARG B 482 17.43 5.01 -38.44
C ARG B 482 17.36 6.53 -38.59
N THR B 483 16.73 7.22 -37.62
CA THR B 483 16.63 8.66 -37.64
CA THR B 483 16.63 8.66 -37.64
C THR B 483 17.61 9.32 -36.68
N GLY B 484 18.66 8.59 -36.28
CA GLY B 484 19.71 9.14 -35.45
C GLY B 484 19.23 9.65 -34.11
N ARG B 485 18.20 9.04 -33.54
CA ARG B 485 17.53 9.63 -32.39
C ARG B 485 18.45 9.67 -31.17
N THR B 486 18.52 10.85 -30.53
CA THR B 486 19.22 11.06 -29.26
C THR B 486 18.32 11.90 -28.37
N TRP B 487 18.75 12.06 -27.13
CA TRP B 487 17.99 12.84 -26.16
C TRP B 487 18.91 13.89 -25.55
N ILE B 488 18.43 15.12 -25.47
CA ILE B 488 19.22 16.22 -24.94
C ILE B 488 18.59 16.64 -23.63
N ILE B 489 19.41 16.69 -22.59
CA ILE B 489 18.98 17.22 -21.30
C ILE B 489 19.57 18.61 -21.17
N SER B 490 18.69 19.61 -21.04
CA SER B 490 19.17 20.98 -21.03
C SER B 490 18.59 21.71 -19.84
N ASN B 491 19.14 22.89 -19.60
CA ASN B 491 18.64 23.79 -18.57
C ASN B 491 18.13 25.04 -19.27
N PRO B 492 16.81 25.23 -19.38
CA PRO B 492 16.27 26.39 -20.12
C PRO B 492 16.56 27.73 -19.45
N GLU B 493 17.05 27.73 -18.22
CA GLU B 493 17.33 28.95 -17.50
C GLU B 493 18.82 29.28 -17.43
N SER B 494 19.66 28.46 -18.05
CA SER B 494 21.09 28.68 -18.08
C SER B 494 21.53 28.65 -19.54
N LYS B 495 21.98 29.79 -20.07
CA LYS B 495 22.34 29.87 -21.48
C LYS B 495 23.85 30.01 -21.63
N ASN B 496 24.37 29.53 -22.77
CA ASN B 496 25.76 29.75 -23.13
C ASN B 496 25.89 31.13 -23.77
N ARG B 497 27.10 31.48 -24.22
CA ARG B 497 27.32 32.83 -24.72
C ARG B 497 26.63 33.12 -26.04
N LEU B 498 26.11 32.11 -26.72
CA LEU B 498 25.28 32.29 -27.90
C LEU B 498 23.81 32.42 -27.55
N ASN B 499 23.51 32.51 -26.24
CA ASN B 499 22.14 32.61 -25.74
CA ASN B 499 22.14 32.61 -25.74
C ASN B 499 21.31 31.38 -26.04
N GLU B 500 21.97 30.19 -26.09
CA GLU B 500 21.26 28.93 -26.21
CA GLU B 500 21.26 28.92 -26.22
C GLU B 500 21.30 28.16 -24.89
N PRO B 501 20.25 27.40 -24.56
CA PRO B 501 20.29 26.65 -23.30
C PRO B 501 21.42 25.63 -23.30
N VAL B 502 22.11 25.54 -22.16
CA VAL B 502 23.22 24.60 -22.03
C VAL B 502 22.66 23.19 -21.97
N GLY B 503 23.42 22.21 -22.47
CA GLY B 503 22.87 20.86 -22.47
C GLY B 503 23.90 19.76 -22.61
N TYR B 504 23.42 18.53 -22.41
CA TYR B 504 24.18 17.31 -22.60
C TYR B 504 23.34 16.38 -23.45
N LYS B 505 23.99 15.68 -24.37
CA LYS B 505 23.31 14.76 -25.27
C LYS B 505 23.59 13.31 -24.85
N LEU B 506 22.54 12.50 -24.73
CA LEU B 506 22.67 11.10 -24.40
CA LEU B 506 22.67 11.10 -24.40
C LEU B 506 22.72 10.28 -25.70
N HIS B 507 23.81 9.54 -25.89
CA HIS B 507 24.02 8.66 -27.04
C HIS B 507 23.85 7.22 -26.60
N ALA B 508 22.81 6.54 -27.10
CA ALA B 508 22.50 5.16 -26.77
C ALA B 508 23.11 4.23 -27.82
N HIS B 509 23.26 2.95 -27.43
CA HIS B 509 23.76 1.95 -28.37
C HIS B 509 22.66 1.36 -29.24
N ASN B 510 21.39 1.60 -28.89
CA ASN B 510 20.24 1.19 -29.70
C ASN B 510 20.17 -0.32 -29.86
N GLN B 511 20.54 -1.06 -28.82
CA GLN B 511 20.36 -2.50 -28.79
C GLN B 511 18.90 -2.84 -28.52
N PRO B 512 18.47 -4.06 -28.90
CA PRO B 512 17.08 -4.45 -28.62
C PRO B 512 16.75 -4.38 -27.14
N THR B 513 15.50 -4.03 -26.88
CA THR B 513 14.96 -4.01 -25.52
C THR B 513 14.30 -5.37 -25.25
N LEU B 514 13.45 -5.46 -24.23
CA LEU B 514 12.95 -6.76 -23.77
C LEU B 514 12.20 -7.49 -24.88
N LEU B 515 12.58 -8.74 -25.13
CA LEU B 515 11.98 -9.46 -26.24
C LEU B 515 10.73 -10.23 -25.84
N ALA B 516 10.54 -10.49 -24.56
CA ALA B 516 9.42 -11.30 -24.10
C ALA B 516 8.08 -10.72 -24.55
N ASP B 517 7.09 -11.61 -24.65
CA ASP B 517 5.75 -11.19 -25.02
C ASP B 517 5.24 -10.15 -24.02
N PRO B 518 4.60 -9.08 -24.49
CA PRO B 518 4.11 -8.05 -23.56
C PRO B 518 3.11 -8.57 -22.55
N GLY B 519 2.53 -9.75 -22.76
CA GLY B 519 1.63 -10.29 -21.76
C GLY B 519 2.29 -11.18 -20.73
N SER B 520 3.62 -11.31 -20.77
CA SER B 520 4.32 -12.25 -19.92
C SER B 520 4.53 -11.69 -18.52
N SER B 521 4.80 -12.59 -17.58
CA SER B 521 5.12 -12.18 -16.22
C SER B 521 6.35 -11.29 -16.20
N ILE B 522 7.34 -11.59 -17.04
CA ILE B 522 8.56 -10.80 -16.96
C ILE B 522 8.34 -9.41 -17.56
N ALA B 523 7.48 -9.28 -18.58
CA ALA B 523 7.24 -7.95 -19.13
C ALA B 523 6.53 -7.07 -18.13
N ARG B 524 5.78 -7.69 -17.20
CA ARG B 524 5.10 -6.92 -16.16
CA ARG B 524 5.10 -6.95 -16.14
C ARG B 524 6.06 -6.57 -15.02
N ARG B 525 6.93 -7.50 -14.62
CA ARG B 525 7.85 -7.24 -13.52
C ARG B 525 9.04 -6.40 -13.94
N ALA B 526 9.44 -6.53 -15.20
CA ALA B 526 10.54 -5.73 -15.74
C ALA B 526 10.03 -4.74 -16.78
N ALA B 527 8.94 -4.03 -16.46
CA ALA B 527 8.36 -3.09 -17.41
C ALA B 527 9.37 -2.06 -17.91
N PHE B 528 10.27 -1.60 -17.02
CA PHE B 528 11.28 -0.64 -17.43
C PHE B 528 12.04 -1.08 -18.68
N ALA B 529 12.23 -2.40 -18.85
CA ALA B 529 13.09 -2.93 -19.88
C ALA B 529 12.43 -2.95 -21.25
N THR B 530 11.14 -2.62 -21.33
CA THR B 530 10.43 -2.60 -22.59
C THR B 530 10.60 -1.30 -23.35
N LYS B 531 11.20 -0.27 -22.75
CA LYS B 531 11.39 1.01 -23.41
C LYS B 531 12.79 1.52 -23.13
N ASP B 532 13.33 2.32 -24.07
CA ASP B 532 14.70 2.78 -23.98
C ASP B 532 14.91 3.92 -23.01
N LEU B 533 13.90 4.78 -22.84
CA LEU B 533 14.10 6.01 -22.08
C LEU B 533 12.83 6.38 -21.32
N TRP B 534 12.96 6.63 -20.03
CA TRP B 534 11.88 7.14 -19.19
C TRP B 534 12.41 8.36 -18.48
N VAL B 535 11.53 9.35 -18.29
CA VAL B 535 11.86 10.54 -17.51
C VAL B 535 10.81 10.71 -16.43
N THR B 536 11.25 10.85 -15.19
CA THR B 536 10.31 11.13 -14.11
C THR B 536 10.70 12.42 -13.39
N ARG B 537 9.71 12.95 -12.67
CA ARG B 537 9.96 14.00 -11.68
C ARG B 537 10.64 13.40 -10.47
N TYR B 538 11.68 14.06 -9.96
CA TYR B 538 12.38 13.52 -8.81
C TYR B 538 11.43 13.39 -7.62
N ALA B 539 11.56 12.30 -6.88
CA ALA B 539 10.87 12.08 -5.61
C ALA B 539 11.76 11.18 -4.77
N ASP B 540 11.85 11.47 -3.46
CA ASP B 540 12.77 10.79 -2.56
C ASP B 540 12.60 9.27 -2.60
N ASP B 541 11.36 8.80 -2.69
CA ASP B 541 11.09 7.38 -2.53
C ASP B 541 11.09 6.62 -3.85
N GLU B 542 11.42 7.27 -4.97
CA GLU B 542 11.35 6.61 -6.28
C GLU B 542 12.78 6.27 -6.69
N ARG B 543 13.29 5.19 -6.12
CA ARG B 543 14.71 4.84 -6.21
C ARG B 543 15.03 3.82 -7.30
N TYR B 544 14.15 2.84 -7.55
CA TYR B 544 14.45 1.72 -8.41
C TYR B 544 13.35 1.55 -9.45
N PRO B 545 13.71 1.16 -10.67
CA PRO B 545 12.71 1.10 -11.75
C PRO B 545 11.73 -0.01 -11.56
N THR B 546 12.04 -0.94 -10.66
CA THR B 546 11.23 -2.10 -10.33
C THR B 546 10.64 -2.03 -8.93
N GLY B 547 10.79 -0.93 -8.22
CA GLY B 547 10.32 -0.86 -6.84
C GLY B 547 11.32 -1.43 -5.84
N ASP B 548 10.94 -1.34 -4.56
CA ASP B 548 11.87 -1.68 -3.48
C ASP B 548 12.03 -3.18 -3.29
N PHE B 549 10.99 -3.99 -3.51
CA PHE B 549 11.05 -5.41 -3.20
C PHE B 549 10.75 -6.19 -4.47
N VAL B 550 11.82 -6.53 -5.20
CA VAL B 550 11.67 -7.13 -6.50
C VAL B 550 11.33 -8.61 -6.40
N ASN B 551 11.95 -9.30 -5.44
CA ASN B 551 11.81 -10.74 -5.28
C ASN B 551 10.34 -11.14 -5.12
N GLN B 552 9.85 -11.93 -6.08
CA GLN B 552 8.48 -12.46 -6.09
C GLN B 552 7.40 -11.37 -6.07
N HIS B 553 7.69 -10.17 -6.59
CA HIS B 553 6.64 -9.17 -6.73
C HIS B 553 5.85 -9.42 -8.00
N SER B 554 4.55 -9.19 -7.95
CA SER B 554 3.71 -9.66 -9.05
C SER B 554 3.73 -8.72 -10.26
N GLY B 555 4.29 -7.52 -10.14
CA GLY B 555 4.48 -6.67 -11.31
C GLY B 555 3.87 -5.29 -11.18
N GLY B 556 4.27 -4.36 -12.05
CA GLY B 556 3.67 -3.05 -12.06
C GLY B 556 4.36 -2.01 -11.20
N ALA B 557 5.01 -2.42 -10.12
CA ALA B 557 5.69 -1.46 -9.25
C ALA B 557 6.80 -0.74 -10.03
N GLY B 558 7.26 0.36 -9.46
CA GLY B 558 8.33 1.10 -10.10
C GLY B 558 7.87 2.01 -11.22
N LEU B 559 8.63 2.07 -12.31
CA LEU B 559 8.43 3.10 -13.33
C LEU B 559 7.00 3.23 -13.83
N PRO B 560 6.28 2.16 -14.19
CA PRO B 560 4.92 2.40 -14.72
C PRO B 560 4.01 3.04 -13.69
N SER B 561 4.23 2.77 -12.41
CA SER B 561 3.42 3.40 -11.36
CA SER B 561 3.42 3.41 -11.38
C SER B 561 3.85 4.84 -11.11
N TYR B 562 5.16 5.13 -11.21
CA TYR B 562 5.59 6.52 -11.03
C TYR B 562 5.01 7.42 -12.12
N ILE B 563 5.16 7.04 -13.39
CA ILE B 563 4.79 7.96 -14.46
C ILE B 563 3.28 8.18 -14.53
N ALA B 564 2.49 7.30 -13.91
CA ALA B 564 1.04 7.50 -13.88
C ALA B 564 0.65 8.77 -13.13
N GLN B 565 1.54 9.33 -12.31
CA GLN B 565 1.26 10.59 -11.66
C GLN B 565 1.28 11.75 -12.64
N ASP B 566 1.86 11.57 -13.82
CA ASP B 566 1.81 12.55 -14.90
C ASP B 566 2.28 13.94 -14.45
N ARG B 567 3.41 13.97 -13.75
CA ARG B 567 3.92 15.23 -13.24
C ARG B 567 4.63 16.07 -14.32
N ASP B 568 4.77 17.36 -14.02
CA ASP B 568 5.45 18.32 -14.87
C ASP B 568 6.95 18.06 -14.87
N ILE B 569 7.55 17.91 -16.06
CA ILE B 569 8.99 17.68 -16.15
C ILE B 569 9.65 18.69 -17.08
N ASP B 570 8.97 19.79 -17.34
CA ASP B 570 9.47 20.82 -18.26
C ASP B 570 10.14 21.92 -17.44
N GLY B 571 11.44 21.79 -17.22
CA GLY B 571 12.17 22.75 -16.42
C GLY B 571 12.00 22.46 -14.94
N GLN B 572 12.23 21.21 -14.55
CA GLN B 572 12.02 20.74 -13.18
C GLN B 572 13.17 19.83 -12.78
N ASP B 573 13.13 19.38 -11.53
CA ASP B 573 14.06 18.40 -10.97
C ASP B 573 13.65 17.01 -11.51
N ILE B 574 14.44 16.49 -12.46
CA ILE B 574 14.02 15.30 -13.18
C ILE B 574 15.10 14.22 -13.10
N VAL B 575 14.67 12.99 -13.41
CA VAL B 575 15.50 11.80 -13.39
C VAL B 575 15.32 11.08 -14.72
N VAL B 576 16.42 10.74 -15.37
CA VAL B 576 16.37 10.01 -16.64
C VAL B 576 16.68 8.55 -16.34
N TRP B 577 15.87 7.64 -16.87
CA TRP B 577 16.11 6.21 -16.72
C TRP B 577 16.36 5.61 -18.11
N HIS B 578 17.57 5.14 -18.36
CA HIS B 578 17.94 4.60 -19.68
C HIS B 578 18.10 3.08 -19.59
N THR B 579 17.33 2.37 -20.40
CA THR B 579 17.42 0.93 -20.52
C THR B 579 18.40 0.60 -21.64
N PHE B 580 19.30 -0.35 -21.40
CA PHE B 580 20.25 -0.77 -22.44
C PHE B 580 20.70 -2.19 -22.14
N GLY B 581 21.02 -2.94 -23.18
CA GLY B 581 21.34 -4.33 -22.86
C GLY B 581 21.91 -5.07 -24.03
N LEU B 582 22.27 -6.32 -23.74
CA LEU B 582 22.84 -7.23 -24.73
C LEU B 582 21.87 -8.38 -24.94
N THR B 583 21.67 -8.77 -26.19
CA THR B 583 20.93 -9.98 -26.51
C THR B 583 21.95 -11.06 -26.85
N HIS B 584 21.97 -12.14 -26.07
CA HIS B 584 23.08 -13.09 -26.11
C HIS B 584 22.60 -14.41 -26.73
N PHE B 585 23.03 -14.67 -27.95
CA PHE B 585 22.92 -15.99 -28.58
C PHE B 585 24.28 -16.65 -28.39
N PRO B 586 24.45 -17.54 -27.42
CA PRO B 586 25.80 -18.00 -27.09
C PRO B 586 26.47 -18.66 -28.28
N ARG B 587 27.76 -18.41 -28.40
CA ARG B 587 28.56 -19.00 -29.45
C ARG B 587 29.55 -19.99 -28.84
N VAL B 588 30.10 -20.86 -29.69
CA VAL B 588 31.09 -21.83 -29.25
C VAL B 588 32.24 -21.14 -28.55
N GLU B 589 32.63 -19.96 -29.02
CA GLU B 589 33.75 -19.25 -28.40
C GLU B 589 33.43 -18.74 -27.01
N ASP B 590 32.17 -18.80 -26.57
CA ASP B 590 31.83 -18.39 -25.22
C ASP B 590 32.16 -19.46 -24.19
N TRP B 591 32.60 -20.64 -24.63
CA TRP B 591 32.79 -21.83 -23.80
C TRP B 591 34.26 -22.23 -23.77
N PRO B 592 34.82 -22.62 -22.60
CA PRO B 592 34.17 -22.89 -21.31
C PRO B 592 34.16 -21.70 -20.35
N ILE B 593 34.78 -20.58 -20.75
CA ILE B 593 34.73 -19.34 -20.00
C ILE B 593 34.67 -18.21 -21.03
N MET B 594 33.84 -17.21 -20.76
CA MET B 594 33.44 -16.39 -21.91
C MET B 594 34.27 -15.11 -22.00
N PRO B 595 34.84 -14.79 -23.16
CA PRO B 595 35.53 -13.51 -23.35
C PRO B 595 34.56 -12.36 -23.14
N VAL B 596 35.07 -11.27 -22.57
CA VAL B 596 34.25 -10.10 -22.24
C VAL B 596 33.50 -9.60 -23.47
N ASP B 597 32.20 -9.34 -23.31
CA ASP B 597 31.44 -8.52 -24.24
C ASP B 597 30.92 -7.29 -23.49
N THR B 598 30.64 -6.21 -24.22
CA THR B 598 30.38 -4.93 -23.56
C THR B 598 29.11 -4.28 -24.09
N VAL B 599 28.55 -3.39 -23.26
CA VAL B 599 27.44 -2.54 -23.68
C VAL B 599 27.47 -1.33 -22.75
N GLY B 600 26.84 -0.24 -23.18
CA GLY B 600 26.89 0.97 -22.38
C GLY B 600 26.15 2.13 -23.04
N PHE B 601 26.52 3.34 -22.60
CA PHE B 601 25.98 4.58 -23.13
C PHE B 601 26.97 5.68 -22.82
N LYS B 602 26.75 6.86 -23.42
CA LYS B 602 27.60 8.00 -23.09
C LYS B 602 26.78 9.28 -23.19
N LEU B 603 27.25 10.29 -22.47
CA LEU B 603 26.69 11.65 -22.48
C LEU B 603 27.78 12.60 -22.93
N ARG B 604 27.47 13.44 -23.92
CA ARG B 604 28.44 14.41 -24.40
C ARG B 604 27.88 15.82 -24.25
N PRO B 605 28.74 16.80 -23.94
CA PRO B 605 28.25 18.19 -23.86
C PRO B 605 27.69 18.65 -25.20
N GLU B 606 26.57 19.36 -25.13
CA GLU B 606 25.83 19.93 -26.27
C GLU B 606 25.62 21.43 -26.01
N GLY B 607 26.61 22.26 -26.33
CA GLY B 607 26.48 23.67 -26.01
C GLY B 607 26.50 23.96 -24.52
N PHE B 608 27.11 23.08 -23.73
CA PHE B 608 27.29 23.32 -22.30
C PHE B 608 28.43 24.32 -22.08
N PHE B 609 29.51 24.20 -22.84
CA PHE B 609 30.63 25.12 -22.74
C PHE B 609 30.53 26.19 -23.84
N ASP B 610 31.31 27.26 -23.67
CA ASP B 610 31.28 28.36 -24.63
C ASP B 610 32.22 28.15 -25.82
N ARG B 611 33.01 27.08 -25.79
CA ARG B 611 33.94 26.67 -26.84
C ARG B 611 34.52 25.36 -26.34
N SER B 612 35.47 24.76 -27.05
CA SER B 612 36.06 23.51 -26.58
C SER B 612 36.61 23.68 -25.18
N PRO B 613 36.31 22.77 -24.24
CA PRO B 613 36.83 22.90 -22.87
C PRO B 613 38.24 22.35 -22.68
N VAL B 614 38.92 21.92 -23.75
CA VAL B 614 40.25 21.32 -23.63
C VAL B 614 41.27 22.16 -24.40
N LEU B 615 41.00 23.47 -24.54
CA LEU B 615 42.01 24.35 -25.13
C LEU B 615 43.22 24.53 -24.24
N ASP B 616 43.10 24.28 -22.92
CA ASP B 616 44.20 24.54 -22.01
C ASP B 616 45.01 23.29 -21.68
N VAL B 617 44.83 22.21 -22.43
CA VAL B 617 45.61 21.00 -22.22
C VAL B 617 46.99 21.20 -22.83
N PRO B 618 48.08 20.85 -22.15
CA PRO B 618 49.41 21.08 -22.69
C PRO B 618 49.84 19.99 -23.64
N ALA B 619 50.90 20.29 -24.40
CA ALA B 619 51.56 19.28 -25.21
C ALA B 619 52.25 18.26 -24.30
N ASN B 620 52.42 17.05 -24.81
CA ASN B 620 52.96 15.96 -24.00
C ASN B 620 54.41 16.25 -23.57
C1' PEA C . -22.52 17.27 9.08
C6' PEA C . -22.89 18.25 9.98
C5' PEA C . -22.00 19.29 10.28
C4' PEA C . -20.74 19.33 9.67
C3' PEA C . -20.37 18.34 8.78
C2' PEA C . -21.27 17.32 8.48
C2 PEA C . -23.51 16.16 8.73
C1 PEA C . -22.97 14.76 9.00
N PEA C . -22.91 14.53 10.43
NA NA D . -25.63 -16.30 8.00
CU CU E . -29.75 14.02 19.05
C1' PEA F . 22.31 -17.45 -9.79
C6' PEA F . 22.85 -18.43 -10.62
C5' PEA F . 23.71 -19.39 -10.10
C4' PEA F . 24.04 -19.38 -8.74
C3' PEA F . 23.52 -18.40 -7.92
C2' PEA F . 22.65 -17.45 -8.44
C2 PEA F . 21.34 -16.40 -10.37
C1 PEA F . 21.79 -14.97 -10.08
N PEA F . 22.73 -14.50 -11.09
NA NA G . 17.31 15.92 -11.05
CU CU H . 24.87 -13.85 -21.68
#